data_2PO6
#
_entry.id   2PO6
#
_cell.length_a   204.012
_cell.length_b   155.636
_cell.length_c   85.981
_cell.angle_alpha   90.00
_cell.angle_beta   94.78
_cell.angle_gamma   90.00
#
_symmetry.space_group_name_H-M   'C 1 2 1'
#
loop_
_entity.id
_entity.type
_entity.pdbx_description
1 polymer 'T-cell surface glycoprotein CD1d'
2 polymer Beta-2-microglobulin
3 polymer 'NKT15 alpha-chain'
4 polymer 'NKT15 beta-chain'
5 branched beta-D-mannopyranose-(1-4)-2-acetamido-2-deoxy-beta-D-glucopyranose
6 branched 2-acetamido-2-deoxy-beta-D-glucopyranose-(1-4)-2-acetamido-2-deoxy-beta-D-glucopyranose
7 non-polymer 2-acetamido-2-deoxy-beta-D-glucopyranose
8 non-polymer N-{(1S,2R,3S)-1-[(ALPHA-D-GALACTOPYRANOSYLOXY)METHYL]-2,3-DIHYDROXYHEPTADECYL}HEXACOSANAMIDE
#
loop_
_entity_poly.entity_id
_entity_poly.type
_entity_poly.pdbx_seq_one_letter_code
_entity_poly.pdbx_strand_id
1 'polypeptide(L)'
;RLFPLRCLQISSFANSSWTRTDGLAWLGELQTHSWSNDSDTVRSLKPWSQGTFSDQQWETLQHIFRVYRSSFTRDVKEFA
KMLRLSYPLELQVSAGCEVHPGNASNNFFHVAFQGKDILSFQGTSWEPTQEAPLWVNLAIQVLNQDKWTRETVQWLLNGT
CPQFVSGLLESGKSELKKQVKPKAWLSRGPSPGPGRLLLVCHVSGFYPKPVWVKWMRGEQEQQGTQPGDILPNADETWYL
RATLDVVAGEAAGLSCRVKHSSLEGQDIVLYWHHHHHH
;
A,E
2 'polypeptide(L)'
;IQRTPKIQVYSRHPAENGKSNFLNCYVSGFHPSDIEVDLLKNGERIEKVEHSDLSFSKDWSFYLLYYTEFTPTEKDEYAC
RVNHVTLSQPKIVKWDRDM
;
B,F
3 'polypeptide(L)'
;NQVEQSPQSLIILEGKNCTLQCNYTVSPFSNLRWYKQDTGRGPVSLTIMTFSENTKSNGRYTATLDADTKQSSLHITASQ
LSDSASYICVVSDRGSTLGRLYFGRGTQLTVWPDIQNPDPAVYQLRDSKSSDKSVCLFTDFDSQTNVSQSKDSDVYITDK
CVLDMRSMDFKSNSAVAWSNKSDFACANAFNNSIIPEDTFFPSP
;
C,G
4 'polypeptide(L)'
;ADIYQTPRYLVIGTGKKITLECSQTMGHDKMYWYQQDPGMELHLIHYSYGVNSTEKGDLSSESTVSRIRTEHFPLTLESA
RPSHTSQYLCASSGLRDRGLYEQYFGPGTRLTVTEDLKNVFPPEVAVFEPSEAEISHTQKATLVCLATGFYPDHVELSWW
VNGKEVHSGVCTDPQPLKEQPALNDSRYALSSRLRVSATFWQNPRNHFRCQVQFYGLSENDEWTQDRAKPVTQIVSAEAW
GRAD
;
D,H
#
loop_
_chem_comp.id
_chem_comp.type
_chem_comp.name
_chem_comp.formula
AGH D-saccharide N-{(1S,2R,3S)-1-[(ALPHA-D-GALACTOPYRANOSYLOXY)METHYL]-2,3-DIHYDROXYHEPTADECYL}HEXACOSANAMIDE 'C50 H99 N O9'
BMA D-saccharide, beta linking beta-D-mannopyranose 'C6 H12 O6'
NAG D-saccharide, beta linking 2-acetamido-2-deoxy-beta-D-glucopyranose 'C8 H15 N O6'
#
# COMPACT_ATOMS: atom_id res chain seq x y z
N ARG A 1 8.61 -0.55 -44.22
CA ARG A 1 9.64 -1.60 -43.91
C ARG A 1 9.38 -2.19 -42.52
N LEU A 2 8.93 -3.45 -42.49
CA LEU A 2 8.66 -4.14 -41.22
C LEU A 2 9.90 -4.78 -40.58
N PHE A 3 10.81 -3.95 -40.07
CA PHE A 3 12.02 -4.46 -39.41
C PHE A 3 12.19 -3.95 -37.96
N PRO A 4 11.36 -4.47 -37.02
CA PRO A 4 11.50 -4.05 -35.64
C PRO A 4 12.57 -4.85 -34.91
N LEU A 5 13.12 -4.27 -33.85
CA LEU A 5 14.05 -4.98 -32.99
C LEU A 5 13.30 -5.59 -31.80
N ARG A 6 13.52 -6.87 -31.56
CA ARG A 6 12.92 -7.52 -30.40
C ARG A 6 13.96 -8.15 -29.50
N CYS A 7 14.29 -7.45 -28.42
CA CYS A 7 15.18 -7.97 -27.40
C CYS A 7 14.33 -8.78 -26.42
N LEU A 8 14.59 -10.09 -26.39
CA LEU A 8 13.75 -11.04 -25.67
C LEU A 8 14.54 -11.76 -24.58
N GLN A 9 13.88 -12.03 -23.46
CA GLN A 9 14.53 -12.61 -22.27
C GLN A 9 13.65 -13.65 -21.58
N ILE A 10 14.27 -14.72 -21.11
CA ILE A 10 13.56 -15.76 -20.39
C ILE A 10 14.30 -16.07 -19.09
N SER A 11 13.67 -15.72 -17.97
CA SER A 11 14.26 -15.94 -16.66
C SER A 11 13.50 -17.05 -15.96
N SER A 12 14.21 -17.91 -15.23
CA SER A 12 13.55 -19.11 -14.72
C SER A 12 13.25 -19.16 -13.23
N PHE A 13 14.23 -19.46 -12.39
CA PHE A 13 13.99 -19.66 -10.94
C PHE A 13 13.11 -20.88 -10.70
N ALA A 14 13.71 -22.05 -10.54
CA ALA A 14 12.96 -23.26 -10.24
C ALA A 14 12.61 -23.30 -8.76
N ASN A 15 13.52 -22.78 -7.94
CA ASN A 15 13.34 -22.66 -6.51
C ASN A 15 14.25 -21.56 -6.01
N SER A 16 14.53 -21.56 -4.70
CA SER A 16 15.33 -20.52 -4.06
C SER A 16 16.71 -20.30 -4.71
N SER A 17 17.32 -21.40 -5.17
CA SER A 17 18.70 -21.38 -5.67
C SER A 17 18.95 -22.21 -6.94
N TRP A 18 18.19 -21.93 -7.99
CA TRP A 18 18.45 -22.44 -9.33
C TRP A 18 17.80 -21.47 -10.30
N THR A 19 18.59 -20.90 -11.21
CA THR A 19 18.09 -19.90 -12.16
C THR A 19 18.88 -19.88 -13.45
N ARG A 20 18.17 -19.77 -14.57
CA ARG A 20 18.81 -19.47 -15.85
C ARG A 20 18.06 -18.31 -16.50
N THR A 21 18.79 -17.29 -16.94
CA THR A 21 18.17 -16.25 -17.76
C THR A 21 18.85 -16.16 -19.12
N ASP A 22 18.31 -16.91 -20.07
CA ASP A 22 18.80 -16.87 -21.43
C ASP A 22 17.98 -15.85 -22.21
N GLY A 23 18.61 -15.17 -23.17
CA GLY A 23 17.93 -14.18 -24.00
C GLY A 23 18.25 -14.30 -25.48
N LEU A 24 17.67 -13.41 -26.28
CA LEU A 24 17.96 -13.34 -27.72
C LEU A 24 17.44 -12.03 -28.34
N ALA A 25 17.71 -11.83 -29.64
CA ALA A 25 17.29 -10.61 -30.32
C ALA A 25 16.90 -10.87 -31.77
N TRP A 26 15.76 -10.31 -32.17
CA TRP A 26 15.29 -10.41 -33.53
C TRP A 26 15.27 -9.06 -34.22
N LEU A 27 15.71 -9.05 -35.47
CA LEU A 27 15.55 -7.90 -36.36
C LEU A 27 14.62 -8.35 -37.46
N GLY A 28 13.34 -8.00 -37.32
CA GLY A 28 12.30 -8.53 -38.17
C GLY A 28 12.17 -10.02 -37.87
N GLU A 29 12.45 -10.84 -38.89
CA GLU A 29 12.30 -12.27 -38.76
C GLU A 29 13.61 -13.01 -38.49
N LEU A 30 14.73 -12.28 -38.52
CA LEU A 30 16.04 -12.90 -38.36
C LEU A 30 16.60 -12.75 -36.96
N GLN A 31 17.26 -13.80 -36.49
CA GLN A 31 17.92 -13.80 -35.19
C GLN A 31 19.30 -13.18 -35.35
N THR A 32 19.56 -12.11 -34.60
CA THR A 32 20.84 -11.41 -34.67
C THR A 32 21.74 -11.69 -33.47
N HIS A 33 21.15 -11.79 -32.29
CA HIS A 33 21.92 -12.02 -31.07
C HIS A 33 21.44 -13.21 -30.25
N SER A 34 22.37 -13.78 -29.49
CA SER A 34 22.12 -14.98 -28.69
C SER A 34 22.82 -14.83 -27.34
N TRP A 35 22.02 -14.80 -26.28
CA TRP A 35 22.55 -14.53 -24.94
C TRP A 35 22.31 -15.69 -23.97
N SER A 36 23.25 -16.63 -23.91
CA SER A 36 23.17 -17.77 -22.99
C SER A 36 23.68 -17.40 -21.60
N ASN A 37 23.00 -17.89 -20.57
CA ASN A 37 23.38 -17.64 -19.17
C ASN A 37 24.75 -18.19 -18.75
N ASP A 38 25.34 -19.03 -19.61
CA ASP A 38 26.73 -19.47 -19.47
C ASP A 38 27.72 -18.35 -19.83
N SER A 39 27.45 -17.68 -20.94
CA SER A 39 28.32 -16.66 -21.50
C SER A 39 28.36 -15.39 -20.66
N ASP A 40 29.54 -14.76 -20.60
CA ASP A 40 29.69 -13.45 -20.00
C ASP A 40 29.04 -12.44 -20.94
N THR A 41 29.20 -12.71 -22.23
CA THR A 41 28.83 -11.78 -23.27
C THR A 41 27.59 -12.22 -24.05
N VAL A 42 26.99 -11.27 -24.76
CA VAL A 42 25.98 -11.56 -25.76
C VAL A 42 26.73 -11.98 -27.03
N ARG A 43 26.45 -13.20 -27.51
CA ARG A 43 27.06 -13.68 -28.75
C ARG A 43 26.39 -13.04 -29.97
N SER A 44 27.21 -12.67 -30.94
CA SER A 44 26.73 -12.08 -32.19
C SER A 44 26.61 -13.17 -33.25
N LEU A 45 25.44 -13.25 -33.89
CA LEU A 45 25.14 -14.36 -34.79
C LEU A 45 25.27 -14.00 -36.28
N LYS A 46 25.66 -12.76 -36.55
CA LYS A 46 25.78 -12.27 -37.92
C LYS A 46 27.05 -11.44 -38.08
N PRO A 47 27.63 -11.43 -39.31
CA PRO A 47 28.75 -10.53 -39.60
C PRO A 47 28.41 -9.05 -39.37
N TRP A 48 27.11 -8.73 -39.27
CA TRP A 48 26.65 -7.36 -39.14
C TRP A 48 25.83 -7.06 -37.87
N SER A 49 26.01 -7.89 -36.84
CA SER A 49 25.28 -7.75 -35.58
C SER A 49 25.57 -6.42 -34.85
N GLN A 50 26.81 -5.96 -34.90
CA GLN A 50 27.12 -4.58 -34.48
C GLN A 50 26.77 -3.66 -35.64
N GLY A 51 25.89 -2.70 -35.39
CA GLY A 51 25.39 -1.81 -36.44
C GLY A 51 26.47 -0.94 -37.05
N THR A 52 26.47 0.34 -36.68
CA THR A 52 27.59 1.24 -36.99
C THR A 52 28.41 1.35 -35.70
N PHE A 53 27.81 0.89 -34.60
CA PHE A 53 28.41 0.89 -33.27
C PHE A 53 29.88 0.48 -33.24
N SER A 54 30.68 1.27 -32.52
CA SER A 54 32.08 0.93 -32.29
C SER A 54 32.20 -0.19 -31.26
N ASP A 55 33.35 -0.85 -31.22
CA ASP A 55 33.64 -1.91 -30.26
C ASP A 55 33.44 -1.44 -28.82
N GLN A 56 33.79 -0.18 -28.58
CA GLN A 56 33.66 0.45 -27.25
C GLN A 56 32.23 0.89 -26.91
N GLN A 57 31.45 1.24 -27.94
CA GLN A 57 30.02 1.47 -27.77
C GLN A 57 29.35 0.15 -27.42
N TRP A 58 29.77 -0.90 -28.12
CA TRP A 58 29.26 -2.25 -27.90
C TRP A 58 29.71 -2.82 -26.56
N GLU A 59 30.90 -2.40 -26.12
CA GLU A 59 31.38 -2.78 -24.79
C GLU A 59 30.55 -2.12 -23.68
N THR A 60 30.24 -0.84 -23.85
CA THR A 60 29.35 -0.09 -22.96
C THR A 60 28.03 -0.84 -22.72
N LEU A 61 27.47 -1.37 -23.80
CA LEU A 61 26.22 -2.16 -23.75
C LEU A 61 26.42 -3.55 -23.17
N GLN A 62 27.50 -4.20 -23.58
CA GLN A 62 27.85 -5.54 -23.12
C GLN A 62 27.93 -5.57 -21.61
N HIS A 63 28.44 -4.47 -21.05
CA HIS A 63 28.55 -4.28 -19.60
C HIS A 63 27.19 -4.07 -18.93
N ILE A 64 26.36 -3.22 -19.52
CA ILE A 64 25.03 -2.90 -19.01
C ILE A 64 24.16 -4.17 -18.88
N PHE A 65 24.28 -5.06 -19.85
CA PHE A 65 23.61 -6.36 -19.79
C PHE A 65 24.18 -7.25 -18.69
N ARG A 66 25.50 -7.41 -18.67
CA ARG A 66 26.16 -8.27 -17.71
C ARG A 66 25.79 -7.88 -16.27
N VAL A 67 25.63 -6.58 -16.04
CA VAL A 67 25.16 -6.08 -14.75
C VAL A 67 23.66 -6.35 -14.61
N TYR A 68 22.90 -6.00 -15.64
CA TYR A 68 21.45 -6.16 -15.60
C TYR A 68 21.03 -7.58 -15.22
N ARG A 69 21.68 -8.57 -15.83
CA ARG A 69 21.32 -9.97 -15.60
C ARG A 69 21.42 -10.32 -14.12
N SER A 70 22.62 -10.13 -13.58
CA SER A 70 22.96 -10.48 -12.22
C SER A 70 22.14 -9.70 -11.22
N SER A 71 21.96 -8.41 -11.47
CA SER A 71 21.14 -7.56 -10.61
C SER A 71 19.69 -8.02 -10.60
N PHE A 72 19.17 -8.27 -11.80
CA PHE A 72 17.82 -8.77 -12.01
C PHE A 72 17.54 -10.01 -11.17
N THR A 73 18.40 -11.01 -11.28
CA THR A 73 18.15 -12.33 -10.68
C THR A 73 18.04 -12.29 -9.16
N ARG A 74 18.75 -11.35 -8.54
CA ARG A 74 18.67 -11.18 -7.09
C ARG A 74 17.44 -10.35 -6.72
N ASP A 75 17.11 -9.39 -7.57
CA ASP A 75 15.96 -8.52 -7.33
C ASP A 75 14.65 -9.30 -7.38
N VAL A 76 14.51 -10.16 -8.38
CA VAL A 76 13.35 -11.05 -8.49
C VAL A 76 13.24 -11.92 -7.24
N LYS A 77 14.37 -12.45 -6.80
CA LYS A 77 14.43 -13.28 -5.60
C LYS A 77 13.91 -12.55 -4.37
N GLU A 78 14.21 -11.25 -4.29
CA GLU A 78 13.77 -10.41 -3.18
C GLU A 78 12.29 -10.06 -3.30
N PHE A 79 11.82 -9.85 -4.53
CA PHE A 79 10.40 -9.57 -4.73
C PHE A 79 9.55 -10.75 -4.29
N ALA A 80 10.06 -11.96 -4.49
CA ALA A 80 9.37 -13.16 -4.04
C ALA A 80 9.22 -13.16 -2.52
N LYS A 81 10.27 -12.75 -1.81
CA LYS A 81 10.23 -12.58 -0.37
C LYS A 81 9.25 -11.48 0.04
N MET A 82 9.28 -10.37 -0.70
CA MET A 82 8.50 -9.17 -0.37
C MET A 82 7.01 -9.32 -0.68
N LEU A 83 6.69 -10.06 -1.74
CA LEU A 83 5.32 -10.16 -2.24
C LEU A 83 4.67 -11.50 -1.98
N ARG A 84 5.37 -12.37 -1.24
CA ARG A 84 4.88 -13.71 -0.89
C ARG A 84 4.49 -14.53 -2.14
N LEU A 85 5.43 -14.68 -3.07
CA LEU A 85 5.20 -15.46 -4.28
C LEU A 85 5.89 -16.82 -4.20
N SER A 86 5.11 -17.89 -4.41
CA SER A 86 5.61 -19.27 -4.38
C SER A 86 6.45 -19.60 -5.63
N TYR A 87 7.48 -20.41 -5.42
CA TYR A 87 8.72 -20.28 -6.21
C TYR A 87 8.88 -20.95 -7.57
N PRO A 88 7.96 -21.84 -7.99
CA PRO A 88 8.02 -22.06 -9.43
C PRO A 88 7.70 -20.75 -10.17
N LEU A 89 8.74 -20.06 -10.66
CA LEU A 89 8.61 -18.74 -11.28
C LEU A 89 9.00 -18.76 -12.76
N GLU A 90 8.45 -17.83 -13.54
CA GLU A 90 8.80 -17.70 -14.95
C GLU A 90 8.63 -16.26 -15.37
N LEU A 91 9.75 -15.56 -15.53
CA LEU A 91 9.70 -14.18 -16.01
C LEU A 91 10.23 -14.03 -17.42
N GLN A 92 9.64 -13.10 -18.17
CA GLN A 92 10.03 -12.82 -19.55
C GLN A 92 10.04 -11.33 -19.79
N VAL A 93 10.89 -10.86 -20.70
CA VAL A 93 10.86 -9.45 -21.09
C VAL A 93 10.92 -9.33 -22.61
N SER A 94 10.12 -8.42 -23.15
CA SER A 94 10.14 -8.13 -24.57
C SER A 94 10.43 -6.65 -24.75
N ALA A 95 11.65 -6.33 -25.17
CA ALA A 95 12.09 -4.94 -25.28
C ALA A 95 12.63 -4.62 -26.67
N GLY A 96 12.39 -3.39 -27.14
CA GLY A 96 12.93 -2.96 -28.41
C GLY A 96 12.24 -1.75 -29.00
N CYS A 97 12.35 -1.60 -30.32
CA CYS A 97 11.74 -0.50 -31.07
C CYS A 97 11.77 -0.80 -32.56
N GLU A 98 10.98 -0.05 -33.33
CA GLU A 98 11.09 -0.02 -34.80
C GLU A 98 11.23 1.42 -35.30
N VAL A 99 11.94 1.61 -36.40
CA VAL A 99 12.15 2.96 -36.93
C VAL A 99 11.28 3.23 -38.15
N HIS A 100 10.32 4.14 -38.00
CA HIS A 100 9.47 4.57 -39.13
C HIS A 100 10.23 5.60 -39.97
N PRO A 101 9.78 5.86 -41.21
CA PRO A 101 10.40 6.93 -42.00
C PRO A 101 10.31 8.28 -41.27
N GLY A 102 10.98 9.28 -41.81
CA GLY A 102 10.96 10.62 -41.23
C GLY A 102 11.87 10.78 -40.04
N ASN A 103 11.30 11.17 -38.91
CA ASN A 103 12.08 11.59 -37.75
C ASN A 103 12.37 10.50 -36.70
N ALA A 104 11.32 9.97 -36.06
CA ALA A 104 11.51 9.14 -34.85
C ALA A 104 11.05 7.67 -34.94
N SER A 105 10.58 7.17 -33.80
CA SER A 105 10.27 5.75 -33.60
C SER A 105 9.32 5.56 -32.42
N ASN A 106 8.77 4.35 -32.30
CA ASN A 106 8.14 3.93 -31.05
C ASN A 106 8.87 2.74 -30.43
N ASN A 107 8.93 2.72 -29.11
CA ASN A 107 9.64 1.68 -28.37
C ASN A 107 8.74 0.96 -27.38
N PHE A 108 9.29 -0.05 -26.70
CA PHE A 108 8.50 -0.85 -25.79
C PHE A 108 9.38 -1.68 -24.85
N PHE A 109 8.84 -1.97 -23.67
CA PHE A 109 9.52 -2.80 -22.70
C PHE A 109 8.44 -3.44 -21.86
N HIS A 110 8.06 -4.66 -22.21
CA HIS A 110 7.03 -5.38 -21.48
C HIS A 110 7.65 -6.54 -20.73
N VAL A 111 7.25 -6.70 -19.46
CA VAL A 111 7.62 -7.92 -18.72
C VAL A 111 6.38 -8.71 -18.34
N ALA A 112 6.54 -10.03 -18.20
CA ALA A 112 5.41 -10.91 -17.93
C ALA A 112 5.74 -12.00 -16.92
N PHE A 113 4.79 -12.25 -16.04
CA PHE A 113 4.94 -13.21 -14.96
C PHE A 113 4.00 -14.37 -15.19
N GLN A 114 4.58 -15.58 -15.23
CA GLN A 114 3.87 -16.80 -15.64
C GLN A 114 2.95 -16.53 -16.84
N GLY A 115 3.54 -15.97 -17.91
CA GLY A 115 2.85 -15.78 -19.19
C GLY A 115 1.68 -14.81 -19.25
N LYS A 116 1.52 -13.99 -18.22
CA LYS A 116 0.52 -12.91 -18.20
C LYS A 116 1.26 -11.59 -18.06
N ASP A 117 0.76 -10.55 -18.72
CA ASP A 117 1.38 -9.23 -18.59
C ASP A 117 1.28 -8.73 -17.17
N ILE A 118 2.37 -8.16 -16.66
CA ILE A 118 2.33 -7.51 -15.36
C ILE A 118 2.69 -6.03 -15.43
N LEU A 119 3.77 -5.70 -16.12
CA LEU A 119 4.18 -4.31 -16.26
C LEU A 119 4.93 -3.95 -17.53
N SER A 120 4.78 -2.71 -17.94
CA SER A 120 5.50 -2.15 -19.06
C SER A 120 6.21 -0.89 -18.59
N PHE A 121 7.20 -0.46 -19.35
CA PHE A 121 7.90 0.80 -19.08
C PHE A 121 7.35 1.88 -19.98
N GLN A 122 6.71 2.88 -19.39
CA GLN A 122 6.05 3.91 -20.17
C GLN A 122 6.61 5.29 -19.90
N GLY A 123 7.37 5.79 -20.87
CA GLY A 123 7.94 7.12 -20.80
C GLY A 123 9.10 7.18 -19.83
N THR A 124 8.78 7.47 -18.58
CA THR A 124 9.80 7.75 -17.56
C THR A 124 9.71 6.83 -16.35
N SER A 125 8.76 5.90 -16.37
CA SER A 125 8.45 5.10 -15.18
C SER A 125 7.96 3.70 -15.53
N TRP A 126 7.70 2.90 -14.49
CA TRP A 126 7.09 1.59 -14.66
C TRP A 126 5.59 1.72 -14.44
N GLU A 127 4.82 0.99 -15.25
CA GLU A 127 3.36 1.04 -15.19
C GLU A 127 2.77 -0.36 -15.20
N PRO A 128 1.80 -0.64 -14.31
CA PRO A 128 1.17 -1.95 -14.23
C PRO A 128 0.06 -2.14 -15.26
N THR A 129 -0.02 -3.33 -15.87
CA THR A 129 -1.08 -3.60 -16.84
C THR A 129 -2.46 -3.68 -16.19
N GLN A 130 -3.50 -3.46 -16.98
CA GLN A 130 -4.88 -3.38 -16.49
C GLN A 130 -5.29 -4.63 -15.69
N GLU A 131 -4.95 -5.80 -16.21
CA GLU A 131 -5.39 -7.08 -15.63
C GLU A 131 -4.55 -7.48 -14.40
N ALA A 132 -3.44 -6.78 -14.18
CA ALA A 132 -2.42 -7.20 -13.20
C ALA A 132 -2.93 -7.26 -11.75
N PRO A 133 -2.45 -8.27 -10.97
CA PRO A 133 -2.81 -8.44 -9.56
C PRO A 133 -2.37 -7.27 -8.72
N LEU A 134 -2.75 -7.25 -7.44
CA LEU A 134 -2.51 -6.07 -6.62
C LEU A 134 -1.08 -5.94 -6.13
N TRP A 135 -0.43 -7.07 -5.92
CA TRP A 135 0.94 -7.06 -5.44
C TRP A 135 1.89 -6.44 -6.46
N VAL A 136 1.40 -6.19 -7.67
CA VAL A 136 2.21 -5.53 -8.69
C VAL A 136 2.43 -4.06 -8.32
N ASN A 137 1.39 -3.41 -7.81
CA ASN A 137 1.49 -2.02 -7.36
C ASN A 137 2.61 -1.79 -6.35
N LEU A 138 2.92 -2.85 -5.62
CA LEU A 138 3.89 -2.83 -4.56
C LEU A 138 5.29 -2.93 -5.15
N ALA A 139 5.43 -3.81 -6.13
CA ALA A 139 6.69 -3.95 -6.88
C ALA A 139 7.00 -2.66 -7.67
N ILE A 140 5.96 -2.11 -8.27
CA ILE A 140 6.07 -0.92 -9.10
C ILE A 140 6.50 0.31 -8.29
N GLN A 141 6.07 0.37 -7.02
CA GLN A 141 6.54 1.38 -6.06
C GLN A 141 8.05 1.25 -5.86
N VAL A 142 8.46 0.03 -5.54
CA VAL A 142 9.84 -0.29 -5.22
C VAL A 142 10.76 -0.08 -6.42
N LEU A 143 10.21 -0.19 -7.63
CA LEU A 143 11.00 0.02 -8.84
C LEU A 143 11.17 1.50 -9.15
N ASN A 144 10.09 2.26 -9.02
CA ASN A 144 10.09 3.66 -9.38
C ASN A 144 10.88 4.57 -8.44
N GLN A 145 11.50 3.98 -7.41
CA GLN A 145 12.44 4.71 -6.55
C GLN A 145 13.77 4.85 -7.28
N ASP A 146 14.19 3.73 -7.89
CA ASP A 146 15.47 3.61 -8.58
C ASP A 146 15.57 4.51 -9.82
N LYS A 147 15.88 5.79 -9.60
CA LYS A 147 15.97 6.76 -10.69
C LYS A 147 17.04 6.41 -11.75
N TRP A 148 18.17 5.86 -11.31
CA TRP A 148 19.24 5.49 -12.24
C TRP A 148 18.85 4.38 -13.22
N THR A 149 18.18 3.34 -12.72
CA THR A 149 17.71 2.24 -13.57
C THR A 149 16.66 2.76 -14.53
N ARG A 150 15.78 3.61 -14.00
CA ARG A 150 14.67 4.19 -14.75
C ARG A 150 15.18 5.03 -15.89
N GLU A 151 16.19 5.86 -15.62
CA GLU A 151 16.78 6.74 -16.62
C GLU A 151 17.62 5.95 -17.63
N THR A 152 18.22 4.87 -17.17
CA THR A 152 19.03 4.02 -18.04
C THR A 152 18.11 3.36 -19.07
N VAL A 153 16.99 2.84 -18.59
CA VAL A 153 15.99 2.20 -19.43
C VAL A 153 15.43 3.19 -20.45
N GLN A 154 15.08 4.38 -19.97
CA GLN A 154 14.58 5.46 -20.82
C GLN A 154 15.57 5.80 -21.93
N TRP A 155 16.85 5.83 -21.59
CA TRP A 155 17.93 6.10 -22.53
C TRP A 155 18.11 4.94 -23.52
N LEU A 156 17.89 3.72 -23.05
CA LEU A 156 18.00 2.53 -23.89
C LEU A 156 16.90 2.40 -24.94
N LEU A 157 15.73 2.97 -24.64
CA LEU A 157 14.57 2.88 -25.53
C LEU A 157 14.48 4.08 -26.46
N ASN A 158 14.54 5.29 -25.90
CA ASN A 158 14.53 6.52 -26.71
C ASN A 158 15.82 6.74 -27.50
N GLY A 159 16.95 6.38 -26.90
CA GLY A 159 18.26 6.69 -27.46
C GLY A 159 18.96 5.56 -28.19
N THR A 160 19.43 4.57 -27.42
CA THR A 160 20.27 3.51 -27.96
C THR A 160 19.58 2.68 -29.05
N CYS A 161 18.40 2.14 -28.70
CA CYS A 161 17.62 1.28 -29.60
C CYS A 161 17.58 1.79 -31.05
N PRO A 162 17.01 2.99 -31.30
CA PRO A 162 16.88 3.44 -32.68
C PRO A 162 18.20 3.83 -33.37
N GLN A 163 19.22 4.17 -32.59
CA GLN A 163 20.56 4.38 -33.14
C GLN A 163 21.13 3.05 -33.62
N PHE A 164 20.77 1.99 -32.90
CA PHE A 164 21.29 0.65 -33.15
C PHE A 164 20.63 0.00 -34.37
N VAL A 165 19.30 0.07 -34.44
CA VAL A 165 18.53 -0.50 -35.56
C VAL A 165 18.86 0.22 -36.87
N SER A 166 18.97 1.55 -36.82
CA SER A 166 19.39 2.35 -37.98
C SER A 166 20.73 1.86 -38.55
N GLY A 167 21.66 1.56 -37.65
CA GLY A 167 22.94 0.95 -38.01
C GLY A 167 22.78 -0.46 -38.55
N LEU A 168 22.08 -1.31 -37.80
CA LEU A 168 21.74 -2.67 -38.21
C LEU A 168 21.09 -2.73 -39.59
N LEU A 169 20.22 -1.76 -39.88
CA LEU A 169 19.50 -1.71 -41.14
C LEU A 169 20.43 -1.53 -42.34
N GLU A 170 21.31 -0.54 -42.27
CA GLU A 170 22.18 -0.22 -43.41
C GLU A 170 23.44 -1.09 -43.51
N SER A 171 23.86 -1.69 -42.40
CA SER A 171 25.01 -2.59 -42.40
C SER A 171 24.58 -4.05 -42.59
N GLY A 172 23.27 -4.26 -42.62
CA GLY A 172 22.71 -5.56 -42.98
C GLY A 172 22.04 -5.52 -44.34
N LYS A 173 22.16 -4.39 -45.02
CA LYS A 173 21.46 -4.10 -46.27
C LYS A 173 21.33 -5.30 -47.20
N SER A 174 22.47 -5.85 -47.63
CA SER A 174 22.51 -6.90 -48.65
C SER A 174 21.86 -8.22 -48.24
N GLU A 175 21.78 -8.49 -46.93
CA GLU A 175 21.14 -9.72 -46.43
C GLU A 175 19.64 -9.59 -46.15
N LEU A 176 19.18 -8.38 -45.82
CA LEU A 176 17.75 -8.15 -45.57
C LEU A 176 16.90 -8.13 -46.85
N LYS A 177 17.47 -7.62 -47.93
CA LYS A 177 16.81 -7.65 -49.25
C LYS A 177 16.83 -9.05 -49.87
N LYS A 178 17.76 -9.88 -49.40
CA LYS A 178 18.11 -11.18 -50.01
C LYS A 178 16.91 -12.08 -50.31
N GLN A 179 17.05 -12.86 -51.38
CA GLN A 179 15.97 -13.72 -51.89
C GLN A 179 16.42 -15.18 -51.99
N VAL A 180 15.56 -16.08 -51.53
CA VAL A 180 15.78 -17.52 -51.73
C VAL A 180 14.51 -18.13 -52.35
N LYS A 181 14.67 -18.73 -53.53
CA LYS A 181 13.53 -19.28 -54.28
C LYS A 181 12.94 -20.54 -53.66
N PRO A 182 11.61 -20.58 -53.50
CA PRO A 182 10.95 -21.72 -52.88
C PRO A 182 10.82 -22.88 -53.85
N LYS A 183 10.82 -24.10 -53.31
CA LYS A 183 10.48 -25.27 -54.13
C LYS A 183 9.19 -25.93 -53.63
N ALA A 184 8.39 -26.43 -54.57
CA ALA A 184 7.07 -26.96 -54.27
C ALA A 184 6.82 -28.32 -54.90
N TRP A 185 6.08 -29.17 -54.19
CA TRP A 185 5.67 -30.49 -54.72
C TRP A 185 4.24 -30.87 -54.31
N LEU A 186 3.81 -32.05 -54.74
CA LEU A 186 2.44 -32.51 -54.47
C LEU A 186 2.39 -33.88 -53.81
N SER A 187 1.46 -34.05 -52.87
CA SER A 187 1.25 -35.35 -52.21
C SER A 187 -0.24 -35.63 -51.95
N ARG A 188 -0.51 -36.69 -51.20
CA ARG A 188 -1.87 -37.22 -51.04
C ARG A 188 -2.06 -37.81 -49.63
N GLY A 189 -2.49 -36.96 -48.70
CA GLY A 189 -2.76 -37.37 -47.32
C GLY A 189 -4.02 -38.19 -47.20
N PRO A 190 -4.45 -38.49 -45.95
CA PRO A 190 -5.65 -39.30 -45.74
C PRO A 190 -6.90 -38.64 -46.33
N SER A 191 -7.68 -39.44 -47.05
CA SER A 191 -8.90 -38.94 -47.68
C SER A 191 -9.97 -38.63 -46.63
N PRO A 192 -10.48 -37.38 -46.64
CA PRO A 192 -11.37 -36.86 -45.60
C PRO A 192 -12.72 -37.55 -45.58
N GLY A 193 -13.07 -38.23 -46.67
CA GLY A 193 -14.34 -38.93 -46.76
C GLY A 193 -14.25 -40.13 -47.66
N PRO A 194 -15.42 -40.70 -48.03
CA PRO A 194 -15.50 -41.88 -48.87
C PRO A 194 -14.91 -41.63 -50.27
N GLY A 195 -15.68 -40.99 -51.15
CA GLY A 195 -15.25 -40.80 -52.54
C GLY A 195 -14.36 -39.61 -52.79
N ARG A 196 -13.99 -38.91 -51.72
CA ARG A 196 -13.25 -37.67 -51.82
C ARG A 196 -11.73 -37.91 -51.90
N LEU A 197 -10.98 -36.81 -51.94
CA LEU A 197 -9.52 -36.83 -51.91
C LEU A 197 -9.01 -35.61 -51.18
N LEU A 198 -7.85 -35.75 -50.55
CA LEU A 198 -7.18 -34.60 -49.93
C LEU A 198 -5.93 -34.26 -50.71
N LEU A 199 -6.03 -33.22 -51.52
CA LEU A 199 -4.88 -32.73 -52.29
C LEU A 199 -3.99 -31.91 -51.35
N VAL A 200 -2.69 -32.18 -51.42
CA VAL A 200 -1.70 -31.57 -50.50
C VAL A 200 -0.56 -30.91 -51.27
N CYS A 201 -0.38 -29.61 -51.04
CA CYS A 201 0.67 -28.83 -51.70
C CYS A 201 1.72 -28.35 -50.71
N HIS A 202 2.94 -28.87 -50.83
CA HIS A 202 4.03 -28.47 -49.95
C HIS A 202 4.87 -27.37 -50.60
N VAL A 203 5.35 -26.42 -49.81
CA VAL A 203 6.24 -25.36 -50.28
C VAL A 203 7.31 -25.09 -49.21
N SER A 204 8.60 -25.22 -49.57
CA SER A 204 9.67 -24.94 -48.60
C SER A 204 10.93 -24.34 -49.23
N GLY A 205 11.58 -23.47 -48.45
CA GLY A 205 12.88 -22.88 -48.82
C GLY A 205 12.84 -21.45 -49.31
N PHE A 206 12.01 -20.62 -48.69
CA PHE A 206 11.91 -19.21 -49.07
C PHE A 206 12.22 -18.29 -47.89
N TYR A 207 13.13 -17.33 -48.09
CA TYR A 207 13.56 -16.45 -46.99
C TYR A 207 12.70 -15.20 -46.74
N PRO A 208 12.38 -14.41 -47.79
CA PRO A 208 11.37 -13.41 -47.48
C PRO A 208 10.05 -14.11 -47.12
N LYS A 209 9.70 -14.07 -45.83
CA LYS A 209 8.57 -14.85 -45.31
C LYS A 209 7.20 -14.61 -45.98
N PRO A 210 6.81 -13.33 -46.16
CA PRO A 210 5.47 -13.06 -46.73
C PRO A 210 5.25 -13.78 -48.06
N VAL A 211 4.41 -14.82 -48.02
CA VAL A 211 4.19 -15.70 -49.17
C VAL A 211 2.69 -15.82 -49.51
N TRP A 212 2.38 -16.48 -50.63
CA TRP A 212 1.01 -16.62 -51.09
C TRP A 212 0.80 -17.96 -51.82
N VAL A 213 0.12 -18.88 -51.17
CA VAL A 213 -0.23 -20.17 -51.76
C VAL A 213 -1.74 -20.35 -51.77
N LYS A 214 -2.28 -20.71 -52.93
CA LYS A 214 -3.70 -21.03 -53.05
C LYS A 214 -3.91 -22.03 -54.18
N TRP A 215 -4.77 -23.03 -53.94
CA TRP A 215 -5.18 -23.97 -54.98
C TRP A 215 -6.13 -23.28 -55.94
N MET A 216 -5.96 -23.54 -57.23
CA MET A 216 -6.76 -22.87 -58.25
C MET A 216 -7.26 -23.86 -59.29
N ARG A 217 -8.50 -23.67 -59.74
CA ARG A 217 -9.10 -24.48 -60.79
C ARG A 217 -8.59 -24.00 -62.14
N GLY A 218 -9.46 -23.37 -62.91
CA GLY A 218 -9.14 -22.92 -64.25
C GLY A 218 -8.36 -21.62 -64.24
N GLU A 219 -7.18 -21.66 -63.63
CA GLU A 219 -6.27 -20.51 -63.58
C GLU A 219 -6.85 -19.38 -62.71
N GLN A 220 -8.15 -19.44 -62.46
CA GLN A 220 -8.84 -18.46 -61.62
C GLN A 220 -9.29 -19.05 -60.29
N GLU A 221 -9.10 -18.26 -59.24
CA GLU A 221 -9.16 -18.64 -57.83
C GLU A 221 -10.30 -19.59 -57.45
N GLN A 222 -10.08 -20.39 -56.42
CA GLN A 222 -11.12 -21.27 -55.88
C GLN A 222 -11.07 -21.44 -54.35
N GLN A 223 -12.25 -21.58 -53.75
CA GLN A 223 -12.52 -21.18 -52.36
C GLN A 223 -12.12 -22.14 -51.25
N GLY A 224 -12.15 -23.45 -51.54
CA GLY A 224 -11.96 -24.46 -50.51
C GLY A 224 -10.52 -24.63 -50.01
N THR A 225 -9.64 -23.72 -50.40
CA THR A 225 -8.22 -23.82 -50.04
C THR A 225 -8.02 -23.56 -48.56
N GLN A 226 -7.31 -24.49 -47.93
CA GLN A 226 -7.10 -24.48 -46.49
C GLN A 226 -5.59 -24.42 -46.22
N PRO A 227 -5.07 -23.21 -45.89
CA PRO A 227 -3.62 -23.04 -45.70
C PRO A 227 -3.17 -23.44 -44.31
N GLY A 228 -1.91 -23.85 -44.19
CA GLY A 228 -1.33 -24.24 -42.91
C GLY A 228 -0.59 -23.09 -42.23
N ASP A 229 0.25 -23.45 -41.25
CA ASP A 229 1.10 -22.48 -40.60
C ASP A 229 2.34 -22.32 -41.47
N ILE A 230 3.05 -21.21 -41.28
CA ILE A 230 4.29 -20.92 -41.98
C ILE A 230 5.39 -21.31 -41.02
N LEU A 231 5.90 -22.53 -41.15
CA LEU A 231 6.84 -23.09 -40.17
C LEU A 231 8.31 -22.91 -40.58
N PRO A 232 9.24 -22.83 -39.60
CA PRO A 232 10.64 -22.54 -39.88
C PRO A 232 11.52 -23.74 -40.28
N ASN A 233 12.33 -23.56 -41.33
CA ASN A 233 13.32 -24.55 -41.70
C ASN A 233 14.59 -24.38 -40.85
N ALA A 234 15.45 -25.40 -40.87
CA ALA A 234 16.72 -25.36 -40.13
C ALA A 234 17.65 -24.25 -40.60
N ASP A 235 17.70 -24.05 -41.92
CA ASP A 235 18.54 -23.02 -42.52
C ASP A 235 17.80 -21.71 -42.75
N GLU A 236 17.21 -21.22 -41.65
CA GLU A 236 16.45 -19.95 -41.59
C GLU A 236 15.63 -19.58 -42.86
N THR A 237 14.95 -20.59 -43.40
CA THR A 237 13.92 -20.40 -44.43
C THR A 237 12.56 -20.85 -43.89
N TRP A 238 11.55 -20.86 -44.75
CA TRP A 238 10.19 -21.16 -44.32
C TRP A 238 9.52 -22.25 -45.15
N TYR A 239 8.53 -22.90 -44.54
CA TYR A 239 7.79 -24.00 -45.16
C TYR A 239 6.29 -23.84 -44.95
N LEU A 240 5.53 -23.87 -46.03
CA LEU A 240 4.07 -23.81 -45.97
C LEU A 240 3.44 -25.02 -46.64
N ARG A 241 2.37 -25.52 -46.04
CA ARG A 241 1.61 -26.64 -46.56
C ARG A 241 0.20 -26.13 -46.84
N ALA A 242 -0.44 -26.63 -47.90
CA ALA A 242 -1.82 -26.22 -48.23
C ALA A 242 -2.66 -27.36 -48.80
N THR A 243 -3.82 -27.60 -48.21
CA THR A 243 -4.66 -28.75 -48.56
C THR A 243 -6.03 -28.38 -49.11
N LEU A 244 -6.55 -29.23 -50.00
CA LEU A 244 -7.88 -29.06 -50.58
C LEU A 244 -8.67 -30.37 -50.56
N ASP A 245 -9.86 -30.31 -49.96
CA ASP A 245 -10.78 -31.44 -49.86
C ASP A 245 -11.69 -31.44 -51.09
N VAL A 246 -11.31 -32.19 -52.13
CA VAL A 246 -12.07 -32.22 -53.38
C VAL A 246 -12.66 -33.59 -53.65
N VAL A 247 -13.71 -33.61 -54.46
CA VAL A 247 -14.23 -34.86 -55.02
C VAL A 247 -13.25 -35.39 -56.08
N ALA A 248 -13.08 -36.71 -56.10
CA ALA A 248 -12.08 -37.35 -56.94
C ALA A 248 -12.19 -37.01 -58.43
N GLY A 249 -13.42 -37.02 -58.95
CA GLY A 249 -13.70 -36.81 -60.38
C GLY A 249 -13.44 -35.42 -60.92
N GLU A 250 -13.14 -34.48 -60.03
CA GLU A 250 -12.78 -33.11 -60.41
C GLU A 250 -11.48 -32.64 -59.74
N ALA A 251 -10.56 -33.58 -59.55
CA ALA A 251 -9.18 -33.25 -59.21
C ALA A 251 -8.48 -32.82 -60.49
N ALA A 252 -8.98 -33.34 -61.61
CA ALA A 252 -8.46 -33.04 -62.94
C ALA A 252 -8.61 -31.56 -63.29
N GLY A 253 -7.47 -30.90 -63.51
CA GLY A 253 -7.43 -29.49 -63.89
C GLY A 253 -6.93 -28.58 -62.78
N LEU A 254 -7.08 -29.04 -61.54
CA LEU A 254 -6.70 -28.26 -60.37
C LEU A 254 -5.20 -27.96 -60.32
N SER A 255 -4.84 -26.88 -59.63
CA SER A 255 -3.51 -26.31 -59.72
C SER A 255 -3.12 -25.58 -58.43
N CYS A 256 -1.90 -25.84 -57.96
CA CYS A 256 -1.32 -25.13 -56.82
C CYS A 256 -0.47 -23.97 -57.31
N ARG A 257 -0.81 -22.76 -56.87
CA ARG A 257 -0.09 -21.55 -57.28
C ARG A 257 0.64 -20.87 -56.12
N VAL A 258 1.89 -20.50 -56.39
CA VAL A 258 2.77 -19.93 -55.38
C VAL A 258 3.24 -18.54 -55.83
N LYS A 259 2.91 -17.51 -55.05
CA LYS A 259 3.40 -16.15 -55.31
C LYS A 259 4.37 -15.74 -54.22
N HIS A 260 5.64 -15.63 -54.59
CA HIS A 260 6.69 -15.16 -53.68
C HIS A 260 7.56 -14.10 -54.36
N SER A 261 8.21 -13.27 -53.55
CA SER A 261 9.02 -12.15 -54.02
C SER A 261 10.22 -12.53 -54.87
N SER A 262 10.83 -13.69 -54.60
CA SER A 262 12.00 -14.14 -55.37
C SER A 262 11.66 -14.42 -56.83
N LEU A 263 10.44 -14.88 -57.07
CA LEU A 263 9.89 -15.04 -58.42
C LEU A 263 9.37 -13.68 -58.89
N GLU A 264 9.71 -13.31 -60.13
CA GLU A 264 9.37 -11.98 -60.65
C GLU A 264 7.92 -11.91 -61.12
N GLY A 265 7.70 -11.88 -62.43
CA GLY A 265 6.35 -11.95 -62.97
C GLY A 265 5.84 -13.37 -62.80
N GLN A 266 6.46 -14.28 -63.55
CA GLN A 266 6.24 -15.73 -63.45
C GLN A 266 6.01 -16.20 -62.01
N ASP A 267 5.07 -17.12 -61.83
CA ASP A 267 4.82 -17.77 -60.55
C ASP A 267 5.07 -19.28 -60.67
N ILE A 268 5.07 -19.97 -59.54
CA ILE A 268 5.21 -21.43 -59.53
C ILE A 268 3.83 -22.07 -59.69
N VAL A 269 3.65 -22.81 -60.78
CA VAL A 269 2.39 -23.46 -61.09
C VAL A 269 2.58 -24.97 -61.16
N LEU A 270 1.86 -25.71 -60.33
CA LEU A 270 1.88 -27.16 -60.33
C LEU A 270 0.49 -27.73 -60.59
N TYR A 271 0.41 -28.74 -61.45
CA TYR A 271 -0.87 -29.31 -61.89
C TYR A 271 -1.10 -30.74 -61.39
N TRP A 272 -2.37 -31.11 -61.22
CA TRP A 272 -2.76 -32.47 -60.84
C TRP A 272 -3.36 -33.20 -62.06
N HIS A 273 -2.97 -34.44 -62.33
CA HIS A 273 -2.11 -35.25 -61.46
C HIS A 273 -0.63 -35.23 -61.82
N HIS A 274 0.21 -35.01 -60.80
CA HIS A 274 1.66 -35.09 -60.93
C HIS A 274 2.28 -35.23 -59.54
N HIS A 275 1.74 -36.18 -58.76
CA HIS A 275 2.16 -36.43 -57.38
C HIS A 275 3.52 -37.14 -57.33
N ILE B 1 1.26 -25.36 -15.19
CA ILE B 1 0.28 -25.87 -16.20
C ILE B 1 -0.66 -24.78 -16.74
N GLN B 2 -0.35 -24.27 -17.94
CA GLN B 2 -1.27 -23.41 -18.68
C GLN B 2 -1.39 -23.84 -20.15
N ARG B 3 -0.44 -23.44 -20.97
CA ARG B 3 -0.50 -23.71 -22.40
C ARG B 3 0.28 -24.97 -22.81
N THR B 4 -0.41 -25.87 -23.51
CA THR B 4 0.12 -27.18 -23.88
C THR B 4 0.77 -27.21 -25.28
N PRO B 5 1.93 -27.88 -25.43
CA PRO B 5 2.67 -27.88 -26.68
C PRO B 5 2.02 -28.73 -27.76
N LYS B 6 2.11 -28.27 -29.01
CA LYS B 6 1.81 -29.09 -30.20
C LYS B 6 2.34 -28.34 -31.41
N ILE B 7 3.29 -28.87 -32.19
CA ILE B 7 3.92 -30.23 -32.29
C ILE B 7 3.68 -30.66 -33.74
N GLN B 8 4.53 -30.17 -34.62
CA GLN B 8 4.38 -30.38 -36.07
C GLN B 8 5.69 -30.90 -36.66
N VAL B 9 5.63 -32.06 -37.31
CA VAL B 9 6.81 -32.69 -37.89
C VAL B 9 6.79 -32.60 -39.41
N TYR B 10 7.90 -32.16 -40.00
CA TYR B 10 8.00 -31.99 -41.44
C TYR B 10 9.44 -32.02 -41.95
N SER B 11 9.59 -32.12 -43.27
CA SER B 11 10.89 -32.24 -43.93
C SER B 11 11.35 -30.96 -44.62
N ARG B 12 12.66 -30.79 -44.70
CA ARG B 12 13.27 -29.66 -45.39
C ARG B 12 13.07 -29.79 -46.90
N HIS B 13 13.28 -30.99 -47.42
CA HIS B 13 13.13 -31.28 -48.85
C HIS B 13 12.07 -32.36 -49.08
N PRO B 14 11.75 -32.67 -50.37
CA PRO B 14 10.86 -33.81 -50.66
C PRO B 14 11.45 -35.12 -50.14
N ALA B 15 10.59 -36.08 -49.82
CA ALA B 15 11.04 -37.39 -49.34
C ALA B 15 11.54 -38.27 -50.49
N GLU B 16 12.85 -38.52 -50.49
CA GLU B 16 13.48 -39.38 -51.49
C GLU B 16 14.20 -40.54 -50.79
N ASN B 17 13.74 -41.76 -51.06
CA ASN B 17 14.30 -42.95 -50.42
C ASN B 17 15.77 -43.17 -50.75
N GLY B 18 16.63 -43.01 -49.75
CA GLY B 18 18.08 -43.11 -49.94
C GLY B 18 18.72 -41.82 -50.40
N LYS B 19 18.22 -40.69 -49.90
CA LYS B 19 18.80 -39.38 -50.20
C LYS B 19 18.74 -38.45 -48.99
N SER B 20 19.91 -37.93 -48.64
CA SER B 20 20.10 -37.03 -47.51
C SER B 20 18.98 -35.99 -47.39
N ASN B 21 18.58 -35.72 -46.15
CA ASN B 21 17.52 -34.76 -45.85
C ASN B 21 17.54 -34.32 -44.39
N PHE B 22 16.79 -33.26 -44.08
CA PHE B 22 16.61 -32.77 -42.70
C PHE B 22 15.17 -33.05 -42.22
N LEU B 23 15.03 -33.32 -40.93
CA LEU B 23 13.71 -33.52 -40.32
C LEU B 23 13.42 -32.47 -39.25
N ASN B 24 12.45 -31.61 -39.52
CA ASN B 24 12.10 -30.53 -38.59
C ASN B 24 10.91 -30.90 -37.69
N CYS B 25 11.12 -30.80 -36.38
CA CYS B 25 10.03 -30.91 -35.40
C CYS B 25 9.87 -29.59 -34.65
N TYR B 26 8.70 -28.95 -34.82
CA TYR B 26 8.45 -27.60 -34.32
C TYR B 26 7.43 -27.55 -33.19
N VAL B 27 7.84 -26.97 -32.06
CA VAL B 27 7.02 -26.91 -30.86
C VAL B 27 7.26 -25.57 -30.14
N SER B 28 6.34 -24.60 -30.12
CA SER B 28 4.96 -24.58 -30.66
C SER B 28 3.93 -24.29 -29.58
N GLY B 29 3.85 -23.03 -29.19
CA GLY B 29 2.77 -22.50 -28.35
C GLY B 29 2.58 -23.10 -26.98
N PHE B 30 3.68 -23.28 -26.24
CA PHE B 30 3.61 -23.84 -24.88
C PHE B 30 4.12 -22.87 -23.82
N HIS B 31 3.91 -23.25 -22.55
CA HIS B 31 4.29 -22.44 -21.39
C HIS B 31 4.06 -23.26 -20.13
N PRO B 32 5.09 -23.35 -19.24
CA PRO B 32 6.36 -22.64 -19.21
C PRO B 32 7.45 -23.19 -20.13
N SER B 33 8.68 -22.68 -19.93
CA SER B 33 9.84 -22.97 -20.79
C SER B 33 10.33 -24.41 -20.73
N ASP B 34 10.06 -25.08 -19.61
CA ASP B 34 10.53 -26.44 -19.36
C ASP B 34 9.91 -27.48 -20.28
N ILE B 35 10.43 -27.56 -21.50
CA ILE B 35 10.08 -28.62 -22.43
C ILE B 35 11.24 -29.60 -22.50
N GLU B 36 10.95 -30.81 -22.97
CA GLU B 36 11.94 -31.87 -23.08
C GLU B 36 11.56 -32.65 -24.33
N VAL B 37 12.36 -32.49 -25.39
CA VAL B 37 12.00 -33.00 -26.72
C VAL B 37 13.01 -34.02 -27.25
N ASP B 38 12.49 -35.14 -27.76
CA ASP B 38 13.30 -36.18 -28.37
C ASP B 38 12.80 -36.53 -29.77
N LEU B 39 13.72 -36.87 -30.67
CA LEU B 39 13.37 -37.40 -32.00
C LEU B 39 13.62 -38.91 -32.07
N LEU B 40 12.58 -39.65 -32.43
CA LEU B 40 12.64 -41.11 -32.44
C LEU B 40 12.92 -41.71 -33.83
N LYS B 41 13.73 -42.76 -33.84
CA LYS B 41 13.92 -43.61 -35.02
C LYS B 41 13.51 -45.02 -34.64
N ASN B 42 12.35 -45.44 -35.13
CA ASN B 42 11.74 -46.74 -34.81
C ASN B 42 11.44 -46.93 -33.31
N GLY B 43 11.28 -45.81 -32.61
CA GLY B 43 10.97 -45.83 -31.18
C GLY B 43 12.15 -45.45 -30.29
N GLU B 44 13.32 -45.30 -30.91
CA GLU B 44 14.55 -44.98 -30.18
C GLU B 44 15.12 -43.61 -30.55
N ARG B 45 15.51 -42.85 -29.52
CA ARG B 45 15.97 -41.46 -29.68
C ARG B 45 17.27 -41.31 -30.48
N ILE B 46 17.47 -40.14 -31.08
CA ILE B 46 18.69 -39.83 -31.85
C ILE B 46 19.65 -38.97 -31.02
N GLU B 47 20.95 -39.29 -31.11
CA GLU B 47 21.99 -38.59 -30.35
C GLU B 47 22.24 -37.18 -30.87
N LYS B 48 22.57 -37.08 -32.15
CA LYS B 48 22.90 -35.79 -32.78
C LYS B 48 21.64 -35.11 -33.30
N VAL B 49 21.09 -34.21 -32.48
CA VAL B 49 19.90 -33.41 -32.83
C VAL B 49 20.05 -31.99 -32.32
N GLU B 50 20.42 -31.08 -33.22
CA GLU B 50 20.56 -29.67 -32.85
C GLU B 50 19.26 -28.89 -33.01
N HIS B 51 19.12 -27.82 -32.23
CA HIS B 51 17.92 -26.98 -32.26
C HIS B 51 18.26 -25.49 -32.36
N SER B 52 17.23 -24.67 -32.50
CA SER B 52 17.37 -23.23 -32.39
C SER B 52 17.16 -22.81 -30.94
N ASP B 53 17.67 -21.63 -30.57
CA ASP B 53 17.51 -21.08 -29.22
C ASP B 53 16.04 -20.88 -28.91
N LEU B 54 15.59 -21.30 -27.73
CA LEU B 54 14.17 -21.21 -27.38
C LEU B 54 13.68 -19.77 -27.25
N SER B 55 12.55 -19.50 -27.85
CA SER B 55 12.06 -18.13 -28.03
C SER B 55 10.55 -18.11 -27.82
N PHE B 56 9.97 -16.93 -27.65
CA PHE B 56 8.54 -16.87 -27.37
C PHE B 56 7.77 -16.00 -28.35
N SER B 57 6.54 -16.43 -28.63
CA SER B 57 5.63 -15.71 -29.51
C SER B 57 5.08 -14.50 -28.75
N LYS B 58 4.53 -13.54 -29.50
CA LYS B 58 3.96 -12.31 -28.92
C LYS B 58 2.95 -12.57 -27.80
N ASP B 59 2.14 -13.63 -27.96
CA ASP B 59 1.18 -14.05 -26.94
C ASP B 59 1.84 -14.68 -25.69
N TRP B 60 3.17 -14.55 -25.59
CA TRP B 60 3.98 -15.05 -24.46
C TRP B 60 4.27 -16.56 -24.43
N SER B 61 3.72 -17.31 -25.40
CA SER B 61 4.00 -18.74 -25.49
C SER B 61 5.35 -19.00 -26.16
N PHE B 62 5.96 -20.15 -25.84
CA PHE B 62 7.29 -20.52 -26.36
C PHE B 62 7.26 -21.35 -27.64
N TYR B 63 8.41 -21.48 -28.29
CA TYR B 63 8.59 -22.33 -29.46
C TYR B 63 10.05 -22.68 -29.75
N LEU B 64 10.24 -23.86 -30.34
CA LEU B 64 11.55 -24.43 -30.61
C LEU B 64 11.54 -25.17 -31.94
N LEU B 65 12.59 -25.00 -32.72
CA LEU B 65 12.81 -25.89 -33.85
C LEU B 65 13.81 -26.96 -33.46
N TYR B 66 13.42 -28.22 -33.62
CA TYR B 66 14.33 -29.34 -33.44
C TYR B 66 14.59 -29.98 -34.80
N TYR B 67 15.85 -29.93 -35.24
CA TYR B 67 16.21 -30.51 -36.53
C TYR B 67 17.36 -31.52 -36.45
N THR B 68 17.35 -32.47 -37.39
CA THR B 68 18.38 -33.50 -37.47
C THR B 68 18.76 -33.77 -38.93
N GLU B 69 19.83 -34.52 -39.12
CA GLU B 69 20.18 -35.04 -40.42
C GLU B 69 19.73 -36.49 -40.50
N PHE B 70 19.11 -36.87 -41.62
CA PHE B 70 18.61 -38.23 -41.82
C PHE B 70 18.46 -38.63 -43.29
N THR B 71 18.56 -39.92 -43.55
CA THR B 71 18.29 -40.45 -44.88
C THR B 71 17.02 -41.30 -44.83
N PRO B 72 15.90 -40.78 -45.39
CA PRO B 72 14.62 -41.49 -45.36
C PRO B 72 14.62 -42.78 -46.17
N THR B 73 14.07 -43.84 -45.55
CA THR B 73 13.83 -45.10 -46.23
C THR B 73 12.42 -45.56 -45.88
N GLU B 74 11.79 -46.30 -46.79
CA GLU B 74 10.40 -46.76 -46.63
C GLU B 74 10.25 -47.80 -45.52
N LYS B 75 11.34 -48.50 -45.21
CA LYS B 75 11.36 -49.50 -44.13
C LYS B 75 11.45 -48.87 -42.73
N ASP B 76 11.78 -47.57 -42.67
CA ASP B 76 12.01 -46.88 -41.40
C ASP B 76 11.06 -45.70 -41.16
N GLU B 77 10.49 -45.64 -39.96
CA GLU B 77 9.59 -44.55 -39.58
C GLU B 77 10.15 -43.69 -38.45
N TYR B 78 10.07 -42.37 -38.65
CA TYR B 78 10.61 -41.40 -37.70
C TYR B 78 9.49 -40.70 -36.94
N ALA B 79 9.78 -40.33 -35.69
CA ALA B 79 8.80 -39.71 -34.82
C ALA B 79 9.39 -38.59 -33.96
N CYS B 80 8.50 -37.82 -33.33
CA CYS B 80 8.90 -36.74 -32.41
C CYS B 80 8.18 -36.88 -31.07
N ARG B 81 8.93 -37.20 -30.03
CA ARG B 81 8.35 -37.30 -28.69
C ARG B 81 8.58 -36.01 -27.90
N VAL B 82 7.47 -35.43 -27.45
CA VAL B 82 7.49 -34.20 -26.67
C VAL B 82 6.88 -34.48 -25.30
N ASN B 83 7.61 -34.09 -24.25
CA ASN B 83 7.08 -34.13 -22.88
C ASN B 83 7.15 -32.75 -22.24
N HIS B 84 6.10 -32.42 -21.49
CA HIS B 84 5.92 -31.08 -20.91
C HIS B 84 4.93 -31.15 -19.76
N VAL B 85 5.12 -30.30 -18.76
CA VAL B 85 4.35 -30.36 -17.52
C VAL B 85 2.82 -30.37 -17.73
N THR B 86 2.36 -29.87 -18.87
CA THR B 86 0.92 -29.79 -19.17
C THR B 86 0.27 -31.14 -19.45
N LEU B 87 0.75 -31.83 -20.47
CA LEU B 87 0.22 -33.14 -20.85
C LEU B 87 0.82 -34.24 -19.99
N SER B 88 -0.03 -35.13 -19.51
CA SER B 88 0.36 -36.17 -18.56
C SER B 88 1.41 -37.14 -19.13
N GLN B 89 0.99 -37.99 -20.06
CA GLN B 89 1.89 -38.95 -20.70
C GLN B 89 2.59 -38.29 -21.89
N PRO B 90 3.89 -38.57 -22.08
CA PRO B 90 4.68 -37.98 -23.16
C PRO B 90 4.06 -38.19 -24.55
N LYS B 91 3.66 -37.10 -25.20
CA LYS B 91 2.96 -37.14 -26.49
C LYS B 91 3.91 -37.43 -27.67
N ILE B 92 3.49 -38.34 -28.55
CA ILE B 92 4.26 -38.66 -29.75
C ILE B 92 3.51 -38.30 -31.03
N VAL B 93 4.21 -37.65 -31.96
CA VAL B 93 3.64 -37.36 -33.28
C VAL B 93 4.57 -37.89 -34.37
N LYS B 94 4.04 -38.80 -35.20
CA LYS B 94 4.77 -39.43 -36.29
C LYS B 94 5.02 -38.45 -37.43
N TRP B 95 6.09 -38.67 -38.18
CA TRP B 95 6.31 -37.94 -39.42
C TRP B 95 5.55 -38.63 -40.55
N ASP B 96 4.67 -37.88 -41.21
CA ASP B 96 3.88 -38.42 -42.30
C ASP B 96 4.42 -37.90 -43.61
N ARG B 97 4.89 -38.82 -44.46
CA ARG B 97 5.44 -38.47 -45.75
C ARG B 97 4.38 -37.80 -46.62
N ASP B 98 3.19 -38.39 -46.64
CA ASP B 98 2.07 -37.90 -47.45
C ASP B 98 1.49 -36.58 -46.93
N MET B 99 1.44 -36.43 -45.61
CA MET B 99 0.93 -35.20 -45.01
C MET B 99 1.63 -34.85 -43.69
N ASN C 1 35.92 -7.09 4.81
CA ASN C 1 34.87 -6.05 4.55
C ASN C 1 35.04 -5.34 3.20
N GLN C 2 33.96 -4.79 2.69
CA GLN C 2 33.97 -4.09 1.41
C GLN C 2 33.97 -2.57 1.57
N VAL C 3 33.71 -2.10 2.78
CA VAL C 3 33.74 -0.67 3.09
C VAL C 3 34.80 -0.38 4.15
N GLU C 4 35.86 0.31 3.74
CA GLU C 4 36.99 0.58 4.62
C GLU C 4 37.11 2.06 4.92
N GLN C 5 37.40 2.37 6.18
CA GLN C 5 37.59 3.74 6.63
C GLN C 5 38.98 3.99 7.19
N SER C 6 39.49 5.19 6.93
CA SER C 6 40.67 5.70 7.60
C SER C 6 40.42 7.16 7.97
N PRO C 7 40.99 7.63 9.10
CA PRO C 7 41.78 6.91 10.09
C PRO C 7 40.90 6.14 11.06
N GLN C 8 41.52 5.39 11.98
CA GLN C 8 40.77 4.63 12.97
C GLN C 8 40.21 5.58 14.01
N SER C 9 41.08 6.45 14.52
CA SER C 9 40.69 7.47 15.49
C SER C 9 41.65 8.65 15.42
N LEU C 10 41.12 9.85 15.63
CA LEU C 10 41.95 11.05 15.63
C LEU C 10 41.49 12.05 16.70
N ILE C 11 42.40 12.93 17.11
CA ILE C 11 42.11 13.94 18.14
C ILE C 11 42.44 15.33 17.62
N ILE C 12 41.42 16.18 17.53
CA ILE C 12 41.60 17.55 17.10
C ILE C 12 41.12 18.54 18.17
N LEU C 13 41.71 19.73 18.17
CA LEU C 13 41.27 20.81 19.06
C LEU C 13 40.02 21.47 18.51
N GLU C 14 39.10 21.88 19.39
CA GLU C 14 37.87 22.56 18.98
C GLU C 14 38.13 23.74 18.04
N GLY C 15 37.20 23.97 17.13
CA GLY C 15 37.32 25.07 16.18
C GLY C 15 38.40 24.89 15.14
N LYS C 16 38.74 23.64 14.83
CA LYS C 16 39.67 23.33 13.76
C LYS C 16 39.02 22.38 12.76
N ASN C 17 39.48 22.44 11.51
CA ASN C 17 38.95 21.59 10.45
C ASN C 17 39.49 20.16 10.52
N CYS C 18 38.83 19.24 9.82
CA CYS C 18 39.33 17.87 9.67
C CYS C 18 38.60 17.09 8.57
N THR C 19 39.27 16.07 8.04
CA THR C 19 38.77 15.30 6.93
C THR C 19 38.86 13.80 7.21
N LEU C 20 37.74 13.09 7.00
CA LEU C 20 37.70 11.63 7.19
C LEU C 20 37.54 10.93 5.85
N GLN C 21 38.15 9.75 5.72
CA GLN C 21 38.22 9.05 4.44
C GLN C 21 37.36 7.79 4.43
N CYS C 22 36.82 7.46 3.25
CA CYS C 22 36.06 6.22 3.03
C CYS C 22 36.30 5.64 1.64
N ASN C 23 36.65 4.37 1.59
CA ASN C 23 36.85 3.63 0.34
C ASN C 23 36.03 2.37 0.33
N TYR C 24 35.48 2.05 -0.84
CA TYR C 24 34.59 0.92 -0.97
C TYR C 24 34.99 0.03 -2.15
N THR C 25 34.42 -1.18 -2.19
CA THR C 25 34.55 -2.10 -3.33
C THR C 25 33.20 -2.69 -3.71
N VAL C 26 32.12 -2.11 -3.21
CA VAL C 26 30.78 -2.65 -3.41
C VAL C 26 30.35 -2.52 -4.87
N SER C 27 29.98 -3.64 -5.48
CA SER C 27 29.53 -3.66 -6.87
C SER C 27 28.21 -4.41 -7.00
N PRO C 28 27.18 -3.75 -7.57
CA PRO C 28 27.21 -2.39 -8.12
C PRO C 28 27.03 -1.31 -7.06
N PHE C 29 27.79 -0.23 -7.18
CA PHE C 29 27.67 0.90 -6.27
C PHE C 29 26.53 1.82 -6.72
N SER C 30 25.67 2.21 -5.79
CA SER C 30 24.63 3.21 -6.08
C SER C 30 24.77 4.48 -5.25
N ASN C 31 24.80 4.35 -3.93
CA ASN C 31 24.93 5.52 -3.04
C ASN C 31 25.71 5.32 -1.74
N LEU C 32 26.45 6.37 -1.39
CA LEU C 32 27.32 6.44 -0.20
C LEU C 32 26.67 7.36 0.82
N ARG C 33 26.68 6.95 2.08
CA ARG C 33 26.09 7.76 3.15
C ARG C 33 27.04 7.88 4.32
N TRP C 34 26.99 9.03 5.00
CA TRP C 34 27.78 9.26 6.21
C TRP C 34 26.88 9.30 7.44
N TYR C 35 27.22 8.49 8.44
CA TYR C 35 26.43 8.40 9.68
C TYR C 35 27.24 8.89 10.88
N LYS C 36 26.63 9.74 11.70
CA LYS C 36 27.26 10.20 12.93
C LYS C 36 26.69 9.49 14.16
N GLN C 37 27.50 8.65 14.80
CA GLN C 37 27.03 7.94 15.99
C GLN C 37 27.66 8.45 17.27
N ASP C 38 26.96 9.38 17.92
CA ASP C 38 27.31 9.84 19.27
C ASP C 38 27.21 8.66 20.22
N THR C 39 28.09 8.62 21.21
CA THR C 39 28.19 7.46 22.10
C THR C 39 26.85 7.13 22.75
N GLY C 40 26.55 5.83 22.82
CA GLY C 40 25.35 5.31 23.50
C GLY C 40 24.03 5.77 22.93
N ARG C 41 24.04 6.15 21.65
CA ARG C 41 22.86 6.66 20.93
C ARG C 41 22.77 6.02 19.55
N GLY C 42 21.72 6.35 18.82
CA GLY C 42 21.55 5.83 17.47
C GLY C 42 22.31 6.66 16.45
N PRO C 43 22.73 6.04 15.33
CA PRO C 43 23.32 6.79 14.23
C PRO C 43 22.33 7.81 13.66
N VAL C 44 22.85 8.96 13.28
CA VAL C 44 22.07 9.97 12.59
C VAL C 44 22.69 10.09 11.21
N SER C 45 21.84 10.09 10.18
CA SER C 45 22.30 10.23 8.82
C SER C 45 22.61 11.70 8.53
N LEU C 46 23.69 11.94 7.80
CA LEU C 46 24.10 13.32 7.48
C LEU C 46 24.01 13.63 5.98
N THR C 47 24.47 12.70 5.15
CA THR C 47 24.61 12.92 3.71
C THR C 47 24.28 11.67 2.90
N ILE C 48 23.65 11.85 1.75
CA ILE C 48 23.47 10.76 0.78
C ILE C 48 23.84 11.27 -0.60
N MET C 49 24.83 10.64 -1.24
CA MET C 49 25.21 11.00 -2.60
C MET C 49 25.20 9.81 -3.52
N THR C 50 24.93 10.04 -4.80
CA THR C 50 24.90 8.98 -5.79
C THR C 50 26.09 9.04 -6.74
N PHE C 51 26.35 7.91 -7.41
CA PHE C 51 27.30 7.82 -8.53
C PHE C 51 27.29 9.14 -9.30
N SER C 52 26.08 9.65 -9.52
CA SER C 52 25.81 10.91 -10.21
C SER C 52 26.46 12.15 -9.57
N GLU C 53 26.15 12.41 -8.30
CA GLU C 53 26.57 13.66 -7.65
C GLU C 53 27.87 13.56 -6.85
N ASN C 54 28.60 14.67 -6.76
CA ASN C 54 29.98 14.68 -6.26
C ASN C 54 30.25 15.39 -4.93
N THR C 55 29.27 16.12 -4.41
CA THR C 55 29.40 16.88 -3.16
C THR C 55 28.05 17.20 -2.53
N LYS C 56 27.86 16.83 -1.27
CA LYS C 56 26.64 17.18 -0.53
C LYS C 56 26.94 17.97 0.73
N SER C 57 26.42 19.20 0.80
CA SER C 57 26.71 20.12 1.90
C SER C 57 25.59 20.15 2.96
N ASN C 58 25.80 19.47 4.09
CA ASN C 58 24.86 19.52 5.22
C ASN C 58 25.37 20.36 6.39
N GLY C 59 25.12 21.66 6.31
CA GLY C 59 25.60 22.58 7.32
C GLY C 59 27.12 22.60 7.37
N ARG C 60 27.68 22.17 8.51
CA ARG C 60 29.12 22.20 8.69
C ARG C 60 29.81 20.99 8.07
N TYR C 61 29.06 19.91 7.87
CA TYR C 61 29.63 18.73 7.26
C TYR C 61 29.50 18.82 5.76
N THR C 62 30.55 18.42 5.04
CA THR C 62 30.51 18.36 3.58
C THR C 62 31.19 17.10 3.07
N ALA C 63 30.43 16.31 2.30
CA ALA C 63 30.91 15.05 1.75
C ALA C 63 31.38 15.21 0.31
N THR C 64 32.29 14.33 -0.10
CA THR C 64 32.81 14.29 -1.45
C THR C 64 32.70 12.87 -1.96
N LEU C 65 32.59 12.71 -3.27
CA LEU C 65 32.52 11.38 -3.87
C LEU C 65 33.29 11.33 -5.17
N ASP C 66 34.04 10.25 -5.36
CA ASP C 66 34.65 9.96 -6.64
C ASP C 66 34.42 8.51 -7.00
N ALA C 67 33.32 8.25 -7.71
CA ALA C 67 32.94 6.90 -8.09
C ALA C 67 34.00 6.28 -9.01
N ASP C 68 34.79 7.13 -9.66
CA ASP C 68 35.93 6.70 -10.44
C ASP C 68 36.90 5.89 -9.60
N THR C 69 37.35 6.47 -8.48
CA THR C 69 38.35 5.83 -7.65
C THR C 69 37.75 5.24 -6.38
N LYS C 70 36.43 5.07 -6.39
CA LYS C 70 35.70 4.44 -5.27
C LYS C 70 36.13 5.02 -3.93
N GLN C 71 36.06 6.35 -3.82
CA GLN C 71 36.55 7.06 -2.66
C GLN C 71 35.63 8.22 -2.30
N SER C 72 35.39 8.38 -1.01
CA SER C 72 34.54 9.43 -0.48
C SER C 72 35.15 10.01 0.78
N SER C 73 35.30 11.34 0.81
CA SER C 73 35.77 12.02 2.00
C SER C 73 34.65 12.83 2.62
N LEU C 74 34.68 12.93 3.94
CA LEU C 74 33.80 13.84 4.68
C LEU C 74 34.67 14.94 5.27
N HIS C 75 34.15 16.16 5.29
CA HIS C 75 34.92 17.29 5.78
C HIS C 75 34.18 18.15 6.81
N ILE C 76 34.72 18.19 8.03
CA ILE C 76 34.16 19.03 9.08
C ILE C 76 34.87 20.38 9.14
N THR C 77 34.08 21.46 9.18
CA THR C 77 34.60 22.82 9.27
C THR C 77 34.19 23.39 10.62
N ALA C 78 35.07 24.21 11.20
CA ALA C 78 34.86 24.83 12.52
C ALA C 78 34.21 23.87 13.51
N SER C 79 34.93 22.79 13.82
CA SER C 79 34.43 21.75 14.72
C SER C 79 34.17 22.25 16.14
N GLN C 80 33.30 21.54 16.85
CA GLN C 80 32.99 21.83 18.24
C GLN C 80 32.96 20.53 19.05
N LEU C 81 32.81 20.65 20.37
CA LEU C 81 32.81 19.49 21.27
C LEU C 81 31.72 18.46 20.97
N SER C 82 30.56 18.93 20.48
CA SER C 82 29.48 18.01 20.13
C SER C 82 29.76 17.16 18.89
N ASP C 83 30.92 17.35 18.26
CA ASP C 83 31.34 16.55 17.11
C ASP C 83 31.95 15.21 17.49
N SER C 84 32.48 15.12 18.71
CA SER C 84 33.18 13.92 19.19
C SER C 84 32.27 12.73 19.10
N ALA C 85 32.48 11.90 18.08
CA ALA C 85 31.59 10.79 17.80
C ALA C 85 32.22 9.79 16.84
N SER C 86 31.67 8.59 16.81
CA SER C 86 32.02 7.61 15.81
C SER C 86 31.30 7.98 14.51
N TYR C 87 32.03 7.98 13.39
CA TYR C 87 31.44 8.27 12.07
C TYR C 87 31.41 7.04 11.16
N ILE C 88 30.22 6.54 10.88
CA ILE C 88 30.04 5.33 10.10
C ILE C 88 29.87 5.68 8.64
N CYS C 89 30.49 4.90 7.76
CA CYS C 89 30.37 5.08 6.32
C CYS C 89 29.55 3.93 5.75
N VAL C 90 28.41 4.21 5.10
CA VAL C 90 27.57 3.13 4.56
C VAL C 90 27.35 3.20 3.04
N VAL C 91 27.37 2.03 2.40
CA VAL C 91 27.26 1.91 0.95
C VAL C 91 26.09 1.00 0.57
N SER C 92 25.30 1.42 -0.41
CA SER C 92 24.14 0.68 -0.90
C SER C 92 24.31 0.17 -2.33
N ASP C 93 24.02 -1.11 -2.54
CA ASP C 93 24.15 -1.71 -3.87
C ASP C 93 22.85 -1.65 -4.69
N ARG C 94 22.00 -0.68 -4.36
CA ARG C 94 20.77 -0.38 -5.13
C ARG C 94 20.21 1.01 -4.80
N GLY C 95 19.55 1.60 -5.80
CA GLY C 95 18.99 2.94 -5.65
C GLY C 95 17.55 2.93 -5.19
N SER C 96 17.21 1.93 -4.39
CA SER C 96 15.89 1.80 -3.76
C SER C 96 15.99 0.89 -2.55
N THR C 97 14.89 0.78 -1.78
CA THR C 97 14.85 -0.04 -0.56
C THR C 97 15.09 -1.52 -0.83
N LEU C 98 15.35 -1.86 -2.09
CA LEU C 98 15.53 -3.22 -2.54
C LEU C 98 16.99 -3.68 -2.39
N GLY C 99 17.89 -2.75 -2.06
CA GLY C 99 19.31 -3.06 -1.91
C GLY C 99 19.82 -3.25 -0.49
N ARG C 100 21.04 -3.77 -0.39
CA ARG C 100 21.69 -3.99 0.89
C ARG C 100 22.60 -2.84 1.29
N LEU C 101 22.77 -2.66 2.59
CA LEU C 101 23.69 -1.65 3.12
C LEU C 101 24.90 -2.30 3.76
N TYR C 102 26.08 -1.89 3.30
CA TYR C 102 27.33 -2.40 3.85
C TYR C 102 27.93 -1.31 4.72
N PHE C 103 28.11 -1.62 6.00
CA PHE C 103 28.59 -0.65 6.98
C PHE C 103 30.11 -0.71 7.18
N GLY C 104 30.73 0.45 7.32
CA GLY C 104 32.13 0.51 7.75
C GLY C 104 32.20 0.26 9.24
N ARG C 105 33.41 0.06 9.79
CA ARG C 105 33.46 -0.10 11.24
C ARG C 105 33.74 1.21 11.99
N GLY C 106 33.74 2.31 11.24
CA GLY C 106 33.71 3.64 11.82
C GLY C 106 35.05 4.26 12.16
N THR C 107 35.09 5.60 12.06
CA THR C 107 36.21 6.40 12.51
C THR C 107 35.81 7.10 13.80
N GLN C 108 36.69 7.02 14.81
CA GLN C 108 36.42 7.62 16.11
C GLN C 108 37.07 9.00 16.25
N LEU C 109 36.24 10.04 16.20
CA LEU C 109 36.71 11.41 16.32
C LEU C 109 36.57 11.94 17.74
N THR C 110 37.58 12.68 18.17
CA THR C 110 37.57 13.35 19.45
C THR C 110 37.91 14.81 19.27
N VAL C 111 37.09 15.67 19.85
CA VAL C 111 37.35 17.10 19.85
C VAL C 111 37.64 17.56 21.29
N TRP C 112 38.78 18.23 21.47
CA TRP C 112 39.20 18.69 22.79
C TRP C 112 39.17 20.20 22.92
N PRO C 113 38.77 20.70 24.10
CA PRO C 113 38.63 22.14 24.31
C PRO C 113 39.92 22.92 24.10
N ASP C 114 39.81 24.02 23.36
CA ASP C 114 40.89 25.00 23.25
C ASP C 114 40.75 25.90 24.45
N ILE C 115 41.67 25.78 25.40
CA ILE C 115 41.62 26.58 26.61
C ILE C 115 42.76 27.59 26.62
N GLN C 116 42.41 28.82 26.27
CA GLN C 116 43.40 29.88 26.08
C GLN C 116 44.04 30.34 27.39
N ASN C 117 43.25 30.35 28.47
CA ASN C 117 43.74 30.80 29.78
C ASN C 117 43.62 29.72 30.86
N PRO C 118 44.60 28.80 30.93
CA PRO C 118 44.51 27.65 31.83
C PRO C 118 44.90 28.02 33.25
N ASP C 119 44.45 27.22 34.22
CA ASP C 119 44.71 27.47 35.64
C ASP C 119 44.57 26.21 36.51
N PRO C 120 45.44 25.21 36.31
CA PRO C 120 45.27 23.92 36.99
C PRO C 120 45.36 24.01 38.51
N ALA C 121 44.54 23.21 39.18
CA ALA C 121 44.51 23.14 40.64
C ALA C 121 43.84 21.84 41.09
N VAL C 122 44.09 21.46 42.35
CA VAL C 122 43.43 20.32 42.97
C VAL C 122 42.74 20.79 44.25
N TYR C 123 41.41 20.62 44.31
CA TYR C 123 40.63 21.07 45.46
C TYR C 123 40.07 19.91 46.26
N GLN C 124 40.04 20.09 47.58
CA GLN C 124 39.41 19.13 48.49
C GLN C 124 37.95 19.56 48.64
N LEU C 125 37.03 18.73 48.19
CA LEU C 125 35.61 19.07 48.23
C LEU C 125 34.95 18.65 49.52
N ARG C 126 34.21 19.58 50.12
CA ARG C 126 33.52 19.38 51.39
C ARG C 126 32.75 18.07 51.40
N ASP C 127 33.05 17.25 52.39
CA ASP C 127 32.46 15.92 52.51
C ASP C 127 30.94 16.00 52.73
N SER C 128 30.22 15.02 52.20
CA SER C 128 28.79 14.92 52.45
C SER C 128 28.58 14.40 53.88
N LYS C 129 27.39 14.61 54.43
CA LYS C 129 27.12 14.14 55.79
C LYS C 129 26.89 12.63 55.86
N SER C 130 26.79 11.97 54.71
CA SER C 130 26.63 10.51 54.63
C SER C 130 27.96 9.86 54.27
N SER C 131 28.41 10.11 53.05
CA SER C 131 29.58 9.45 52.47
C SER C 131 30.89 10.01 53.03
N ASP C 132 31.59 9.20 53.81
CA ASP C 132 32.93 9.55 54.33
C ASP C 132 34.05 9.37 53.29
N LYS C 133 33.65 9.36 52.01
CA LYS C 133 34.59 9.29 50.89
C LYS C 133 35.17 10.69 50.62
N SER C 134 36.49 10.81 50.72
CA SER C 134 37.17 12.08 50.54
C SER C 134 37.37 12.36 49.05
N VAL C 135 36.73 13.41 48.55
CA VAL C 135 36.68 13.69 47.11
C VAL C 135 37.60 14.81 46.65
N CYS C 136 38.51 14.49 45.72
CA CYS C 136 39.44 15.47 45.15
C CYS C 136 39.02 15.86 43.73
N LEU C 137 39.15 17.15 43.43
CA LEU C 137 38.81 17.70 42.12
C LEU C 137 40.00 18.38 41.45
N PHE C 138 40.61 17.66 40.52
CA PHE C 138 41.57 18.24 39.58
C PHE C 138 40.74 18.99 38.55
N THR C 139 41.08 20.26 38.30
CA THR C 139 40.33 21.07 37.33
C THR C 139 41.12 22.22 36.70
N ASP C 140 40.55 22.80 35.65
CA ASP C 140 41.06 24.03 35.01
C ASP C 140 42.42 23.88 34.33
N PHE C 141 42.74 22.68 33.88
CA PHE C 141 43.96 22.42 33.09
C PHE C 141 43.63 22.37 31.60
N ASP C 142 44.60 22.75 30.75
CA ASP C 142 44.41 22.68 29.30
C ASP C 142 44.44 21.24 28.78
N SER C 143 44.09 21.06 27.51
CA SER C 143 43.88 19.72 26.94
C SER C 143 45.14 18.93 26.63
N GLN C 144 46.30 19.57 26.74
CA GLN C 144 47.56 18.88 26.53
C GLN C 144 47.96 18.06 27.76
N THR C 145 46.99 17.79 28.64
CA THR C 145 47.21 16.98 29.84
C THR C 145 46.28 15.77 29.86
N ASN C 146 46.86 14.59 30.10
CA ASN C 146 46.09 13.36 30.24
C ASN C 146 46.02 12.92 31.70
N VAL C 147 44.83 12.48 32.12
CA VAL C 147 44.62 11.98 33.48
C VAL C 147 44.61 10.46 33.50
N SER C 148 45.65 9.88 34.10
CA SER C 148 45.79 8.44 34.10
C SER C 148 44.97 7.79 35.21
N GLN C 149 44.36 6.66 34.87
CA GLN C 149 43.58 5.87 35.82
C GLN C 149 44.48 5.13 36.79
N SER C 150 44.17 5.24 38.07
CA SER C 150 44.82 4.44 39.10
C SER C 150 43.73 3.87 39.99
N LYS C 151 43.49 2.56 39.85
CA LYS C 151 42.39 1.88 40.56
C LYS C 151 42.80 0.65 41.38
N ASP C 152 43.55 0.89 42.46
CA ASP C 152 43.96 -0.19 43.38
C ASP C 152 42.83 -0.57 44.32
N SER C 153 41.70 -0.96 43.71
CA SER C 153 40.48 -1.41 44.41
C SER C 153 40.01 -0.52 45.57
N ASP C 154 40.78 0.52 45.87
CA ASP C 154 40.50 1.39 47.01
C ASP C 154 40.46 2.86 46.61
N VAL C 155 41.21 3.22 45.57
CA VAL C 155 41.19 4.56 45.00
C VAL C 155 40.53 4.58 43.61
N TYR C 156 39.64 5.55 43.38
CA TYR C 156 38.95 5.67 42.10
C TYR C 156 39.22 7.01 41.43
N ILE C 157 39.56 6.95 40.14
CA ILE C 157 39.85 8.16 39.36
C ILE C 157 39.13 8.08 38.01
N THR C 158 38.37 9.13 37.70
CA THR C 158 37.64 9.20 36.44
C THR C 158 38.38 10.03 35.40
N ASP C 159 38.22 9.66 34.14
CA ASP C 159 38.84 10.33 33.00
C ASP C 159 38.45 11.80 32.95
N LYS C 160 39.23 12.60 32.24
CA LYS C 160 38.95 14.04 32.10
C LYS C 160 37.61 14.28 31.39
N CYS C 161 36.95 15.37 31.76
CA CYS C 161 35.59 15.65 31.30
C CYS C 161 35.42 17.15 31.05
N VAL C 162 34.90 17.49 29.86
CA VAL C 162 34.79 18.90 29.45
C VAL C 162 33.43 19.51 29.79
N LEU C 163 33.46 20.57 30.58
CA LEU C 163 32.26 21.24 31.08
C LEU C 163 32.08 22.60 30.39
N ASP C 164 30.85 22.90 29.97
CA ASP C 164 30.60 24.12 29.20
C ASP C 164 29.63 25.08 29.88
N MET C 165 30.16 26.22 30.32
CA MET C 165 29.34 27.29 30.89
C MET C 165 29.05 28.31 29.80
N ARG C 166 27.98 28.05 29.03
CA ARG C 166 27.69 28.82 27.81
C ARG C 166 27.47 30.31 28.08
N SER C 167 26.74 30.60 29.15
CA SER C 167 26.31 31.95 29.49
C SER C 167 27.45 32.88 29.93
N MET C 168 28.53 32.28 30.41
CA MET C 168 29.75 33.02 30.75
C MET C 168 30.79 32.88 29.66
N ASP C 169 30.58 31.91 28.77
CA ASP C 169 31.55 31.49 27.75
C ASP C 169 32.88 31.03 28.38
N PHE C 170 32.77 29.99 29.19
CA PHE C 170 33.90 29.38 29.88
C PHE C 170 33.79 27.88 29.77
N LYS C 171 34.91 27.23 29.45
CA LYS C 171 34.95 25.78 29.29
C LYS C 171 36.11 25.18 30.10
N SER C 172 35.83 24.13 30.85
CA SER C 172 36.83 23.60 31.77
C SER C 172 36.87 22.08 31.90
N ASN C 173 38.07 21.52 31.81
CA ASN C 173 38.30 20.11 32.07
C ASN C 173 38.25 19.80 33.56
N SER C 174 38.08 18.53 33.89
CA SER C 174 38.01 18.10 35.29
C SER C 174 38.20 16.60 35.41
N ALA C 175 38.90 16.20 36.47
CA ALA C 175 38.98 14.79 36.84
C ALA C 175 38.66 14.66 38.32
N VAL C 176 37.96 13.58 38.67
CA VAL C 176 37.51 13.39 40.03
C VAL C 176 38.13 12.13 40.65
N ALA C 177 38.71 12.29 41.84
CA ALA C 177 39.37 11.20 42.56
C ALA C 177 38.82 11.06 43.97
N TRP C 178 38.45 9.84 44.35
CA TRP C 178 37.95 9.59 45.70
C TRP C 178 38.37 8.25 46.29
N SER C 179 38.34 8.17 47.62
CA SER C 179 38.65 6.93 48.34
C SER C 179 38.03 6.92 49.72
N ASN C 180 37.64 5.73 50.16
CA ASN C 180 37.04 5.56 51.48
C ASN C 180 38.04 5.10 52.54
N LYS C 181 39.33 5.12 52.17
CA LYS C 181 40.39 4.78 53.13
C LYS C 181 41.04 6.02 53.72
N SER C 182 41.45 5.92 54.99
CA SER C 182 42.00 7.03 55.77
C SER C 182 43.31 7.54 55.20
N ASP C 183 44.09 6.62 54.65
CA ASP C 183 45.39 6.94 54.06
C ASP C 183 45.22 7.54 52.66
N PHE C 184 44.40 8.60 52.57
CA PHE C 184 44.11 9.26 51.28
C PHE C 184 43.85 10.76 51.43
N ALA C 185 44.73 11.55 50.80
CA ALA C 185 44.60 13.00 50.75
C ALA C 185 44.89 13.48 49.34
N CYS C 186 44.46 14.70 49.03
CA CYS C 186 44.51 15.25 47.68
C CYS C 186 45.89 15.70 47.26
N ALA C 187 46.73 15.98 48.24
CA ALA C 187 48.12 16.41 48.02
C ALA C 187 48.90 15.43 47.13
N ASN C 188 48.42 14.19 47.03
CA ASN C 188 49.04 13.18 46.20
C ASN C 188 48.07 12.23 45.49
N ALA C 189 46.78 12.57 45.56
CA ALA C 189 45.72 11.77 44.94
C ALA C 189 46.04 11.38 43.51
N PHE C 190 46.53 12.35 42.73
CA PHE C 190 46.67 12.17 41.30
C PHE C 190 48.00 11.54 40.88
N ASN C 191 49.11 12.21 41.16
CA ASN C 191 50.47 11.63 41.12
C ASN C 191 50.86 10.59 40.04
N ASN C 192 49.94 9.67 39.72
CA ASN C 192 50.14 8.75 38.60
C ASN C 192 49.98 9.51 37.29
N SER C 193 49.15 10.55 37.33
CA SER C 193 48.98 11.46 36.21
C SER C 193 50.17 12.42 36.12
N ILE C 194 50.53 12.81 34.90
CA ILE C 194 51.52 13.84 34.69
C ILE C 194 50.83 15.20 34.68
N ILE C 195 50.73 15.81 35.86
CA ILE C 195 50.04 17.10 36.04
C ILE C 195 51.03 18.27 35.97
N PRO C 196 50.56 19.46 35.52
CA PRO C 196 51.43 20.61 35.24
C PRO C 196 52.30 21.01 36.42
N GLU C 197 53.54 21.40 36.14
CA GLU C 197 54.50 21.73 37.19
C GLU C 197 54.00 22.86 38.10
N ASP C 198 53.20 23.76 37.54
CA ASP C 198 52.71 24.94 38.26
C ASP C 198 51.25 24.80 38.73
N THR C 199 50.82 23.58 39.05
CA THR C 199 49.48 23.32 39.56
C THR C 199 49.30 23.88 40.97
N PHE C 200 48.11 24.40 41.26
CA PHE C 200 47.83 25.01 42.56
C PHE C 200 47.26 24.03 43.58
N PHE C 201 47.95 23.90 44.72
CA PHE C 201 47.51 23.09 45.84
C PHE C 201 47.31 23.97 47.06
N PRO C 202 46.07 24.04 47.57
CA PRO C 202 45.77 24.81 48.79
C PRO C 202 45.84 23.96 50.06
N SER C 203 45.79 24.62 51.23
CA SER C 203 45.78 23.90 52.52
C SER C 203 44.87 24.56 53.54
N ALA D 1 6.08 12.84 14.65
CA ALA D 1 7.51 12.76 14.24
C ALA D 1 8.23 11.58 14.90
N ASP D 2 9.20 11.01 14.20
CA ASP D 2 10.24 10.15 14.80
C ASP D 2 9.92 8.65 15.01
N ILE D 3 10.97 7.89 15.34
CA ILE D 3 10.91 6.46 15.68
C ILE D 3 11.28 6.31 17.14
N TYR D 4 10.80 5.25 17.80
CA TYR D 4 10.98 5.10 19.26
C TYR D 4 11.40 3.70 19.71
N GLN D 5 11.97 3.62 20.91
CA GLN D 5 12.33 2.33 21.52
C GLN D 5 12.06 2.28 23.03
N THR D 6 11.76 1.07 23.50
CA THR D 6 11.48 0.80 24.91
C THR D 6 11.93 -0.60 25.25
N PRO D 7 12.64 -0.76 26.38
CA PRO D 7 13.20 0.31 27.21
C PRO D 7 14.64 0.68 26.83
N ARG D 8 15.14 1.81 27.33
CA ARG D 8 16.53 2.22 27.07
C ARG D 8 17.50 1.16 27.54
N TYR D 9 17.23 0.62 28.74
CA TYR D 9 18.04 -0.43 29.32
C TYR D 9 17.15 -1.58 29.78
N LEU D 10 17.68 -2.79 29.73
CA LEU D 10 16.95 -3.95 30.22
C LEU D 10 17.92 -5.00 30.77
N VAL D 11 17.70 -5.36 32.02
CA VAL D 11 18.42 -6.45 32.67
C VAL D 11 17.46 -7.59 32.99
N ILE D 12 17.76 -8.79 32.48
CA ILE D 12 16.90 -9.94 32.68
C ILE D 12 17.70 -11.19 33.05
N GLY D 13 17.07 -12.07 33.83
CA GLY D 13 17.69 -13.31 34.29
C GLY D 13 17.74 -14.35 33.19
N THR D 14 18.88 -15.05 33.11
CA THR D 14 19.13 -16.04 32.05
C THR D 14 18.08 -17.17 32.07
N GLY D 15 17.13 -17.08 31.14
CA GLY D 15 16.06 -18.07 31.04
C GLY D 15 14.71 -17.48 30.67
N LYS D 16 14.45 -16.26 31.12
CA LYS D 16 13.16 -15.61 30.87
C LYS D 16 13.06 -15.04 29.46
N LYS D 17 11.83 -14.73 29.03
CA LYS D 17 11.55 -14.18 27.70
C LYS D 17 11.89 -12.69 27.64
N ILE D 18 12.17 -12.19 26.43
CA ILE D 18 12.54 -10.78 26.23
C ILE D 18 11.73 -10.15 25.09
N THR D 19 10.99 -9.08 25.41
CA THR D 19 10.34 -8.26 24.38
C THR D 19 11.02 -6.89 24.28
N LEU D 20 11.45 -6.53 23.07
CA LEU D 20 11.99 -5.21 22.82
C LEU D 20 11.06 -4.45 21.90
N GLU D 21 10.52 -3.35 22.40
CA GLU D 21 9.52 -2.58 21.67
C GLU D 21 10.11 -1.55 20.71
N CYS D 22 9.55 -1.48 19.49
CA CYS D 22 9.89 -0.43 18.53
C CYS D 22 8.68 0.17 17.80
N SER D 23 8.51 1.49 17.94
CA SER D 23 7.42 2.23 17.33
C SER D 23 7.89 3.22 16.28
N GLN D 24 7.08 3.38 15.22
CA GLN D 24 7.43 4.28 14.13
C GLN D 24 6.17 4.91 13.52
N THR D 25 6.07 6.23 13.61
CA THR D 25 4.91 6.97 13.14
C THR D 25 4.98 7.31 11.65
N MET D 26 6.21 7.54 11.17
CA MET D 26 6.51 8.09 9.84
C MET D 26 5.78 7.46 8.66
N GLY D 27 5.16 6.31 8.88
CA GLY D 27 4.48 5.60 7.82
C GLY D 27 5.44 4.82 6.96
N HIS D 28 6.72 4.83 7.34
CA HIS D 28 7.76 4.08 6.64
C HIS D 28 7.36 2.62 6.49
N ASP D 29 7.78 2.01 5.40
CA ASP D 29 7.47 0.61 5.17
C ASP D 29 8.63 -0.29 5.55
N LYS D 30 9.83 -0.02 5.03
CA LYS D 30 10.99 -0.87 5.33
C LYS D 30 11.57 -0.54 6.69
N MET D 31 11.84 -1.58 7.48
CA MET D 31 12.34 -1.45 8.84
C MET D 31 13.44 -2.46 9.18
N TYR D 32 14.42 -2.03 9.95
CA TYR D 32 15.59 -2.85 10.27
C TYR D 32 15.72 -3.13 11.78
N TRP D 33 16.38 -4.25 12.10
CA TRP D 33 16.89 -4.50 13.44
C TRP D 33 18.40 -4.75 13.38
N TYR D 34 19.15 -3.99 14.18
CA TYR D 34 20.61 -4.09 14.25
C TYR D 34 21.10 -4.43 15.66
N GLN D 35 22.23 -5.14 15.73
CA GLN D 35 22.89 -5.48 16.99
C GLN D 35 24.28 -4.88 16.99
N GLN D 36 24.73 -4.40 18.14
CA GLN D 36 26.06 -3.79 18.23
C GLN D 36 26.76 -4.04 19.56
N ASP D 37 27.80 -4.87 19.52
CA ASP D 37 28.66 -5.09 20.68
C ASP D 37 29.57 -3.87 20.86
N PRO D 38 29.74 -3.41 22.12
CA PRO D 38 30.62 -2.28 22.42
C PRO D 38 31.89 -2.28 21.57
N GLY D 39 31.99 -1.31 20.66
CA GLY D 39 33.18 -1.17 19.82
C GLY D 39 33.01 -1.65 18.39
N MET D 40 32.44 -2.85 18.23
CA MET D 40 32.27 -3.48 16.91
C MET D 40 31.28 -2.76 15.99
N GLU D 41 31.33 -3.12 14.71
CA GLU D 41 30.43 -2.58 13.68
C GLU D 41 28.99 -3.01 13.91
N LEU D 42 28.09 -2.56 13.03
CA LEU D 42 26.68 -2.95 13.09
C LEU D 42 26.43 -4.21 12.28
N HIS D 43 25.70 -5.15 12.88
CA HIS D 43 25.26 -6.34 12.18
C HIS D 43 23.75 -6.31 12.04
N LEU D 44 23.27 -6.46 10.81
CA LEU D 44 21.84 -6.50 10.52
C LEU D 44 21.30 -7.88 10.88
N ILE D 45 20.27 -7.93 11.73
CA ILE D 45 19.70 -9.22 12.15
C ILE D 45 18.37 -9.56 11.49
N HIS D 46 17.48 -8.57 11.42
CA HIS D 46 16.16 -8.75 10.83
C HIS D 46 15.75 -7.51 10.06
N TYR D 47 14.93 -7.70 9.04
CA TYR D 47 14.39 -6.58 8.29
C TYR D 47 13.02 -6.92 7.73
N SER D 48 12.17 -5.91 7.68
CA SER D 48 10.81 -6.06 7.19
C SER D 48 10.49 -5.08 6.07
N TYR D 49 9.87 -5.58 5.00
CA TYR D 49 9.47 -4.71 3.89
C TYR D 49 8.16 -3.99 4.20
N GLY D 50 7.58 -4.34 5.35
CA GLY D 50 6.41 -3.65 5.88
C GLY D 50 5.30 -4.60 6.20
N VAL D 51 4.09 -4.19 5.84
CA VAL D 51 2.93 -5.07 5.68
C VAL D 51 2.83 -6.28 6.64
N ASN D 52 3.32 -7.44 6.19
CA ASN D 52 3.27 -8.69 6.95
C ASN D 52 4.56 -9.50 6.76
N SER D 53 5.67 -8.79 6.51
CA SER D 53 6.92 -9.37 6.03
C SER D 53 8.06 -9.27 7.05
N THR D 54 8.68 -10.41 7.37
CA THR D 54 9.79 -10.46 8.31
C THR D 54 10.87 -11.43 7.82
N GLU D 55 12.08 -10.92 7.62
CA GLU D 55 13.18 -11.73 7.08
C GLU D 55 14.43 -11.67 7.95
N LYS D 56 15.23 -12.74 7.91
CA LYS D 56 16.52 -12.80 8.62
C LYS D 56 17.56 -11.96 7.88
N GLY D 57 18.61 -11.54 8.60
CA GLY D 57 19.68 -10.75 8.02
C GLY D 57 21.00 -11.50 7.87
N ASP D 58 22.08 -10.76 7.67
CA ASP D 58 23.43 -11.33 7.52
C ASP D 58 24.06 -11.87 8.83
N LEU D 59 23.33 -11.74 9.94
CA LEU D 59 23.73 -12.39 11.20
C LEU D 59 22.69 -13.42 11.61
N SER D 60 23.15 -14.64 11.91
CA SER D 60 22.27 -15.75 12.26
C SER D 60 22.03 -15.84 13.76
N SER D 61 21.14 -15.00 14.27
CA SER D 61 20.87 -14.91 15.71
C SER D 61 19.74 -15.83 16.19
N GLU D 62 19.29 -15.61 17.43
CA GLU D 62 18.27 -16.43 18.07
C GLU D 62 16.90 -15.76 18.13
N SER D 63 16.88 -14.46 17.88
CA SER D 63 15.68 -13.65 17.99
C SER D 63 14.71 -13.85 16.83
N THR D 64 13.43 -13.58 17.09
CA THR D 64 12.39 -13.54 16.08
C THR D 64 11.74 -12.18 16.14
N VAL D 65 11.37 -11.64 14.98
CA VAL D 65 10.61 -10.41 14.90
C VAL D 65 9.25 -10.67 14.25
N SER D 66 8.27 -9.83 14.56
CA SER D 66 7.00 -9.89 13.86
C SER D 66 6.54 -8.48 13.50
N ARG D 67 5.66 -8.39 12.51
CA ARG D 67 5.19 -7.13 11.95
C ARG D 67 3.73 -7.27 11.55
N ILE D 68 2.84 -7.02 12.52
CA ILE D 68 1.41 -7.20 12.32
C ILE D 68 0.73 -5.84 12.12
N ARG D 69 1.45 -4.77 12.48
CA ARG D 69 1.01 -3.40 12.30
C ARG D 69 2.21 -2.63 11.75
N THR D 70 1.99 -1.75 10.78
CA THR D 70 3.07 -0.92 10.22
C THR D 70 3.92 -0.31 11.34
N GLU D 71 3.23 0.30 12.30
CA GLU D 71 3.84 1.12 13.36
C GLU D 71 4.74 0.35 14.33
N HIS D 72 4.64 -0.97 14.36
CA HIS D 72 5.28 -1.78 15.40
C HIS D 72 6.13 -2.91 14.86
N PHE D 73 7.33 -3.04 15.43
CA PHE D 73 8.28 -4.05 14.98
C PHE D 73 9.01 -4.73 16.17
N PRO D 74 8.24 -5.42 17.04
CA PRO D 74 8.81 -5.96 18.27
C PRO D 74 9.77 -7.13 18.03
N LEU D 75 10.94 -7.06 18.67
CA LEU D 75 11.91 -8.14 18.65
C LEU D 75 11.73 -8.97 19.90
N THR D 76 11.63 -10.28 19.72
CA THR D 76 11.41 -11.19 20.82
C THR D 76 12.55 -12.19 20.90
N LEU D 77 13.10 -12.32 22.12
CA LEU D 77 14.18 -13.25 22.38
C LEU D 77 13.73 -14.27 23.42
N GLU D 78 13.73 -15.55 23.04
CA GLU D 78 13.11 -16.58 23.85
C GLU D 78 13.96 -17.13 24.99
N SER D 79 15.19 -17.53 24.67
CA SER D 79 16.04 -18.21 25.65
C SER D 79 16.67 -17.24 26.65
N ALA D 80 17.38 -16.22 26.14
CA ALA D 80 18.10 -15.23 26.95
C ALA D 80 19.34 -15.79 27.65
N ARG D 81 20.50 -15.41 27.13
CA ARG D 81 21.79 -15.87 27.65
C ARG D 81 22.83 -14.73 27.60
N PRO D 82 23.95 -14.88 28.36
CA PRO D 82 25.02 -13.88 28.38
C PRO D 82 25.48 -13.43 26.99
N SER D 83 25.39 -14.35 26.03
CA SER D 83 25.80 -14.09 24.66
C SER D 83 24.92 -13.06 23.96
N HIS D 84 23.77 -12.74 24.57
CA HIS D 84 22.82 -11.77 24.03
C HIS D 84 23.02 -10.34 24.55
N THR D 85 23.96 -10.17 25.48
CA THR D 85 24.24 -8.85 26.06
C THR D 85 24.86 -7.91 25.01
N SER D 86 24.03 -7.00 24.51
CA SER D 86 24.45 -6.05 23.48
C SER D 86 23.61 -4.77 23.55
N GLN D 87 23.81 -3.89 22.59
CA GLN D 87 22.88 -2.81 22.34
C GLN D 87 22.11 -3.20 21.08
N TYR D 88 20.81 -2.89 21.06
CA TYR D 88 19.93 -3.30 19.96
C TYR D 88 19.25 -2.09 19.35
N LEU D 89 19.41 -1.88 18.05
CA LEU D 89 18.98 -0.64 17.42
C LEU D 89 17.93 -0.85 16.33
N CYS D 90 16.79 -0.18 16.52
CA CYS D 90 15.68 -0.20 15.56
C CYS D 90 15.83 0.92 14.53
N ALA D 91 15.43 0.65 13.29
CA ALA D 91 15.51 1.66 12.23
C ALA D 91 14.47 1.47 11.13
N SER D 92 14.30 2.51 10.32
CA SER D 92 13.34 2.51 9.22
C SER D 92 13.79 3.44 8.11
N SER D 93 13.66 3.00 6.87
CA SER D 93 13.86 3.88 5.72
C SER D 93 12.52 4.26 5.07
N GLY D 94 12.49 5.41 4.41
CA GLY D 94 11.28 5.95 3.81
C GLY D 94 11.51 7.38 3.36
N LEU D 95 10.87 7.76 2.26
CA LEU D 95 11.06 9.07 1.63
C LEU D 95 10.82 10.23 2.60
N ARG D 96 11.75 11.19 2.58
CA ARG D 96 11.58 12.45 3.28
C ARG D 96 11.30 13.59 2.29
N ASP D 97 12.10 13.66 1.22
CA ASP D 97 11.91 14.71 0.22
C ASP D 97 12.42 14.33 -1.17
N ARG D 98 13.66 14.72 -1.47
CA ARG D 98 14.25 14.72 -2.82
C ARG D 98 14.05 13.41 -3.60
N GLY D 99 14.39 12.27 -3.00
CA GLY D 99 14.24 10.99 -3.70
C GLY D 99 14.77 9.74 -3.04
N LEU D 100 15.98 9.83 -2.48
CA LEU D 100 16.69 8.65 -1.95
C LEU D 100 16.28 8.37 -0.51
N TYR D 101 15.91 7.13 -0.25
CA TYR D 101 15.30 6.74 1.03
C TYR D 101 16.27 6.72 2.20
N GLU D 102 16.32 7.84 2.91
CA GLU D 102 17.12 7.99 4.13
C GLU D 102 16.76 6.92 5.16
N GLN D 103 17.70 6.67 6.07
CA GLN D 103 17.52 5.67 7.12
C GLN D 103 17.50 6.37 8.49
N TYR D 104 16.47 6.08 9.28
CA TYR D 104 16.28 6.72 10.59
C TYR D 104 16.33 5.72 11.74
N PHE D 105 17.16 6.01 12.75
CA PHE D 105 17.44 5.05 13.82
C PHE D 105 16.79 5.42 15.14
N GLY D 106 16.51 4.40 15.96
CA GLY D 106 15.95 4.61 17.29
C GLY D 106 17.00 5.02 18.28
N PRO D 107 16.62 5.21 19.55
CA PRO D 107 17.62 5.50 20.57
C PRO D 107 18.34 4.23 21.05
N GLY D 108 17.76 3.05 20.77
CA GLY D 108 18.39 1.77 21.12
C GLY D 108 18.07 1.21 22.50
N THR D 109 18.25 -0.10 22.65
CA THR D 109 18.09 -0.77 23.93
C THR D 109 19.37 -1.49 24.30
N ARG D 110 19.94 -1.13 25.44
CA ARG D 110 21.10 -1.82 25.95
C ARG D 110 20.60 -2.96 26.83
N LEU D 111 20.78 -4.19 26.34
CA LEU D 111 20.42 -5.37 27.11
C LEU D 111 21.60 -5.83 27.92
N THR D 112 21.32 -6.43 29.07
CA THR D 112 22.35 -7.13 29.86
C THR D 112 21.71 -8.36 30.50
N VAL D 113 22.20 -9.54 30.13
CA VAL D 113 21.68 -10.81 30.66
C VAL D 113 22.65 -11.35 31.69
N THR D 114 22.18 -11.44 32.94
CA THR D 114 23.00 -11.91 34.06
C THR D 114 22.66 -13.35 34.45
N GLU D 115 23.66 -14.04 35.01
CA GLU D 115 23.52 -15.44 35.42
C GLU D 115 22.54 -15.59 36.58
N ASP D 116 22.62 -14.67 37.52
CA ASP D 116 21.66 -14.57 38.63
C ASP D 116 21.32 -13.11 38.93
N LEU D 117 20.08 -12.88 39.33
CA LEU D 117 19.59 -11.52 39.54
C LEU D 117 20.21 -10.82 40.74
N LYS D 118 20.65 -11.57 41.74
CA LYS D 118 21.24 -10.99 42.96
C LYS D 118 22.57 -10.29 42.69
N ASN D 119 22.95 -10.20 41.41
CA ASN D 119 24.08 -9.39 40.97
C ASN D 119 23.69 -7.93 40.87
N VAL D 120 22.39 -7.69 40.67
CA VAL D 120 21.85 -6.34 40.52
C VAL D 120 21.91 -5.57 41.84
N PHE D 121 22.48 -4.37 41.78
CA PHE D 121 22.47 -3.44 42.90
C PHE D 121 22.09 -2.05 42.39
N PRO D 122 21.29 -1.28 43.16
CA PRO D 122 20.98 0.10 42.80
C PRO D 122 22.17 1.03 43.09
N PRO D 123 22.12 2.29 42.63
CA PRO D 123 23.22 3.19 42.94
C PRO D 123 22.98 3.99 44.21
N GLU D 124 23.97 4.01 45.10
CA GLU D 124 23.98 4.98 46.20
C GLU D 124 24.50 6.32 45.66
N VAL D 125 23.92 7.42 46.12
CA VAL D 125 24.25 8.72 45.56
C VAL D 125 24.62 9.73 46.63
N ALA D 126 25.78 10.36 46.46
CA ALA D 126 26.17 11.48 47.29
C ALA D 126 26.46 12.74 46.45
N VAL D 127 26.24 13.91 47.07
CA VAL D 127 26.66 15.18 46.51
C VAL D 127 27.78 15.75 47.37
N PHE D 128 28.77 16.35 46.70
CA PHE D 128 29.92 16.94 47.38
C PHE D 128 30.03 18.41 47.04
N GLU D 129 30.18 19.23 48.08
CA GLU D 129 30.09 20.68 47.97
C GLU D 129 31.41 21.35 47.61
N PRO D 130 31.36 22.45 46.82
CA PRO D 130 32.56 23.15 46.35
C PRO D 130 33.46 23.58 47.49
N SER D 131 34.77 23.60 47.27
CA SER D 131 35.72 23.97 48.33
C SER D 131 35.76 25.48 48.50
N GLU D 132 36.06 25.91 49.73
CA GLU D 132 36.30 27.33 50.01
C GLU D 132 37.43 27.84 49.11
N ALA D 133 38.45 26.99 48.92
CA ALA D 133 39.61 27.29 48.08
C ALA D 133 39.27 27.70 46.66
N GLU D 134 38.43 26.89 46.00
CA GLU D 134 38.04 27.13 44.60
C GLU D 134 37.31 28.46 44.43
N ILE D 135 36.38 28.73 45.35
CA ILE D 135 35.55 29.93 45.30
C ILE D 135 36.37 31.23 45.32
N SER D 136 37.38 31.29 46.19
CA SER D 136 38.17 32.52 46.34
C SER D 136 39.32 32.62 45.33
N HIS D 137 39.48 31.60 44.50
CA HIS D 137 40.54 31.58 43.51
C HIS D 137 40.02 31.89 42.11
N THR D 138 39.00 31.14 41.70
CA THR D 138 38.45 31.22 40.34
C THR D 138 37.17 32.03 40.28
N GLN D 139 36.63 32.38 41.45
CA GLN D 139 35.33 33.05 41.60
C GLN D 139 34.20 32.15 41.06
N LYS D 140 34.42 30.83 41.18
CA LYS D 140 33.46 29.82 40.73
C LYS D 140 33.34 28.70 41.76
N ALA D 141 32.33 27.85 41.58
CA ALA D 141 32.05 26.75 42.51
C ALA D 141 31.60 25.51 41.76
N THR D 142 32.14 24.35 42.12
CA THR D 142 31.85 23.12 41.39
C THR D 142 31.33 22.00 42.30
N LEU D 143 30.04 21.73 42.21
CA LEU D 143 29.47 20.56 42.89
C LEU D 143 29.84 19.28 42.12
N VAL D 144 30.19 18.22 42.85
CA VAL D 144 30.44 16.92 42.23
C VAL D 144 29.46 15.89 42.76
N CYS D 145 29.00 15.00 41.89
CA CYS D 145 28.02 13.99 42.26
C CYS D 145 28.54 12.59 42.01
N LEU D 146 28.48 11.76 43.05
CA LEU D 146 29.00 10.39 42.97
C LEU D 146 27.89 9.35 43.03
N ALA D 147 27.76 8.60 41.95
CA ALA D 147 26.88 7.44 41.91
C ALA D 147 27.75 6.20 42.04
N THR D 148 27.62 5.50 43.16
CA THR D 148 28.50 4.38 43.49
C THR D 148 27.77 3.06 43.77
N GLY D 149 28.38 1.97 43.28
CA GLY D 149 27.96 0.60 43.61
C GLY D 149 26.77 0.05 42.85
N PHE D 150 26.57 0.50 41.61
CA PHE D 150 25.42 0.03 40.83
C PHE D 150 25.77 -1.01 39.77
N TYR D 151 25.04 -2.12 39.77
CA TYR D 151 25.09 -3.09 38.67
C TYR D 151 23.66 -3.39 38.21
N PRO D 152 23.40 -3.35 36.90
CA PRO D 152 24.38 -3.15 35.83
C PRO D 152 24.60 -1.67 35.52
N ASP D 153 25.50 -1.39 34.57
CA ASP D 153 25.72 -0.04 34.07
C ASP D 153 24.45 0.49 33.36
N HIS D 154 23.40 0.67 34.13
CA HIS D 154 22.09 1.07 33.60
C HIS D 154 21.65 2.31 34.38
N VAL D 155 22.03 3.48 33.89
CA VAL D 155 21.88 4.72 34.65
C VAL D 155 21.72 5.94 33.74
N GLU D 156 20.96 6.92 34.24
CA GLU D 156 20.88 8.25 33.65
C GLU D 156 20.99 9.27 34.77
N LEU D 157 22.14 9.93 34.84
CA LEU D 157 22.35 10.98 35.84
C LEU D 157 21.87 12.33 35.29
N SER D 158 21.24 13.13 36.15
CA SER D 158 20.81 14.47 35.78
C SER D 158 20.93 15.45 36.93
N TRP D 159 21.19 16.70 36.60
CA TRP D 159 21.35 17.76 37.60
C TRP D 159 20.13 18.64 37.65
N TRP D 160 19.67 18.94 38.88
CA TRP D 160 18.45 19.71 39.08
C TRP D 160 18.64 20.93 39.97
N VAL D 161 18.51 22.11 39.37
CA VAL D 161 18.60 23.38 40.11
C VAL D 161 17.25 24.08 40.18
N ASN D 162 16.76 24.25 41.40
CA ASN D 162 15.46 24.87 41.71
C ASN D 162 14.27 24.11 41.13
N GLY D 163 14.42 22.80 40.99
CA GLY D 163 13.34 21.92 40.56
C GLY D 163 13.23 21.76 39.05
N LYS D 164 14.12 22.42 38.31
CA LYS D 164 14.18 22.30 36.85
C LYS D 164 15.51 21.67 36.45
N GLU D 165 15.48 20.85 35.40
CA GLU D 165 16.71 20.20 34.91
C GLU D 165 17.60 21.20 34.19
N VAL D 166 18.89 21.10 34.45
CA VAL D 166 19.86 22.03 33.89
C VAL D 166 20.88 21.28 33.05
N HIS D 167 21.55 21.99 32.15
CA HIS D 167 22.50 21.37 31.24
C HIS D 167 23.80 22.15 31.13
N SER D 168 23.71 23.48 31.10
CA SER D 168 24.89 24.34 31.13
C SER D 168 25.72 24.11 32.38
N GLY D 169 27.03 24.01 32.20
CA GLY D 169 27.97 23.84 33.30
C GLY D 169 28.00 22.46 33.89
N VAL D 170 27.54 21.47 33.13
CA VAL D 170 27.46 20.07 33.62
C VAL D 170 28.39 19.13 32.84
N CYS D 171 29.02 18.19 33.57
CA CYS D 171 29.80 17.12 32.95
C CYS D 171 29.49 15.82 33.64
N THR D 172 29.23 14.79 32.84
CA THR D 172 29.05 13.44 33.35
C THR D 172 29.87 12.50 32.47
N ASP D 173 30.58 11.57 33.12
CA ASP D 173 31.53 10.69 32.43
C ASP D 173 30.86 9.86 31.34
N PRO D 174 31.44 9.87 30.13
CA PRO D 174 30.97 8.96 29.10
C PRO D 174 31.08 7.51 29.57
N GLN D 175 32.20 7.19 30.23
CA GLN D 175 32.50 5.82 30.67
C GLN D 175 32.31 5.64 32.18
N PRO D 176 31.37 4.76 32.57
CA PRO D 176 31.22 4.40 33.96
C PRO D 176 32.42 3.57 34.40
N LEU D 177 33.05 4.00 35.48
CA LEU D 177 34.24 3.40 36.02
C LEU D 177 33.92 2.18 36.87
N LYS D 178 34.63 1.07 36.63
CA LYS D 178 34.40 -0.18 37.36
C LYS D 178 34.96 -0.16 38.78
N GLU D 179 34.14 -0.54 39.75
CA GLU D 179 34.55 -0.62 41.17
C GLU D 179 35.62 -1.70 41.39
N GLN D 180 35.39 -2.89 40.84
CA GLN D 180 36.25 -4.05 41.05
C GLN D 180 36.71 -4.62 39.70
N PRO D 181 37.69 -3.98 39.05
CA PRO D 181 38.09 -4.24 37.66
C PRO D 181 38.54 -5.68 37.36
N ALA D 182 39.21 -6.31 38.32
CA ALA D 182 39.74 -7.66 38.12
C ALA D 182 38.68 -8.75 38.24
N LEU D 183 37.51 -8.39 38.77
CA LEU D 183 36.38 -9.31 38.89
C LEU D 183 35.47 -9.25 37.66
N ASN D 184 34.78 -10.35 37.40
CA ASN D 184 33.99 -10.51 36.17
C ASN D 184 32.60 -9.88 36.21
N ASP D 185 32.08 -9.61 37.40
CA ASP D 185 30.72 -9.09 37.54
C ASP D 185 30.62 -7.83 38.42
N SER D 186 31.64 -7.00 38.33
CA SER D 186 31.78 -5.82 39.18
C SER D 186 30.65 -4.80 39.04
N ARG D 187 30.30 -4.16 40.17
CA ARG D 187 29.41 -3.00 40.19
C ARG D 187 30.17 -1.79 39.67
N TYR D 188 29.45 -0.70 39.45
CA TYR D 188 29.99 0.47 38.74
C TYR D 188 30.00 1.76 39.56
N ALA D 189 30.76 2.73 39.09
CA ALA D 189 30.80 4.07 39.66
C ALA D 189 30.58 5.10 38.55
N LEU D 190 30.09 6.28 38.89
CA LEU D 190 29.85 7.32 37.89
C LEU D 190 29.88 8.71 38.52
N SER D 191 30.70 9.59 37.96
CA SER D 191 30.85 10.93 38.49
C SER D 191 30.33 12.00 37.53
N SER D 192 29.89 13.11 38.12
CA SER D 192 29.37 14.26 37.39
C SER D 192 29.72 15.55 38.13
N ARG D 193 29.83 16.65 37.40
CA ARG D 193 30.12 17.95 38.00
C ARG D 193 29.24 19.03 37.42
N LEU D 194 28.52 19.72 38.29
CA LEU D 194 27.85 20.96 37.91
C LEU D 194 28.64 22.12 38.49
N ARG D 195 29.05 23.03 37.61
CA ARG D 195 29.80 24.23 38.00
C ARG D 195 29.00 25.51 37.78
N VAL D 196 28.96 26.34 38.82
CA VAL D 196 28.21 27.60 38.80
C VAL D 196 29.04 28.73 39.40
N SER D 197 28.60 29.97 39.23
CA SER D 197 29.32 31.14 39.75
C SER D 197 29.37 31.13 41.28
N ALA D 198 30.40 31.75 41.83
CA ALA D 198 30.57 31.84 43.29
C ALA D 198 29.35 32.51 43.95
N THR D 199 28.86 33.57 43.31
CA THR D 199 27.67 34.28 43.80
C THR D 199 26.46 33.34 43.87
N PHE D 200 26.26 32.56 42.81
CA PHE D 200 25.11 31.66 42.70
C PHE D 200 25.08 30.57 43.76
N TRP D 201 26.25 30.08 44.14
CA TRP D 201 26.36 29.09 45.20
C TRP D 201 26.07 29.70 46.58
N GLN D 202 26.30 31.01 46.71
CA GLN D 202 26.19 31.67 48.00
C GLN D 202 24.78 32.11 48.39
N ASN D 203 23.84 32.01 47.44
CA ASN D 203 22.45 32.32 47.70
C ASN D 203 21.71 31.12 48.31
N PRO D 204 21.19 31.26 49.55
CA PRO D 204 20.51 30.16 50.23
C PRO D 204 19.18 29.73 49.59
N ARG D 205 18.63 30.57 48.71
CA ARG D 205 17.40 30.23 47.97
C ARG D 205 17.68 29.14 46.93
N ASN D 206 18.88 29.17 46.36
CA ASN D 206 19.26 28.25 45.28
C ASN D 206 19.49 26.83 45.74
N HIS D 207 18.72 25.91 45.16
CA HIS D 207 18.72 24.52 45.56
C HIS D 207 19.24 23.62 44.45
N PHE D 208 20.27 22.84 44.79
CA PHE D 208 20.89 21.90 43.85
C PHE D 208 20.58 20.47 44.26
N ARG D 209 20.22 19.64 43.29
CA ARG D 209 19.98 18.22 43.50
C ARG D 209 20.57 17.40 42.36
N CYS D 210 21.19 16.28 42.72
CA CYS D 210 21.70 15.32 41.75
C CYS D 210 20.84 14.07 41.77
N GLN D 211 20.31 13.67 40.61
CA GLN D 211 19.48 12.47 40.56
C GLN D 211 19.88 11.47 39.47
N VAL D 212 19.84 10.19 39.85
CA VAL D 212 20.27 9.12 38.99
C VAL D 212 19.07 8.21 38.76
N GLN D 213 18.67 8.09 37.49
CA GLN D 213 17.60 7.17 37.10
C GLN D 213 18.20 5.79 36.86
N PHE D 214 18.05 4.90 37.84
CA PHE D 214 18.56 3.55 37.74
C PHE D 214 17.52 2.62 37.11
N TYR D 215 17.94 1.84 36.13
CA TYR D 215 17.07 0.87 35.48
C TYR D 215 17.33 -0.51 36.06
N GLY D 216 16.37 -1.00 36.83
CA GLY D 216 16.50 -2.27 37.54
C GLY D 216 15.46 -3.31 37.16
N LEU D 217 14.92 -3.97 38.17
CA LEU D 217 13.99 -5.08 37.97
C LEU D 217 12.55 -4.61 37.90
N SER D 218 11.74 -5.37 37.19
CA SER D 218 10.30 -5.16 37.19
C SER D 218 9.73 -5.76 38.48
N GLU D 219 8.66 -5.16 39.01
CA GLU D 219 7.97 -5.68 40.19
C GLU D 219 7.24 -7.01 39.89
N ASN D 220 7.69 -7.70 38.86
CA ASN D 220 7.17 -9.00 38.47
C ASN D 220 8.20 -10.11 38.66
N ASP D 221 9.48 -9.73 38.66
CA ASP D 221 10.61 -10.68 38.76
C ASP D 221 10.74 -11.34 40.14
N GLU D 222 11.38 -12.51 40.16
CA GLU D 222 11.57 -13.32 41.38
C GLU D 222 12.60 -12.72 42.33
N TRP D 223 12.31 -12.77 43.63
CA TRP D 223 13.20 -12.17 44.63
C TRP D 223 13.07 -12.82 46.01
N THR D 224 14.15 -13.46 46.47
CA THR D 224 14.17 -14.10 47.79
C THR D 224 15.24 -13.54 48.74
N GLN D 225 15.97 -12.51 48.30
CA GLN D 225 17.04 -11.92 49.10
C GLN D 225 16.55 -11.15 50.32
N ASP D 226 17.44 -10.98 51.30
CA ASP D 226 17.14 -10.22 52.53
C ASP D 226 16.98 -8.73 52.25
N ARG D 227 17.87 -8.18 51.43
CA ARG D 227 17.84 -6.75 51.06
C ARG D 227 16.64 -6.38 50.21
N ALA D 228 16.51 -5.09 49.93
CA ALA D 228 15.37 -4.56 49.17
C ALA D 228 15.50 -4.88 47.69
N LYS D 229 14.40 -5.32 47.09
CA LYS D 229 14.37 -5.61 45.65
C LYS D 229 14.83 -4.38 44.87
N PRO D 230 15.89 -4.54 44.05
CA PRO D 230 16.47 -3.42 43.33
C PRO D 230 15.70 -3.16 42.05
N VAL D 231 14.63 -2.40 42.18
CA VAL D 231 13.74 -2.07 41.08
C VAL D 231 14.21 -0.83 40.32
N THR D 232 13.54 -0.54 39.19
CA THR D 232 13.74 0.71 38.48
C THR D 232 13.34 1.83 39.44
N GLN D 233 14.19 2.86 39.53
CA GLN D 233 14.05 3.91 40.54
C GLN D 233 15.00 5.08 40.33
N ILE D 234 14.62 6.23 40.89
CA ILE D 234 15.48 7.41 40.92
C ILE D 234 16.13 7.47 42.29
N VAL D 235 17.44 7.75 42.32
CA VAL D 235 18.14 7.97 43.60
C VAL D 235 18.70 9.39 43.62
N SER D 236 18.55 10.07 44.76
CA SER D 236 18.83 11.50 44.85
C SER D 236 19.66 11.88 46.05
N ALA D 237 20.46 12.92 45.85
CA ALA D 237 21.13 13.62 46.93
C ALA D 237 21.11 15.12 46.58
N GLU D 238 21.03 15.97 47.60
CA GLU D 238 20.89 17.40 47.36
C GLU D 238 21.81 18.27 48.22
N ALA D 239 21.72 19.58 48.02
CA ALA D 239 22.55 20.55 48.73
C ALA D 239 21.90 21.93 48.68
N TRP D 240 22.00 22.68 49.78
CA TRP D 240 21.52 24.04 49.81
C TRP D 240 22.66 25.05 49.68
N GLY D 241 22.38 26.17 49.03
CA GLY D 241 23.35 27.24 48.84
C GLY D 241 23.94 27.77 50.15
N ARG D 242 25.20 27.45 50.39
CA ARG D 242 25.90 27.84 51.63
C ARG D 242 26.31 29.30 51.57
N ALA D 243 26.12 30.00 52.68
CA ALA D 243 26.34 31.45 52.76
C ALA D 243 27.82 31.86 52.70
N ASP D 244 28.72 30.87 52.67
CA ASP D 244 30.18 31.08 52.64
C ASP D 244 30.70 31.90 53.82
N ARG E 1 -12.41 -27.36 31.72
CA ARG E 1 -13.89 -27.43 31.54
C ARG E 1 -14.39 -26.60 30.35
N LEU E 2 -15.30 -27.21 29.58
CA LEU E 2 -16.13 -26.48 28.63
C LEU E 2 -17.14 -25.64 29.46
N PHE E 3 -18.08 -24.91 28.85
CA PHE E 3 -18.42 -24.99 27.44
C PHE E 3 -18.04 -23.69 26.73
N PRO E 4 -17.40 -23.79 25.56
CA PRO E 4 -17.11 -22.62 24.76
C PRO E 4 -18.26 -22.27 23.83
N LEU E 5 -18.51 -20.99 23.64
CA LEU E 5 -19.55 -20.55 22.70
C LEU E 5 -18.92 -20.27 21.35
N ARG E 6 -19.48 -20.88 20.31
CA ARG E 6 -18.99 -20.66 18.97
C ARG E 6 -20.13 -20.20 18.09
N CYS E 7 -20.00 -18.98 17.59
CA CYS E 7 -20.98 -18.40 16.69
C CYS E 7 -20.40 -18.44 15.29
N LEU E 8 -20.95 -19.32 14.46
CA LEU E 8 -20.41 -19.62 13.15
C LEU E 8 -21.24 -18.96 12.07
N GLN E 9 -20.59 -18.54 10.99
CA GLN E 9 -21.25 -17.86 9.89
C GLN E 9 -20.72 -18.38 8.58
N ILE E 10 -21.62 -18.83 7.72
CA ILE E 10 -21.25 -19.23 6.38
C ILE E 10 -21.83 -18.24 5.39
N SER E 11 -20.96 -17.44 4.78
CA SER E 11 -21.35 -16.52 3.73
C SER E 11 -20.85 -17.02 2.38
N SER E 12 -21.75 -17.05 1.41
CA SER E 12 -21.47 -17.61 0.11
C SER E 12 -21.90 -16.69 -1.02
N PHE E 13 -20.99 -16.48 -1.98
CA PHE E 13 -21.20 -15.55 -3.07
C PHE E 13 -20.91 -16.25 -4.39
N ALA E 14 -21.95 -16.83 -4.99
CA ALA E 14 -21.81 -17.56 -6.26
C ALA E 14 -21.41 -16.64 -7.40
N ASN E 15 -21.96 -15.43 -7.38
CA ASN E 15 -21.54 -14.35 -8.26
C ASN E 15 -21.90 -13.02 -7.62
N SER E 16 -21.75 -11.92 -8.37
CA SER E 16 -21.97 -10.58 -7.81
C SER E 16 -23.43 -10.34 -7.42
N SER E 17 -24.32 -11.19 -7.94
CA SER E 17 -25.77 -11.01 -7.77
C SER E 17 -26.51 -12.09 -6.96
N TRP E 18 -25.79 -13.10 -6.46
CA TRP E 18 -26.40 -14.17 -5.65
C TRP E 18 -25.59 -14.45 -4.39
N THR E 19 -26.21 -14.21 -3.23
CA THR E 19 -25.54 -14.38 -1.93
C THR E 19 -26.42 -15.10 -0.93
N ARG E 20 -25.81 -15.96 -0.13
CA ARG E 20 -26.50 -16.63 0.96
C ARG E 20 -25.63 -16.62 2.22
N THR E 21 -26.11 -15.96 3.28
CA THR E 21 -25.36 -15.97 4.54
C THR E 21 -26.18 -16.61 5.66
N ASP E 22 -25.66 -17.73 6.16
CA ASP E 22 -26.32 -18.49 7.21
C ASP E 22 -25.38 -18.68 8.39
N GLY E 23 -25.94 -18.61 9.60
CA GLY E 23 -25.16 -18.76 10.81
C GLY E 23 -25.77 -19.70 11.83
N LEU E 24 -24.97 -20.06 12.83
CA LEU E 24 -25.44 -20.83 13.98
C LEU E 24 -24.54 -20.65 15.20
N ALA E 25 -24.93 -21.25 16.31
CA ALA E 25 -24.21 -21.10 17.57
C ALA E 25 -24.19 -22.37 18.40
N TRP E 26 -23.00 -22.79 18.79
CA TRP E 26 -22.84 -23.96 19.62
C TRP E 26 -22.36 -23.52 20.99
N LEU E 27 -22.94 -24.12 22.01
CA LEU E 27 -22.41 -24.02 23.36
C LEU E 27 -21.77 -25.37 23.69
N GLY E 28 -20.47 -25.46 23.46
CA GLY E 28 -19.78 -26.73 23.54
C GLY E 28 -20.34 -27.70 22.51
N GLU E 29 -20.98 -28.75 23.01
CA GLU E 29 -21.50 -29.82 22.19
C GLU E 29 -22.82 -29.44 21.49
N LEU E 30 -23.66 -28.69 22.18
CA LEU E 30 -25.03 -28.44 21.75
C LEU E 30 -25.18 -27.27 20.81
N GLN E 31 -26.23 -27.31 19.99
CA GLN E 31 -26.55 -26.20 19.09
C GLN E 31 -27.67 -25.35 19.70
N THR E 32 -27.33 -24.13 20.11
CA THR E 32 -28.30 -23.25 20.79
C THR E 32 -29.08 -22.30 19.88
N HIS E 33 -28.43 -21.77 18.85
CA HIS E 33 -29.05 -20.79 17.95
C HIS E 33 -28.89 -21.16 16.48
N SER E 34 -29.88 -20.77 15.69
CA SER E 34 -29.87 -20.97 14.24
C SER E 34 -30.26 -19.66 13.55
N TRP E 35 -29.55 -19.35 12.46
CA TRP E 35 -29.75 -18.11 11.71
C TRP E 35 -29.80 -18.40 10.22
N SER E 36 -30.91 -18.08 9.57
CA SER E 36 -31.09 -18.36 8.13
C SER E 36 -31.15 -17.10 7.29
N ASN E 37 -30.75 -17.22 6.03
CA ASN E 37 -30.58 -16.08 5.11
C ASN E 37 -31.85 -15.29 4.86
N ASP E 38 -32.97 -16.00 4.81
CA ASP E 38 -34.25 -15.41 4.47
C ASP E 38 -35.14 -15.27 5.69
N SER E 39 -34.59 -15.68 6.84
CA SER E 39 -35.18 -15.36 8.14
C SER E 39 -34.79 -13.92 8.48
N ASP E 40 -35.68 -13.23 9.18
CA ASP E 40 -35.43 -11.84 9.55
C ASP E 40 -34.86 -11.73 10.96
N THR E 41 -34.52 -12.88 11.54
CA THR E 41 -34.15 -12.96 12.95
C THR E 41 -33.32 -14.20 13.26
N VAL E 42 -32.53 -14.15 14.33
CA VAL E 42 -31.82 -15.31 14.83
C VAL E 42 -32.80 -16.13 15.65
N ARG E 43 -32.82 -17.44 15.40
CA ARG E 43 -33.77 -18.34 16.05
C ARG E 43 -33.17 -18.99 17.30
N SER E 44 -33.93 -19.02 18.39
CA SER E 44 -33.54 -19.68 19.63
C SER E 44 -34.04 -21.11 19.61
N LEU E 45 -33.12 -22.07 19.68
CA LEU E 45 -33.47 -23.47 19.47
C LEU E 45 -33.92 -24.17 20.73
N LYS E 46 -33.34 -23.82 21.88
CA LYS E 46 -33.68 -24.44 23.16
C LYS E 46 -34.44 -23.45 24.04
N PRO E 47 -35.33 -23.95 24.91
CA PRO E 47 -36.04 -23.09 25.88
C PRO E 47 -35.13 -22.31 26.84
N TRP E 48 -33.83 -22.56 26.80
CA TRP E 48 -32.87 -21.80 27.62
C TRP E 48 -31.85 -21.03 26.78
N SER E 49 -32.06 -21.03 25.46
CA SER E 49 -31.15 -20.38 24.52
C SER E 49 -30.92 -18.90 24.81
N GLN E 50 -31.94 -18.22 25.33
CA GLN E 50 -31.83 -16.78 25.61
C GLN E 50 -30.98 -16.52 26.87
N GLY E 51 -30.73 -17.58 27.63
CA GLY E 51 -29.86 -17.51 28.80
C GLY E 51 -30.48 -16.73 29.93
N THR E 52 -29.89 -15.57 30.23
CA THR E 52 -30.41 -14.64 31.22
C THR E 52 -31.03 -13.44 30.50
N PHE E 53 -30.23 -12.81 29.63
CA PHE E 53 -30.64 -11.67 28.78
C PHE E 53 -32.14 -11.48 28.64
N SER E 54 -32.60 -10.28 28.98
CA SER E 54 -34.02 -9.93 28.86
C SER E 54 -34.41 -9.69 27.41
N ASP E 55 -35.66 -10.01 27.06
CA ASP E 55 -36.17 -9.84 25.69
C ASP E 55 -35.65 -8.56 25.05
N GLN E 56 -35.56 -7.51 25.86
CA GLN E 56 -35.05 -6.20 25.42
C GLN E 56 -33.54 -6.19 25.16
N GLN E 57 -32.77 -6.88 26.02
CA GLN E 57 -31.32 -7.05 25.83
C GLN E 57 -31.03 -7.89 24.60
N TRP E 58 -31.91 -8.86 24.37
CA TRP E 58 -31.80 -9.79 23.26
C TRP E 58 -32.23 -9.14 21.95
N GLU E 59 -33.19 -8.21 22.04
CA GLU E 59 -33.62 -7.42 20.87
C GLU E 59 -32.57 -6.40 20.45
N THR E 60 -31.85 -5.86 21.42
CA THR E 60 -30.65 -5.04 21.17
C THR E 60 -29.70 -5.81 20.25
N LEU E 61 -29.48 -7.07 20.61
CA LEU E 61 -28.54 -7.95 19.93
C LEU E 61 -29.12 -8.48 18.63
N GLN E 62 -30.44 -8.63 18.59
CA GLN E 62 -31.14 -9.10 17.40
C GLN E 62 -30.91 -8.16 16.24
N HIS E 63 -30.98 -6.85 16.55
CA HIS E 63 -30.82 -5.79 15.58
C HIS E 63 -29.39 -5.68 15.03
N ILE E 64 -28.41 -5.69 15.93
CA ILE E 64 -27.00 -5.60 15.54
C ILE E 64 -26.67 -6.63 14.45
N PHE E 65 -27.14 -7.86 14.63
CA PHE E 65 -26.98 -8.91 13.62
C PHE E 65 -27.61 -8.54 12.29
N ARG E 66 -28.88 -8.15 12.32
CA ARG E 66 -29.59 -7.73 11.09
C ARG E 66 -28.80 -6.71 10.28
N VAL E 67 -28.27 -5.68 10.97
CA VAL E 67 -27.45 -4.65 10.34
C VAL E 67 -26.17 -5.28 9.82
N TYR E 68 -25.52 -6.06 10.67
CA TYR E 68 -24.26 -6.72 10.34
C TYR E 68 -24.39 -7.50 9.04
N ARG E 69 -25.33 -8.43 8.98
CA ARG E 69 -25.52 -9.27 7.80
C ARG E 69 -25.65 -8.40 6.56
N SER E 70 -26.60 -7.47 6.63
CA SER E 70 -26.92 -6.53 5.55
C SER E 70 -25.68 -5.77 5.10
N SER E 71 -24.97 -5.19 6.07
CA SER E 71 -23.80 -4.37 5.80
C SER E 71 -22.62 -5.21 5.33
N PHE E 72 -22.36 -6.32 6.03
CA PHE E 72 -21.28 -7.25 5.71
C PHE E 72 -21.32 -7.68 4.26
N THR E 73 -22.48 -8.14 3.77
CA THR E 73 -22.60 -8.62 2.40
C THR E 73 -22.18 -7.53 1.43
N ARG E 74 -22.76 -6.34 1.60
CA ARG E 74 -22.44 -5.20 0.77
C ARG E 74 -20.93 -4.89 0.80
N ASP E 75 -20.34 -4.95 1.99
CA ASP E 75 -18.92 -4.66 2.16
C ASP E 75 -18.04 -5.70 1.50
N VAL E 76 -18.48 -6.95 1.52
CA VAL E 76 -17.74 -8.05 0.89
C VAL E 76 -17.70 -7.87 -0.62
N LYS E 77 -18.80 -7.38 -1.19
CA LYS E 77 -18.88 -7.09 -2.62
C LYS E 77 -17.91 -5.97 -3.00
N GLU E 78 -17.84 -4.97 -2.12
CA GLU E 78 -16.92 -3.85 -2.30
C GLU E 78 -15.47 -4.30 -2.26
N PHE E 79 -15.13 -5.12 -1.28
CA PHE E 79 -13.78 -5.65 -1.17
C PHE E 79 -13.40 -6.52 -2.38
N ALA E 80 -14.39 -7.07 -3.08
CA ALA E 80 -14.12 -7.87 -4.27
C ALA E 80 -13.62 -7.00 -5.40
N LYS E 81 -14.23 -5.82 -5.58
CA LYS E 81 -13.84 -4.91 -6.65
C LYS E 81 -12.57 -4.16 -6.30
N MET E 82 -12.40 -3.89 -5.02
CA MET E 82 -11.25 -3.13 -4.51
C MET E 82 -9.98 -3.94 -4.67
N LEU E 83 -10.05 -5.21 -4.26
CA LEU E 83 -8.91 -6.11 -4.26
C LEU E 83 -8.92 -7.08 -5.43
N ARG E 84 -9.59 -6.69 -6.51
CA ARG E 84 -9.67 -7.48 -7.75
C ARG E 84 -9.71 -9.00 -7.52
N LEU E 85 -10.82 -9.48 -6.95
CA LEU E 85 -10.97 -10.91 -6.67
C LEU E 85 -12.05 -11.54 -7.53
N SER E 86 -11.81 -12.79 -7.94
CA SER E 86 -12.73 -13.55 -8.80
C SER E 86 -13.86 -14.19 -8.00
N TYR E 87 -15.04 -14.30 -8.61
CA TYR E 87 -16.28 -14.24 -7.85
C TYR E 87 -17.00 -15.52 -7.41
N PRO E 88 -16.42 -16.71 -7.61
CA PRO E 88 -16.89 -17.68 -6.62
C PRO E 88 -16.20 -17.38 -5.28
N LEU E 89 -16.99 -16.98 -4.28
CA LEU E 89 -16.46 -16.59 -2.95
C LEU E 89 -17.07 -17.38 -1.79
N GLU E 90 -16.26 -17.65 -0.78
CA GLU E 90 -16.70 -18.37 0.40
C GLU E 90 -16.08 -17.76 1.65
N LEU E 91 -16.88 -17.03 2.42
CA LEU E 91 -16.39 -16.45 3.66
C LEU E 91 -17.00 -17.12 4.88
N GLN E 92 -16.16 -17.37 5.88
CA GLN E 92 -16.60 -18.00 7.10
C GLN E 92 -16.07 -17.24 8.31
N VAL E 93 -16.96 -16.94 9.26
CA VAL E 93 -16.57 -16.31 10.52
C VAL E 93 -16.77 -17.30 11.66
N SER E 94 -15.77 -17.40 12.54
CA SER E 94 -15.91 -18.17 13.76
C SER E 94 -15.58 -17.29 14.95
N ALA E 95 -16.57 -17.04 15.81
CA ALA E 95 -16.44 -16.05 16.89
C ALA E 95 -17.16 -16.45 18.17
N GLY E 96 -16.50 -16.21 19.30
CA GLY E 96 -17.08 -16.50 20.60
C GLY E 96 -16.14 -16.38 21.78
N CYS E 97 -16.53 -16.99 22.89
CA CYS E 97 -15.76 -16.92 24.11
C CYS E 97 -16.06 -18.12 24.99
N GLU E 98 -15.21 -18.33 26.00
CA GLU E 98 -15.48 -19.29 27.06
C GLU E 98 -15.09 -18.71 28.42
N VAL E 99 -15.78 -19.15 29.47
CA VAL E 99 -15.62 -18.54 30.79
C VAL E 99 -14.86 -19.45 31.76
N HIS E 100 -13.83 -18.89 32.39
CA HIS E 100 -13.07 -19.59 33.42
C HIS E 100 -13.52 -19.10 34.79
N PRO E 101 -13.31 -19.90 35.85
CA PRO E 101 -13.77 -19.57 37.20
C PRO E 101 -13.91 -18.06 37.46
N GLY E 102 -15.14 -17.58 37.32
CA GLY E 102 -15.48 -16.18 37.62
C GLY E 102 -15.20 -15.18 36.52
N ASN E 103 -14.11 -14.43 36.68
CA ASN E 103 -13.80 -13.26 35.86
C ASN E 103 -13.16 -13.57 34.50
N ALA E 104 -12.10 -14.38 34.52
CA ALA E 104 -11.26 -14.64 33.35
C ALA E 104 -12.04 -15.25 32.17
N SER E 105 -11.74 -14.75 30.98
CA SER E 105 -12.33 -15.28 29.75
C SER E 105 -11.46 -14.94 28.54
N ASN E 106 -11.16 -15.95 27.72
CA ASN E 106 -10.53 -15.73 26.42
C ASN E 106 -11.60 -15.67 25.31
N ASN E 107 -11.31 -14.90 24.26
CA ASN E 107 -12.27 -14.69 23.16
C ASN E 107 -11.63 -14.61 21.79
N PHE E 108 -12.42 -14.86 20.75
CA PHE E 108 -11.89 -14.99 19.41
C PHE E 108 -12.87 -14.54 18.35
N PHE E 109 -12.34 -14.17 17.19
CA PHE E 109 -13.14 -13.77 16.04
C PHE E 109 -12.20 -13.94 14.87
N HIS E 110 -12.32 -15.07 14.18
CA HIS E 110 -11.48 -15.36 13.03
C HIS E 110 -12.36 -15.38 11.80
N VAL E 111 -11.87 -14.82 10.69
CA VAL E 111 -12.53 -14.99 9.39
C VAL E 111 -11.63 -15.68 8.37
N ALA E 112 -12.25 -16.54 7.57
CA ALA E 112 -11.53 -17.30 6.55
C ALA E 112 -12.11 -17.04 5.17
N PHE E 113 -11.26 -17.17 4.16
CA PHE E 113 -11.65 -16.91 2.80
C PHE E 113 -11.16 -18.07 1.94
N GLN E 114 -12.09 -18.73 1.27
CA GLN E 114 -11.84 -20.00 0.55
C GLN E 114 -11.19 -21.05 1.45
N GLY E 115 -11.70 -21.17 2.67
CA GLY E 115 -11.21 -22.18 3.63
C GLY E 115 -9.82 -21.97 4.22
N LYS E 116 -9.21 -20.83 3.94
CA LYS E 116 -7.91 -20.49 4.52
C LYS E 116 -8.07 -19.25 5.41
N ASP E 117 -7.39 -19.26 6.55
CA ASP E 117 -7.38 -18.13 7.47
C ASP E 117 -6.87 -16.85 6.81
N ILE E 118 -7.63 -15.77 6.93
CA ILE E 118 -7.14 -14.47 6.46
C ILE E 118 -6.92 -13.47 7.60
N LEU E 119 -7.98 -13.04 8.26
CA LEU E 119 -7.81 -12.13 9.39
C LEU E 119 -8.43 -12.60 10.71
N SER E 120 -8.17 -11.82 11.76
CA SER E 120 -8.63 -12.13 13.09
C SER E 120 -8.68 -10.84 13.88
N PHE E 121 -9.70 -10.70 14.72
CA PHE E 121 -9.82 -9.56 15.62
C PHE E 121 -9.06 -9.81 16.92
N GLN E 122 -8.09 -8.94 17.20
CA GLN E 122 -7.21 -9.11 18.34
C GLN E 122 -7.07 -7.81 19.11
N GLY E 123 -7.77 -7.71 20.23
CA GLY E 123 -7.68 -6.52 21.08
C GLY E 123 -8.66 -5.45 20.67
N THR E 124 -8.20 -4.46 19.90
CA THR E 124 -9.03 -3.32 19.52
C THR E 124 -9.05 -3.08 18.01
N SER E 125 -8.50 -4.03 17.24
CA SER E 125 -8.32 -3.86 15.80
C SER E 125 -8.30 -5.19 15.06
N TRP E 126 -8.12 -5.12 13.74
CA TRP E 126 -8.01 -6.31 12.90
C TRP E 126 -6.54 -6.57 12.58
N GLU E 127 -6.21 -7.85 12.42
CA GLU E 127 -4.84 -8.28 12.14
C GLU E 127 -4.80 -9.39 11.11
N PRO E 128 -3.81 -9.35 10.18
CA PRO E 128 -3.71 -10.43 9.20
C PRO E 128 -3.02 -11.62 9.85
N THR E 129 -3.04 -12.77 9.19
CA THR E 129 -2.40 -13.96 9.74
C THR E 129 -1.12 -14.36 9.01
N GLN E 130 -0.26 -15.07 9.73
CA GLN E 130 0.86 -15.86 9.20
C GLN E 130 1.01 -15.77 7.67
N GLU E 131 0.54 -16.82 6.98
CA GLU E 131 0.36 -16.78 5.54
C GLU E 131 -0.89 -15.97 5.31
N ALA E 132 -0.72 -14.85 4.63
CA ALA E 132 -1.84 -14.04 4.20
C ALA E 132 -1.42 -13.38 2.90
N PRO E 133 -2.26 -13.50 1.87
CA PRO E 133 -1.95 -12.90 0.57
C PRO E 133 -1.83 -11.38 0.73
N LEU E 134 -0.94 -10.76 -0.04
CA LEU E 134 -0.61 -9.36 0.22
C LEU E 134 -1.77 -8.37 0.18
N TRP E 135 -2.90 -8.78 -0.38
CA TRP E 135 -4.04 -7.89 -0.53
C TRP E 135 -4.85 -7.76 0.75
N VAL E 136 -4.65 -8.69 1.68
CA VAL E 136 -5.37 -8.66 2.94
C VAL E 136 -4.89 -7.46 3.77
N ASN E 137 -3.62 -7.10 3.63
CA ASN E 137 -3.06 -5.94 4.31
C ASN E 137 -3.75 -4.65 3.88
N LEU E 138 -4.25 -4.67 2.65
CA LEU E 138 -5.00 -3.57 2.05
C LEU E 138 -6.39 -3.48 2.68
N ALA E 139 -7.04 -4.63 2.84
CA ALA E 139 -8.38 -4.72 3.41
C ALA E 139 -8.42 -4.23 4.85
N ILE E 140 -7.39 -4.55 5.60
CA ILE E 140 -7.27 -4.18 7.00
C ILE E 140 -7.11 -2.68 7.20
N GLN E 141 -6.31 -2.04 6.34
CA GLN E 141 -6.25 -0.57 6.31
C GLN E 141 -7.65 0.03 6.30
N VAL E 142 -8.55 -0.63 5.58
CA VAL E 142 -9.91 -0.15 5.40
C VAL E 142 -10.79 -0.51 6.59
N LEU E 143 -10.78 -1.78 6.96
CA LEU E 143 -11.62 -2.25 8.06
C LEU E 143 -11.29 -1.58 9.37
N ASN E 144 -10.04 -1.15 9.51
CA ASN E 144 -9.56 -0.50 10.74
C ASN E 144 -9.88 1.00 10.85
N GLN E 145 -10.36 1.59 9.76
CA GLN E 145 -10.78 2.99 9.77
C GLN E 145 -12.09 3.11 10.53
N ASP E 146 -12.86 2.03 10.51
CA ASP E 146 -14.18 2.03 11.13
C ASP E 146 -14.02 1.89 12.63
N LYS E 147 -13.57 2.97 13.28
CA LYS E 147 -13.33 2.97 14.72
C LYS E 147 -14.52 2.39 15.49
N TRP E 148 -15.73 2.62 14.97
CA TRP E 148 -16.94 2.12 15.62
C TRP E 148 -17.02 0.59 15.64
N THR E 149 -16.38 -0.05 14.66
CA THR E 149 -16.82 -1.38 14.25
C THR E 149 -16.90 -2.55 15.23
N ARG E 150 -15.86 -2.97 15.96
CA ARG E 150 -14.49 -2.47 16.22
C ARG E 150 -14.39 -1.99 17.65
N GLU E 151 -15.27 -1.06 18.00
CA GLU E 151 -15.59 -0.82 19.40
C GLU E 151 -16.75 -1.75 19.71
N THR E 152 -17.55 -2.01 18.68
CA THR E 152 -18.68 -2.93 18.80
C THR E 152 -18.19 -4.37 18.93
N VAL E 153 -17.31 -4.80 18.01
CA VAL E 153 -16.71 -6.14 18.09
C VAL E 153 -16.07 -6.35 19.46
N GLN E 154 -15.21 -5.41 19.85
CA GLN E 154 -14.57 -5.41 21.17
C GLN E 154 -15.58 -5.52 22.30
N TRP E 155 -16.66 -4.74 22.19
CA TRP E 155 -17.77 -4.81 23.14
C TRP E 155 -18.32 -6.23 23.19
N LEU E 156 -18.68 -6.76 22.03
CA LEU E 156 -19.28 -8.09 21.93
C LEU E 156 -18.41 -9.19 22.49
N LEU E 157 -17.09 -9.09 22.30
CA LEU E 157 -16.17 -10.17 22.64
C LEU E 157 -15.88 -10.28 24.14
N ASN E 158 -15.22 -9.27 24.72
CA ASN E 158 -14.98 -9.27 26.17
C ASN E 158 -15.96 -8.37 26.91
N GLY E 159 -17.24 -8.59 26.66
CA GLY E 159 -18.32 -7.86 27.33
C GLY E 159 -19.60 -8.64 27.20
N THR E 160 -20.30 -8.43 26.09
CA THR E 160 -21.55 -9.13 25.80
C THR E 160 -21.39 -10.66 25.94
N CYS E 161 -20.54 -11.25 25.09
CA CYS E 161 -20.33 -12.70 25.05
C CYS E 161 -20.21 -13.35 26.44
N PRO E 162 -19.19 -12.97 27.24
CA PRO E 162 -18.96 -13.67 28.50
C PRO E 162 -20.13 -13.54 29.47
N GLN E 163 -20.88 -12.45 29.37
CA GLN E 163 -22.09 -12.27 30.16
C GLN E 163 -23.20 -13.17 29.64
N PHE E 164 -23.35 -13.21 28.32
CA PHE E 164 -24.38 -14.02 27.67
C PHE E 164 -24.15 -15.52 27.92
N VAL E 165 -22.89 -15.94 27.93
CA VAL E 165 -22.55 -17.34 28.21
C VAL E 165 -22.76 -17.66 29.69
N SER E 166 -22.33 -16.75 30.57
CA SER E 166 -22.60 -16.90 31.99
C SER E 166 -24.09 -17.13 32.21
N GLY E 167 -24.90 -16.40 31.42
CA GLY E 167 -26.35 -16.52 31.45
C GLY E 167 -26.88 -17.83 30.91
N LEU E 168 -26.22 -18.36 29.88
CA LEU E 168 -26.56 -19.65 29.29
C LEU E 168 -26.29 -20.80 30.24
N LEU E 169 -25.16 -20.74 30.94
CA LEU E 169 -24.72 -21.83 31.81
C LEU E 169 -25.74 -22.15 32.90
N GLU E 170 -25.98 -21.19 33.80
CA GLU E 170 -26.87 -21.43 34.95
C GLU E 170 -28.34 -21.65 34.58
N SER E 171 -28.75 -21.14 33.42
CA SER E 171 -30.15 -21.25 32.97
C SER E 171 -30.37 -22.45 32.05
N GLY E 172 -29.29 -23.06 31.60
CA GLY E 172 -29.36 -24.26 30.78
C GLY E 172 -28.70 -25.45 31.44
N LYS E 173 -28.70 -25.49 32.77
CA LYS E 173 -28.01 -26.53 33.52
C LYS E 173 -28.55 -27.94 33.26
N SER E 174 -29.85 -28.12 33.46
CA SER E 174 -30.45 -29.47 33.44
C SER E 174 -30.44 -30.18 32.07
N GLU E 175 -30.15 -29.44 31.00
CA GLU E 175 -29.95 -30.07 29.70
C GLU E 175 -28.47 -30.30 29.41
N LEU E 176 -27.62 -29.43 29.96
CA LEU E 176 -26.17 -29.60 29.88
C LEU E 176 -25.70 -30.74 30.77
N LYS E 177 -26.37 -30.92 31.91
CA LYS E 177 -26.06 -31.99 32.84
C LYS E 177 -26.74 -33.31 32.44
N LYS E 178 -27.73 -33.22 31.54
CA LYS E 178 -28.55 -34.37 31.12
C LYS E 178 -27.72 -35.52 30.56
N GLN E 179 -27.76 -36.67 31.25
CA GLN E 179 -27.01 -37.85 30.85
C GLN E 179 -27.93 -38.83 30.12
N VAL E 180 -27.46 -39.39 29.00
CA VAL E 180 -28.19 -40.45 28.30
C VAL E 180 -27.31 -41.68 28.13
N LYS E 181 -27.86 -42.85 28.49
CA LYS E 181 -27.14 -44.12 28.42
C LYS E 181 -27.07 -44.64 26.98
N PRO E 182 -25.87 -45.08 26.55
CA PRO E 182 -25.74 -45.73 25.25
C PRO E 182 -26.24 -47.16 25.27
N LYS E 183 -26.36 -47.76 24.08
CA LYS E 183 -26.62 -49.18 23.96
C LYS E 183 -25.68 -49.78 22.92
N ALA E 184 -25.27 -51.02 23.13
CA ALA E 184 -24.23 -51.65 22.30
C ALA E 184 -24.69 -52.91 21.60
N TRP E 185 -24.04 -53.24 20.48
CA TRP E 185 -24.26 -54.52 19.79
C TRP E 185 -23.04 -54.94 18.96
N LEU E 186 -22.98 -56.22 18.60
CA LEU E 186 -21.82 -56.78 17.88
C LEU E 186 -22.18 -57.29 16.48
N SER E 187 -21.18 -57.36 15.60
CA SER E 187 -21.37 -57.91 14.25
C SER E 187 -20.04 -58.42 13.64
N ARG E 188 -20.14 -59.11 12.51
CA ARG E 188 -18.98 -59.53 11.72
C ARG E 188 -18.84 -58.67 10.47
N GLY E 189 -17.72 -57.96 10.38
CA GLY E 189 -17.39 -57.21 9.18
C GLY E 189 -16.78 -58.10 8.12
N PRO E 190 -16.41 -57.52 6.96
CA PRO E 190 -15.75 -58.30 5.93
C PRO E 190 -14.38 -58.76 6.44
N SER E 191 -14.16 -60.07 6.46
CA SER E 191 -12.93 -60.64 7.02
C SER E 191 -11.70 -60.12 6.27
N PRO E 192 -10.72 -59.56 7.03
CA PRO E 192 -9.55 -58.91 6.42
C PRO E 192 -8.70 -59.84 5.59
N GLY E 193 -8.02 -60.79 6.24
CA GLY E 193 -7.13 -61.71 5.56
C GLY E 193 -7.78 -63.06 5.35
N PRO E 194 -7.01 -64.16 5.55
CA PRO E 194 -7.52 -65.51 5.39
C PRO E 194 -8.34 -65.92 6.61
N GLY E 195 -7.96 -67.00 7.29
CA GLY E 195 -8.76 -67.58 8.39
C GLY E 195 -8.99 -66.67 9.60
N ARG E 196 -9.17 -65.38 9.35
CA ARG E 196 -9.34 -64.37 10.39
C ARG E 196 -10.61 -63.52 10.20
N LEU E 197 -10.90 -62.67 11.20
CA LEU E 197 -12.18 -61.97 11.28
C LEU E 197 -12.06 -60.52 11.72
N LEU E 198 -13.13 -59.77 11.51
CA LEU E 198 -13.20 -58.37 11.92
C LEU E 198 -14.37 -58.16 12.89
N LEU E 199 -14.04 -58.02 14.16
CA LEU E 199 -15.03 -57.85 15.21
C LEU E 199 -15.42 -56.38 15.34
N VAL E 200 -16.71 -56.11 15.16
CA VAL E 200 -17.25 -54.75 15.20
C VAL E 200 -18.08 -54.53 16.45
N CYS E 201 -17.72 -53.52 17.23
CA CYS E 201 -18.46 -53.16 18.43
C CYS E 201 -19.19 -51.83 18.20
N HIS E 202 -20.51 -51.88 18.16
CA HIS E 202 -21.33 -50.69 17.91
C HIS E 202 -21.78 -50.04 19.23
N VAL E 203 -21.65 -48.73 19.32
CA VAL E 203 -22.09 -47.96 20.50
C VAL E 203 -22.85 -46.72 20.03
N SER E 204 -24.09 -46.54 20.50
CA SER E 204 -24.87 -45.34 20.16
C SER E 204 -25.88 -44.95 21.22
N GLY E 205 -26.22 -43.66 21.24
CA GLY E 205 -27.30 -43.14 22.07
C GLY E 205 -26.89 -42.39 23.32
N PHE E 206 -25.59 -42.15 23.46
CA PHE E 206 -25.05 -41.47 24.64
C PHE E 206 -24.90 -39.96 24.42
N TYR E 207 -25.16 -39.17 25.48
CA TYR E 207 -25.17 -37.70 25.35
C TYR E 207 -23.89 -36.95 25.72
N PRO E 208 -23.32 -37.19 26.91
CA PRO E 208 -22.01 -36.54 27.10
C PRO E 208 -20.94 -37.18 26.20
N LYS E 209 -20.62 -36.52 25.09
CA LYS E 209 -19.76 -37.06 24.02
C LYS E 209 -18.49 -37.80 24.47
N PRO E 210 -17.67 -37.20 25.37
CA PRO E 210 -16.51 -37.95 25.84
C PRO E 210 -16.88 -39.37 26.27
N VAL E 211 -16.40 -40.35 25.51
CA VAL E 211 -16.70 -41.76 25.75
C VAL E 211 -15.42 -42.60 25.63
N TRP E 212 -15.48 -43.87 26.06
CA TRP E 212 -14.31 -44.75 26.11
C TRP E 212 -14.69 -46.20 25.76
N VAL E 213 -14.20 -46.66 24.61
CA VAL E 213 -14.50 -48.03 24.15
C VAL E 213 -13.23 -48.79 23.74
N LYS E 214 -12.99 -49.92 24.39
CA LYS E 214 -11.84 -50.77 24.06
C LYS E 214 -12.21 -52.25 24.02
N TRP E 215 -11.71 -52.94 23.01
CA TRP E 215 -11.86 -54.39 22.88
C TRP E 215 -10.84 -55.09 23.77
N MET E 216 -10.90 -54.83 25.07
CA MET E 216 -10.08 -55.58 26.01
C MET E 216 -10.67 -56.98 26.19
N ARG E 217 -10.35 -57.83 25.22
CA ARG E 217 -10.81 -59.21 25.13
C ARG E 217 -10.34 -60.02 26.32
N GLY E 218 -9.07 -60.42 26.30
CA GLY E 218 -8.41 -60.89 27.51
C GLY E 218 -8.54 -59.72 28.46
N GLU E 219 -9.36 -59.91 29.50
CA GLU E 219 -9.67 -58.88 30.50
C GLU E 219 -8.44 -58.08 30.94
N GLN E 220 -7.27 -58.69 30.75
CA GLN E 220 -5.96 -58.05 30.95
C GLN E 220 -5.75 -56.96 29.88
N GLU E 221 -6.54 -55.89 30.00
CA GLU E 221 -6.42 -54.68 29.20
C GLU E 221 -5.90 -54.95 27.77
N GLN E 222 -6.59 -55.83 27.05
CA GLN E 222 -6.22 -56.16 25.68
C GLN E 222 -6.32 -54.92 24.79
N GLN E 223 -5.44 -54.85 23.79
CA GLN E 223 -5.24 -53.64 23.00
C GLN E 223 -5.10 -53.97 21.51
N GLY E 224 -4.56 -53.02 20.73
CA GLY E 224 -4.56 -53.14 19.27
C GLY E 224 -5.96 -52.92 18.71
N THR E 225 -6.75 -52.13 19.41
CA THR E 225 -8.12 -51.83 19.02
C THR E 225 -8.12 -50.67 18.02
N GLN E 226 -9.18 -50.58 17.22
CA GLN E 226 -9.24 -49.70 16.06
C GLN E 226 -10.58 -48.93 15.98
N PRO E 227 -10.75 -47.87 16.81
CA PRO E 227 -12.03 -47.15 16.84
C PRO E 227 -12.20 -46.16 15.70
N GLY E 228 -13.41 -46.03 15.19
CA GLY E 228 -13.76 -45.00 14.20
C GLY E 228 -13.87 -43.64 14.86
N ASP E 229 -14.61 -42.71 14.23
CA ASP E 229 -14.81 -41.39 14.83
C ASP E 229 -16.23 -41.28 15.35
N ILE E 230 -16.39 -40.51 16.42
CA ILE E 230 -17.71 -40.26 16.99
C ILE E 230 -18.56 -39.47 16.01
N LEU E 231 -19.66 -40.08 15.57
CA LEU E 231 -20.59 -39.45 14.63
C LEU E 231 -21.95 -39.18 15.31
N PRO E 232 -22.69 -38.15 14.86
CA PRO E 232 -23.92 -37.79 15.55
C PRO E 232 -25.17 -38.52 15.07
N ASN E 233 -26.13 -38.69 15.97
CA ASN E 233 -27.48 -39.12 15.59
C ASN E 233 -28.41 -37.90 15.50
N ALA E 234 -29.63 -38.11 15.03
CA ALA E 234 -30.62 -37.04 14.89
C ALA E 234 -30.95 -36.39 16.23
N ASP E 235 -31.15 -37.22 17.26
CA ASP E 235 -31.52 -36.74 18.59
C ASP E 235 -30.33 -36.35 19.47
N GLU E 236 -29.45 -35.52 18.90
CA GLU E 236 -28.23 -35.02 19.56
C GLU E 236 -27.52 -36.00 20.52
N THR E 237 -27.52 -37.27 20.13
CA THR E 237 -26.71 -38.30 20.77
C THR E 237 -25.56 -38.70 19.85
N TRP E 238 -24.63 -39.52 20.36
CA TRP E 238 -23.42 -39.84 19.63
C TRP E 238 -23.25 -41.33 19.33
N TYR E 239 -22.48 -41.63 18.29
CA TYR E 239 -22.29 -42.99 17.83
C TYR E 239 -20.81 -43.30 17.64
N LEU E 240 -20.37 -44.42 18.23
CA LEU E 240 -19.00 -44.88 18.09
C LEU E 240 -18.96 -46.31 17.60
N ARG E 241 -17.91 -46.65 16.87
CA ARG E 241 -17.73 -47.99 16.32
C ARG E 241 -16.25 -48.36 16.41
N ALA E 242 -15.93 -49.27 17.32
CA ALA E 242 -14.55 -49.73 17.48
C ALA E 242 -14.36 -51.15 16.93
N THR E 243 -13.18 -51.42 16.37
CA THR E 243 -12.93 -52.73 15.73
C THR E 243 -11.64 -53.43 16.18
N LEU E 244 -11.59 -54.74 15.97
CA LEU E 244 -10.40 -55.54 16.26
C LEU E 244 -10.19 -56.60 15.18
N ASP E 245 -8.95 -56.70 14.69
CA ASP E 245 -8.58 -57.70 13.68
C ASP E 245 -7.98 -58.95 14.32
N VAL E 246 -8.84 -59.92 14.65
CA VAL E 246 -8.41 -61.14 15.35
C VAL E 246 -8.39 -62.32 14.39
N VAL E 247 -7.70 -63.39 14.80
CA VAL E 247 -7.75 -64.66 14.09
C VAL E 247 -8.88 -65.52 14.68
N ALA E 248 -9.64 -66.17 13.80
CA ALA E 248 -10.88 -66.89 14.17
C ALA E 248 -10.79 -67.81 15.39
N GLY E 249 -9.67 -68.52 15.51
CA GLY E 249 -9.47 -69.50 16.58
C GLY E 249 -9.29 -68.93 17.98
N GLU E 250 -9.22 -67.60 18.09
CA GLU E 250 -9.06 -66.94 19.39
C GLU E 250 -10.03 -65.77 19.59
N ALA E 251 -11.15 -65.83 18.89
CA ALA E 251 -12.28 -64.94 19.14
C ALA E 251 -12.99 -65.37 20.43
N ALA E 252 -12.53 -66.49 21.00
CA ALA E 252 -13.09 -67.03 22.24
C ALA E 252 -12.75 -66.12 23.43
N GLY E 253 -13.79 -65.79 24.21
CA GLY E 253 -13.65 -64.99 25.41
C GLY E 253 -13.27 -63.55 25.17
N LEU E 254 -13.72 -63.00 24.04
CA LEU E 254 -13.43 -61.60 23.71
C LEU E 254 -14.50 -60.66 24.25
N SER E 255 -14.10 -59.43 24.54
CA SER E 255 -14.91 -58.54 25.35
C SER E 255 -14.81 -57.09 24.91
N CYS E 256 -15.95 -56.41 24.89
CA CYS E 256 -16.02 -54.99 24.55
C CYS E 256 -16.57 -54.19 25.72
N ARG E 257 -15.71 -53.39 26.36
CA ARG E 257 -16.11 -52.56 27.49
C ARG E 257 -16.38 -51.13 27.03
N VAL E 258 -17.51 -50.58 27.49
CA VAL E 258 -17.85 -49.19 27.21
C VAL E 258 -17.83 -48.39 28.50
N LYS E 259 -16.90 -47.45 28.62
CA LYS E 259 -16.88 -46.52 29.73
C LYS E 259 -17.53 -45.21 29.30
N HIS E 260 -18.45 -44.73 30.12
CA HIS E 260 -19.15 -43.48 29.86
C HIS E 260 -19.71 -42.88 31.14
N SER E 261 -19.80 -41.55 31.17
CA SER E 261 -20.28 -40.81 32.34
C SER E 261 -21.71 -41.20 32.75
N SER E 262 -22.55 -41.54 31.77
CA SER E 262 -23.96 -41.86 32.02
C SER E 262 -24.22 -43.21 32.69
N LEU E 263 -23.14 -43.93 33.01
CA LEU E 263 -23.24 -45.21 33.71
C LEU E 263 -22.68 -45.07 35.12
N GLU E 264 -23.25 -45.82 36.06
CA GLU E 264 -22.78 -45.79 37.46
C GLU E 264 -21.57 -46.71 37.66
N GLY E 265 -21.60 -47.52 38.73
CA GLY E 265 -20.56 -48.51 39.01
C GLY E 265 -20.68 -49.70 38.08
N GLN E 266 -20.62 -49.42 36.78
CA GLN E 266 -20.89 -50.40 35.73
C GLN E 266 -20.33 -49.91 34.39
N ASP E 267 -19.73 -50.83 33.64
CA ASP E 267 -19.37 -50.59 32.24
C ASP E 267 -20.17 -51.54 31.37
N ILE E 268 -20.56 -51.09 30.18
CA ILE E 268 -21.34 -51.94 29.26
C ILE E 268 -20.41 -52.95 28.59
N VAL E 269 -20.55 -54.20 29.01
CA VAL E 269 -19.68 -55.28 28.56
C VAL E 269 -20.48 -56.28 27.73
N LEU E 270 -20.12 -56.39 26.45
CA LEU E 270 -20.73 -57.39 25.58
C LEU E 270 -19.76 -58.52 25.26
N TYR E 271 -20.26 -59.74 25.24
CA TYR E 271 -19.44 -60.94 25.04
C TYR E 271 -19.68 -61.63 23.69
N TRP E 272 -18.63 -62.24 23.17
CA TRP E 272 -18.62 -62.82 21.84
C TRP E 272 -18.61 -64.35 21.87
N GLN F 2 -11.45 -27.35 -2.93
CA GLN F 2 -10.22 -27.85 -2.25
C GLN F 2 -10.45 -29.24 -1.64
N ARG F 3 -11.36 -29.33 -0.68
CA ARG F 3 -11.51 -30.54 0.15
C ARG F 3 -12.65 -31.47 -0.25
N THR F 4 -12.30 -32.72 -0.52
CA THR F 4 -13.25 -33.75 -0.96
C THR F 4 -13.99 -34.39 0.22
N PRO F 5 -15.32 -34.59 0.09
CA PRO F 5 -16.17 -35.08 1.18
C PRO F 5 -15.83 -36.50 1.60
N LYS F 6 -16.37 -36.92 2.74
CA LYS F 6 -16.16 -38.26 3.28
C LYS F 6 -17.48 -38.78 3.82
N ILE F 7 -18.02 -39.81 3.17
CA ILE F 7 -19.36 -40.30 3.47
C ILE F 7 -19.31 -41.50 4.42
N GLN F 8 -19.99 -41.36 5.56
CA GLN F 8 -20.17 -42.45 6.51
C GLN F 8 -21.66 -42.67 6.74
N VAL F 9 -22.16 -43.84 6.36
CA VAL F 9 -23.58 -44.15 6.49
C VAL F 9 -23.78 -45.14 7.63
N TYR F 10 -24.79 -44.88 8.45
CA TYR F 10 -25.04 -45.71 9.63
C TYR F 10 -26.49 -45.72 10.12
N SER F 11 -26.76 -46.63 11.06
CA SER F 11 -28.09 -46.85 11.62
C SER F 11 -28.19 -46.19 13.00
N ARG F 12 -29.41 -45.79 13.36
CA ARG F 12 -29.68 -45.23 14.68
C ARG F 12 -29.73 -46.34 15.73
N HIS F 13 -30.42 -47.43 15.39
CA HIS F 13 -30.55 -48.60 16.25
C HIS F 13 -30.19 -49.87 15.47
N PRO F 14 -29.93 -50.99 16.17
CA PRO F 14 -29.64 -52.25 15.48
C PRO F 14 -30.72 -52.56 14.46
N ALA F 15 -30.31 -52.91 13.24
CA ALA F 15 -31.25 -53.20 12.16
C ALA F 15 -32.09 -54.42 12.49
N GLU F 16 -33.41 -54.23 12.56
CA GLU F 16 -34.32 -55.26 13.02
C GLU F 16 -34.84 -56.18 11.91
N ASN F 17 -35.11 -55.59 10.73
CA ASN F 17 -35.85 -56.28 9.65
C ASN F 17 -37.34 -56.41 9.98
N GLY F 18 -37.87 -55.39 10.66
CA GLY F 18 -39.27 -55.40 11.12
C GLY F 18 -39.66 -54.15 11.87
N LYS F 19 -38.77 -53.65 12.73
CA LYS F 19 -39.02 -52.42 13.48
C LYS F 19 -38.51 -51.18 12.75
N SER F 20 -39.36 -50.14 12.75
CA SER F 20 -39.04 -48.84 12.18
C SER F 20 -37.78 -48.24 12.81
N ASN F 21 -37.02 -47.49 12.02
CA ASN F 21 -35.72 -47.00 12.45
C ASN F 21 -35.31 -45.70 11.76
N PHE F 22 -34.10 -45.23 12.04
CA PHE F 22 -33.54 -44.05 11.39
C PHE F 22 -32.27 -44.41 10.62
N LEU F 23 -32.05 -43.74 9.50
CA LEU F 23 -30.85 -43.95 8.68
C LEU F 23 -30.03 -42.67 8.55
N ASN F 24 -28.87 -42.67 9.20
CA ASN F 24 -27.97 -41.52 9.19
C ASN F 24 -26.93 -41.55 8.07
N CYS F 25 -26.96 -40.53 7.20
CA CYS F 25 -25.82 -40.26 6.32
C CYS F 25 -25.06 -39.03 6.80
N TYR F 26 -23.74 -39.16 6.92
CA TYR F 26 -22.93 -38.08 7.45
C TYR F 26 -21.80 -37.69 6.51
N VAL F 27 -21.98 -36.59 5.80
CA VAL F 27 -20.99 -36.06 4.88
C VAL F 27 -20.17 -35.02 5.64
N SER F 28 -18.84 -35.09 5.52
CA SER F 28 -17.95 -34.26 6.33
C SER F 28 -16.61 -33.93 5.68
N GLY F 29 -15.95 -32.89 6.19
CA GLY F 29 -14.62 -32.49 5.75
C GLY F 29 -14.55 -31.94 4.34
N PHE F 30 -15.68 -31.47 3.81
CA PHE F 30 -15.75 -30.97 2.44
C PHE F 30 -15.70 -29.44 2.39
N HIS F 31 -15.41 -28.91 1.20
CA HIS F 31 -15.33 -27.48 0.95
C HIS F 31 -15.29 -27.23 -0.55
N PRO F 32 -16.08 -26.26 -1.07
CA PRO F 32 -17.01 -25.33 -0.41
C PRO F 32 -18.33 -25.98 0.03
N SER F 33 -19.27 -25.16 0.52
CA SER F 33 -20.52 -25.65 1.10
C SER F 33 -21.59 -26.09 0.09
N ASP F 34 -21.36 -25.80 -1.19
CA ASP F 34 -22.17 -26.36 -2.27
C ASP F 34 -22.11 -27.88 -2.24
N ILE F 35 -23.25 -28.51 -1.95
CA ILE F 35 -23.32 -29.97 -1.93
C ILE F 35 -24.75 -30.51 -2.04
N GLU F 36 -24.90 -31.65 -2.71
CA GLU F 36 -26.20 -32.28 -2.91
C GLU F 36 -26.21 -33.67 -2.32
N VAL F 37 -26.94 -33.84 -1.22
CA VAL F 37 -27.04 -35.14 -0.54
C VAL F 37 -28.45 -35.72 -0.61
N ASP F 38 -28.54 -36.91 -1.17
CA ASP F 38 -29.78 -37.68 -1.14
C ASP F 38 -29.50 -39.08 -0.64
N LEU F 39 -30.56 -39.75 -0.18
CA LEU F 39 -30.46 -41.14 0.21
C LEU F 39 -31.17 -41.99 -0.85
N LEU F 40 -30.63 -43.17 -1.12
CA LEU F 40 -31.18 -44.05 -2.15
C LEU F 40 -31.80 -45.32 -1.57
N LYS F 41 -33.09 -45.51 -1.85
CA LYS F 41 -33.76 -46.77 -1.58
C LYS F 41 -33.86 -47.55 -2.89
N ASN F 42 -33.14 -48.66 -2.96
CA ASN F 42 -33.07 -49.51 -4.16
C ASN F 42 -32.67 -48.77 -5.44
N GLY F 43 -31.70 -47.87 -5.32
CA GLY F 43 -31.18 -47.11 -6.45
C GLY F 43 -31.90 -45.81 -6.75
N GLU F 44 -33.12 -45.67 -6.21
CA GLU F 44 -33.96 -44.50 -6.44
C GLU F 44 -34.01 -43.63 -5.18
N ARG F 45 -34.15 -42.32 -5.39
CA ARG F 45 -34.05 -41.33 -4.30
C ARG F 45 -35.26 -41.27 -3.38
N ILE F 46 -35.04 -40.87 -2.13
CA ILE F 46 -36.09 -40.82 -1.12
C ILE F 46 -36.58 -39.37 -0.92
N GLU F 47 -37.86 -39.23 -0.57
CA GLU F 47 -38.55 -37.93 -0.51
C GLU F 47 -38.43 -37.18 0.82
N LYS F 48 -38.88 -37.81 1.90
CA LYS F 48 -38.95 -37.15 3.22
C LYS F 48 -37.60 -37.13 3.95
N VAL F 49 -36.55 -36.76 3.23
CA VAL F 49 -35.19 -36.74 3.80
C VAL F 49 -34.89 -35.43 4.52
N GLU F 50 -34.72 -35.52 5.84
CA GLU F 50 -34.39 -34.35 6.66
C GLU F 50 -32.90 -34.27 6.96
N HIS F 51 -32.37 -33.06 7.12
CA HIS F 51 -30.97 -32.88 7.51
C HIS F 51 -30.78 -32.02 8.78
N SER F 52 -29.56 -31.55 8.98
CA SER F 52 -29.26 -30.55 9.99
C SER F 52 -28.91 -29.24 9.30
N ASP F 53 -28.70 -28.19 10.08
CA ASP F 53 -28.12 -26.95 9.56
C ASP F 53 -26.62 -27.20 9.37
N LEU F 54 -26.08 -26.86 8.20
CA LEU F 54 -24.66 -27.14 7.92
C LEU F 54 -23.74 -26.28 8.78
N SER F 55 -22.60 -26.87 9.14
CA SER F 55 -21.68 -26.27 10.10
C SER F 55 -20.25 -26.54 9.64
N PHE F 56 -19.25 -26.04 10.35
CA PHE F 56 -17.85 -26.35 9.98
C PHE F 56 -16.95 -26.63 11.17
N SER F 57 -16.06 -27.61 10.98
CA SER F 57 -15.07 -28.01 11.98
C SER F 57 -13.99 -26.92 12.05
N LYS F 58 -13.06 -27.04 12.99
CA LYS F 58 -12.07 -25.98 13.23
C LYS F 58 -11.14 -25.72 12.05
N ASP F 59 -10.83 -26.75 11.28
CA ASP F 59 -10.04 -26.59 10.03
C ASP F 59 -10.91 -26.07 8.87
N TRP F 60 -11.90 -25.23 9.20
CA TRP F 60 -12.79 -24.57 8.24
C TRP F 60 -13.59 -25.46 7.28
N SER F 61 -13.57 -26.78 7.49
CA SER F 61 -14.23 -27.73 6.60
C SER F 61 -15.63 -28.11 7.07
N PHE F 62 -16.56 -28.24 6.12
CA PHE F 62 -17.99 -28.42 6.43
C PHE F 62 -18.43 -29.86 6.74
N TYR F 63 -19.52 -29.98 7.51
CA TYR F 63 -20.14 -31.27 7.84
C TYR F 63 -21.65 -31.12 8.06
N LEU F 64 -22.38 -32.20 7.82
CA LEU F 64 -23.82 -32.12 7.63
C LEU F 64 -24.47 -33.47 7.92
N LEU F 65 -25.36 -33.54 8.90
CA LEU F 65 -26.06 -34.82 9.18
C LEU F 65 -27.39 -35.00 8.44
N TYR F 66 -27.42 -35.96 7.52
CA TYR F 66 -28.65 -36.34 6.83
C TYR F 66 -29.28 -37.58 7.46
N TYR F 67 -30.60 -37.60 7.52
CA TYR F 67 -31.33 -38.72 8.09
C TYR F 67 -32.74 -38.86 7.53
N THR F 68 -33.35 -40.03 7.77
CA THR F 68 -34.75 -40.28 7.44
C THR F 68 -35.30 -41.44 8.27
N GLU F 69 -36.62 -41.49 8.36
CA GLU F 69 -37.34 -42.60 8.95
C GLU F 69 -37.37 -43.74 7.92
N PHE F 70 -37.13 -44.96 8.38
CA PHE F 70 -37.23 -46.15 7.51
C PHE F 70 -37.45 -47.46 8.27
N THR F 71 -37.94 -48.47 7.57
CA THR F 71 -37.97 -49.82 8.12
C THR F 71 -37.14 -50.72 7.21
N PRO F 72 -36.09 -51.36 7.78
CA PRO F 72 -35.21 -52.22 6.98
C PRO F 72 -35.81 -53.61 6.69
N THR F 73 -35.37 -54.22 5.59
CA THR F 73 -35.65 -55.62 5.27
C THR F 73 -34.41 -56.25 4.63
N GLU F 74 -34.35 -57.58 4.60
CA GLU F 74 -33.22 -58.30 4.01
C GLU F 74 -33.09 -58.04 2.51
N LYS F 75 -34.23 -58.01 1.82
CA LYS F 75 -34.28 -57.70 0.39
C LYS F 75 -33.82 -56.27 0.09
N ASP F 76 -34.34 -55.31 0.86
CA ASP F 76 -34.05 -53.89 0.66
C ASP F 76 -32.60 -53.52 0.94
N GLU F 77 -32.00 -52.74 0.04
CA GLU F 77 -30.66 -52.22 0.25
C GLU F 77 -30.63 -50.69 0.17
N TYR F 78 -29.87 -50.07 1.08
CA TYR F 78 -29.85 -48.62 1.20
C TYR F 78 -28.49 -48.03 0.90
N ALA F 79 -28.50 -46.82 0.33
CA ALA F 79 -27.28 -46.10 -0.03
C ALA F 79 -27.44 -44.60 0.18
N CYS F 80 -26.30 -43.90 0.23
CA CYS F 80 -26.27 -42.44 0.31
C CYS F 80 -25.49 -41.92 -0.88
N ARG F 81 -26.10 -41.01 -1.64
CA ARG F 81 -25.50 -40.47 -2.87
C ARG F 81 -25.18 -38.99 -2.76
N VAL F 82 -23.92 -38.64 -3.05
CA VAL F 82 -23.42 -37.28 -2.86
C VAL F 82 -22.70 -36.75 -4.11
N ASN F 83 -23.00 -35.51 -4.46
CA ASN F 83 -22.28 -34.80 -5.52
C ASN F 83 -21.76 -33.45 -5.05
N HIS F 84 -20.52 -33.15 -5.40
CA HIS F 84 -19.78 -31.98 -4.91
C HIS F 84 -18.70 -31.62 -5.91
N VAL F 85 -18.29 -30.35 -5.93
CA VAL F 85 -17.38 -29.87 -6.97
C VAL F 85 -16.04 -30.62 -7.04
N THR F 86 -15.59 -31.12 -5.89
CA THR F 86 -14.28 -31.80 -5.78
C THR F 86 -14.27 -33.15 -6.50
N LEU F 87 -15.40 -33.83 -6.48
CA LEU F 87 -15.52 -35.10 -7.20
C LEU F 87 -16.37 -34.96 -8.45
N SER F 88 -15.75 -35.22 -9.60
CA SER F 88 -16.42 -35.15 -10.90
C SER F 88 -17.58 -36.13 -10.97
N GLN F 89 -17.30 -37.39 -10.67
CA GLN F 89 -18.33 -38.42 -10.60
C GLN F 89 -19.14 -38.30 -9.31
N PRO F 90 -20.47 -38.50 -9.40
CA PRO F 90 -21.28 -38.66 -8.19
C PRO F 90 -20.81 -39.89 -7.39
N LYS F 91 -20.93 -39.82 -6.07
CA LYS F 91 -20.43 -40.88 -5.21
C LYS F 91 -21.55 -41.55 -4.40
N ILE F 92 -21.57 -42.87 -4.42
CA ILE F 92 -22.52 -43.66 -3.63
C ILE F 92 -21.79 -44.50 -2.58
N VAL F 93 -22.27 -44.45 -1.33
CA VAL F 93 -21.71 -45.26 -0.27
C VAL F 93 -22.80 -46.15 0.33
N LYS F 94 -22.70 -47.44 0.02
CA LYS F 94 -23.65 -48.47 0.46
C LYS F 94 -23.71 -48.55 1.99
N TRP F 95 -24.92 -48.60 2.53
CA TRP F 95 -25.10 -48.85 3.96
C TRP F 95 -24.94 -50.34 4.24
N ASP F 96 -23.96 -50.67 5.06
CA ASP F 96 -23.73 -52.05 5.45
C ASP F 96 -24.38 -52.35 6.79
N ARG F 97 -25.10 -53.45 6.85
CA ARG F 97 -25.71 -53.93 8.09
C ARG F 97 -24.64 -54.22 9.15
N ASP F 98 -23.38 -54.27 8.72
CA ASP F 98 -22.25 -54.62 9.58
C ASP F 98 -21.22 -53.48 9.66
N MET F 99 -19.99 -53.74 9.22
CA MET F 99 -18.90 -52.76 9.25
C MET F 99 -19.08 -51.67 8.19
N ASN G 1 -35.15 11.46 -2.54
CA ASN G 1 -33.81 11.84 -1.97
C ASN G 1 -33.69 11.49 -0.49
N GLN G 2 -32.54 10.93 -0.11
CA GLN G 2 -32.28 10.47 1.24
C GLN G 2 -31.90 11.63 2.19
N VAL G 3 -31.47 12.75 1.63
CA VAL G 3 -30.94 13.86 2.43
C VAL G 3 -31.59 15.19 2.05
N GLU G 4 -32.22 15.85 3.04
CA GLU G 4 -32.97 17.07 2.78
C GLU G 4 -32.48 18.24 3.60
N GLN G 5 -32.55 19.44 3.02
CA GLN G 5 -32.16 20.65 3.75
C GLN G 5 -33.22 21.75 3.69
N SER G 6 -33.19 22.62 4.69
CA SER G 6 -34.04 23.81 4.72
C SER G 6 -33.33 24.97 5.42
N PRO G 7 -33.57 26.23 4.97
CA PRO G 7 -34.40 26.64 3.83
C PRO G 7 -33.72 26.34 2.49
N GLN G 8 -34.42 26.66 1.40
CA GLN G 8 -33.84 26.52 0.07
C GLN G 8 -32.82 27.63 -0.11
N SER G 9 -33.21 28.82 0.32
CA SER G 9 -32.33 29.99 0.30
C SER G 9 -32.86 31.06 1.26
N LEU G 10 -31.93 31.78 1.89
CA LEU G 10 -32.27 32.89 2.76
C LEU G 10 -31.34 34.05 2.48
N ILE G 11 -31.67 35.22 3.03
CA ILE G 11 -30.86 36.42 2.83
C ILE G 11 -30.67 37.11 4.17
N ILE G 12 -29.41 37.24 4.61
CA ILE G 12 -29.13 37.88 5.91
C ILE G 12 -28.19 39.09 5.80
N LEU G 13 -28.31 40.03 6.73
CA LEU G 13 -27.37 41.15 6.80
C LEU G 13 -26.07 40.69 7.44
N GLU G 14 -24.97 41.39 7.17
CA GLU G 14 -23.67 41.01 7.77
C GLU G 14 -23.61 41.31 9.26
N GLY G 15 -23.03 40.38 10.01
CA GLY G 15 -22.96 40.47 11.48
C GLY G 15 -24.23 39.96 12.16
N LYS G 16 -25.06 39.24 11.41
CA LYS G 16 -26.25 38.59 11.96
C LYS G 16 -25.98 37.10 12.07
N ASN G 17 -26.72 36.43 12.96
CA ASN G 17 -26.61 34.98 13.10
C ASN G 17 -27.53 34.27 12.10
N CYS G 18 -27.47 32.95 12.09
CA CYS G 18 -28.41 32.13 11.33
C CYS G 18 -28.11 30.65 11.55
N THR G 19 -29.08 29.79 11.26
CA THR G 19 -28.94 28.37 11.49
C THR G 19 -29.59 27.58 10.37
N LEU G 20 -28.80 26.76 9.69
CA LEU G 20 -29.31 25.89 8.61
C LEU G 20 -29.62 24.46 9.07
N GLN G 21 -30.50 23.79 8.32
CA GLN G 21 -31.05 22.51 8.74
C GLN G 21 -30.74 21.39 7.75
N CYS G 22 -30.67 20.17 8.28
CA CYS G 22 -30.48 18.97 7.47
C CYS G 22 -31.21 17.81 8.12
N ASN G 23 -31.96 17.07 7.32
CA ASN G 23 -32.75 15.93 7.77
C ASN G 23 -32.53 14.73 6.85
N TYR G 24 -31.88 13.71 7.38
CA TYR G 24 -31.50 12.53 6.60
C TYR G 24 -32.38 11.32 6.93
N THR G 25 -32.35 10.32 6.06
CA THR G 25 -33.04 9.05 6.29
C THR G 25 -32.10 7.86 6.07
N VAL G 26 -30.90 8.15 5.58
CA VAL G 26 -29.86 7.14 5.29
C VAL G 26 -29.67 6.16 6.42
N SER G 27 -29.65 4.88 6.08
CA SER G 27 -29.50 3.79 7.02
C SER G 27 -28.72 2.65 6.38
N PRO G 28 -27.63 2.17 7.05
CA PRO G 28 -27.18 2.61 8.37
C PRO G 28 -26.48 3.95 8.29
N PHE G 29 -26.51 4.69 9.39
CA PHE G 29 -25.90 6.01 9.46
C PHE G 29 -24.55 5.91 10.14
N SER G 30 -23.56 6.62 9.62
CA SER G 30 -22.28 6.69 10.30
C SER G 30 -21.86 8.11 10.67
N ASN G 31 -21.71 8.97 9.68
CA ASN G 31 -21.21 10.34 9.90
C ASN G 31 -21.80 11.42 8.98
N LEU G 32 -21.99 12.60 9.56
CA LEU G 32 -22.60 13.77 8.90
C LEU G 32 -21.54 14.82 8.56
N ARG G 33 -21.67 15.42 7.37
CA ARG G 33 -20.76 16.48 6.91
C ARG G 33 -21.50 17.73 6.44
N TRP G 34 -20.86 18.89 6.62
CA TRP G 34 -21.36 20.17 6.09
C TRP G 34 -20.33 20.79 5.18
N TYR G 35 -20.65 20.89 3.88
CA TYR G 35 -19.74 21.51 2.93
C TYR G 35 -20.15 22.93 2.57
N LYS G 36 -19.17 23.83 2.51
CA LYS G 36 -19.39 25.18 1.99
C LYS G 36 -18.79 25.30 0.59
N GLN G 37 -19.63 25.65 -0.39
CA GLN G 37 -19.17 25.75 -1.76
C GLN G 37 -19.53 27.08 -2.44
N ASP G 38 -18.52 27.90 -2.69
CA ASP G 38 -18.71 29.22 -3.30
C ASP G 38 -18.87 29.15 -4.81
N THR G 39 -19.65 30.09 -5.35
CA THR G 39 -19.85 30.20 -6.79
C THR G 39 -18.52 30.07 -7.49
N GLY G 40 -18.45 29.13 -8.43
CA GLY G 40 -17.25 28.88 -9.24
C GLY G 40 -16.34 27.80 -8.68
N ARG G 41 -16.14 27.83 -7.37
CA ARG G 41 -15.11 27.02 -6.73
C ARG G 41 -15.59 25.60 -6.40
N GLY G 42 -14.69 24.79 -5.84
CA GLY G 42 -15.06 23.47 -5.35
C GLY G 42 -15.63 23.57 -3.94
N PRO G 43 -16.31 22.51 -3.47
CA PRO G 43 -16.75 22.45 -2.08
C PRO G 43 -15.60 22.29 -1.10
N VAL G 44 -15.80 22.85 0.09
CA VAL G 44 -14.83 22.83 1.17
C VAL G 44 -15.51 22.18 2.36
N SER G 45 -14.86 21.17 2.94
CA SER G 45 -15.39 20.51 4.13
C SER G 45 -15.30 21.43 5.34
N LEU G 46 -16.38 21.54 6.10
CA LEU G 46 -16.39 22.34 7.32
C LEU G 46 -16.34 21.46 8.55
N THR G 47 -17.17 20.42 8.57
CA THR G 47 -17.36 19.58 9.75
C THR G 47 -17.52 18.10 9.37
N ILE G 48 -16.97 17.22 10.22
CA ILE G 48 -17.28 15.80 10.17
C ILE G 48 -17.70 15.35 11.56
N MET G 49 -18.86 14.71 11.65
CA MET G 49 -19.40 14.26 12.95
C MET G 49 -19.83 12.81 12.92
N THR G 50 -19.70 12.12 14.05
CA THR G 50 -20.22 10.77 14.18
C THR G 50 -21.51 10.79 14.97
N PHE G 51 -22.22 9.66 14.96
CA PHE G 51 -23.34 9.39 15.87
C PHE G 51 -22.98 9.84 17.29
N SER G 52 -21.84 9.34 17.77
CA SER G 52 -21.28 9.69 19.08
C SER G 52 -21.18 11.19 19.37
N GLU G 53 -20.59 11.94 18.45
CA GLU G 53 -20.34 13.38 18.64
C GLU G 53 -21.61 14.19 18.35
N ASN G 54 -22.16 14.83 19.39
CA ASN G 54 -23.38 15.60 19.22
C ASN G 54 -23.18 17.09 18.91
N THR G 55 -21.92 17.50 18.74
CA THR G 55 -21.57 18.88 18.38
C THR G 55 -20.09 19.05 17.99
N LYS G 56 -19.86 19.55 16.78
CA LYS G 56 -18.50 19.88 16.33
C LYS G 56 -18.41 21.36 15.92
N SER G 57 -17.32 22.02 16.29
CA SER G 57 -17.16 23.45 16.06
C SER G 57 -15.89 23.76 15.26
N ASN G 58 -16.05 24.35 14.07
CA ASN G 58 -14.91 24.74 13.24
C ASN G 58 -14.82 26.24 12.96
N GLY G 59 -14.26 26.97 13.91
CA GLY G 59 -14.08 28.41 13.79
C GLY G 59 -15.28 29.21 14.21
N ARG G 60 -16.04 29.68 13.23
CA ARG G 60 -17.18 30.56 13.46
C ARG G 60 -18.44 29.80 13.05
N TYR G 61 -18.25 28.55 12.64
CA TYR G 61 -19.33 27.62 12.38
C TYR G 61 -19.42 26.59 13.50
N THR G 62 -20.63 26.07 13.71
CA THR G 62 -20.88 25.03 14.70
C THR G 62 -21.95 24.10 14.18
N ALA G 63 -21.61 22.82 14.07
CA ALA G 63 -22.56 21.79 13.67
C ALA G 63 -23.16 21.07 14.88
N THR G 64 -24.37 20.54 14.70
CA THR G 64 -25.12 19.86 15.74
C THR G 64 -25.71 18.57 15.20
N LEU G 65 -25.60 17.49 15.95
CA LEU G 65 -26.17 16.22 15.50
C LEU G 65 -27.10 15.55 16.51
N ASP G 66 -28.40 15.66 16.26
CA ASP G 66 -29.40 14.89 16.98
C ASP G 66 -29.71 13.64 16.18
N ALA G 67 -28.98 12.57 16.50
CA ALA G 67 -29.07 11.32 15.76
C ALA G 67 -30.37 10.58 16.02
N ASP G 68 -31.00 10.87 17.16
CA ASP G 68 -32.27 10.24 17.50
C ASP G 68 -33.42 10.71 16.63
N THR G 69 -33.35 11.98 16.21
CA THR G 69 -34.38 12.55 15.35
C THR G 69 -33.85 12.77 13.94
N LYS G 70 -32.67 12.20 13.65
CA LYS G 70 -32.07 12.22 12.32
C LYS G 70 -31.96 13.64 11.77
N GLN G 71 -31.35 14.52 12.56
CA GLN G 71 -31.31 15.95 12.23
C GLN G 71 -29.95 16.54 12.54
N SER G 72 -29.53 17.47 11.68
CA SER G 72 -28.28 18.20 11.87
C SER G 72 -28.50 19.68 11.58
N SER G 73 -27.87 20.52 12.39
CA SER G 73 -27.98 21.95 12.20
C SER G 73 -26.59 22.55 12.08
N LEU G 74 -26.40 23.40 11.08
CA LEU G 74 -25.21 24.22 10.98
C LEU G 74 -25.55 25.63 11.44
N HIS G 75 -24.72 26.19 12.30
CA HIS G 75 -24.98 27.50 12.88
C HIS G 75 -23.85 28.49 12.58
N ILE G 76 -24.20 29.67 12.09
CA ILE G 76 -23.20 30.68 11.76
C ILE G 76 -23.33 31.88 12.68
N THR G 77 -22.18 32.36 13.16
CA THR G 77 -22.14 33.55 14.02
C THR G 77 -21.52 34.70 13.24
N ALA G 78 -21.76 35.93 13.69
CA ALA G 78 -21.11 37.12 13.12
C ALA G 78 -20.77 36.92 11.65
N SER G 79 -21.80 36.66 10.85
CA SER G 79 -21.65 36.35 9.44
C SER G 79 -21.04 37.50 8.65
N GLN G 80 -20.11 37.16 7.76
CA GLN G 80 -19.52 38.15 6.87
C GLN G 80 -19.88 37.88 5.41
N LEU G 81 -19.69 38.90 4.57
CA LEU G 81 -19.92 38.79 3.13
C LEU G 81 -19.29 37.52 2.53
N SER G 82 -18.16 37.11 3.08
CA SER G 82 -17.46 35.90 2.68
C SER G 82 -18.34 34.63 2.69
N ASP G 83 -19.38 34.64 3.54
CA ASP G 83 -20.21 33.46 3.76
C ASP G 83 -21.23 33.19 2.66
N SER G 84 -21.55 34.21 1.86
CA SER G 84 -22.52 34.07 0.78
C SER G 84 -22.14 32.88 -0.11
N ALA G 85 -22.76 31.74 0.16
CA ALA G 85 -22.42 30.49 -0.53
C ALA G 85 -23.54 29.47 -0.43
N SER G 86 -23.46 28.45 -1.27
CA SER G 86 -24.28 27.28 -1.11
C SER G 86 -23.63 26.39 -0.06
N TYR G 87 -24.44 25.87 0.87
CA TYR G 87 -23.96 25.00 1.94
C TYR G 87 -24.55 23.61 1.79
N ILE G 88 -23.69 22.62 1.64
CA ILE G 88 -24.14 21.27 1.33
C ILE G 88 -24.01 20.36 2.55
N CYS G 89 -25.01 19.51 2.74
CA CYS G 89 -25.01 18.56 3.84
C CYS G 89 -24.87 17.14 3.26
N VAL G 90 -23.81 16.44 3.66
CA VAL G 90 -23.59 15.06 3.18
C VAL G 90 -23.56 14.02 4.30
N VAL G 91 -24.02 12.80 3.98
CA VAL G 91 -24.10 11.68 4.92
C VAL G 91 -23.32 10.47 4.38
N SER G 92 -22.60 9.78 5.26
CA SER G 92 -21.86 8.57 4.90
C SER G 92 -22.43 7.35 5.58
N ASP G 93 -22.60 6.25 4.84
CA ASP G 93 -23.20 5.05 5.42
C ASP G 93 -22.21 4.07 6.06
N ARG G 94 -20.90 4.37 5.98
CA ARG G 94 -19.87 3.60 6.68
C ARG G 94 -18.88 4.51 7.36
N GLY G 95 -18.25 4.01 8.42
CA GLY G 95 -17.22 4.76 9.14
C GLY G 95 -15.83 4.59 8.54
N SER G 96 -15.80 4.42 7.22
CA SER G 96 -14.56 4.24 6.47
C SER G 96 -14.79 4.65 5.02
N THR G 97 -13.72 4.62 4.22
CA THR G 97 -13.78 4.99 2.79
C THR G 97 -14.54 4.00 1.94
N LEU G 98 -15.04 2.95 2.58
CA LEU G 98 -15.86 1.95 1.91
C LEU G 98 -17.31 2.45 1.73
N GLY G 99 -17.65 3.54 2.40
CA GLY G 99 -19.02 4.04 2.44
C GLY G 99 -19.52 4.82 1.23
N ARG G 100 -20.81 4.66 0.96
CA ARG G 100 -21.52 5.45 -0.03
C ARG G 100 -21.78 6.82 0.60
N LEU G 101 -21.75 7.88 -0.21
CA LEU G 101 -22.00 9.26 0.26
C LEU G 101 -23.26 9.87 -0.35
N TYR G 102 -24.15 10.38 0.49
CA TYR G 102 -25.44 10.91 0.06
C TYR G 102 -25.45 12.43 0.22
N PHE G 103 -25.67 13.14 -0.88
CA PHE G 103 -25.63 14.61 -0.91
C PHE G 103 -27.00 15.27 -0.92
N GLY G 104 -27.15 16.36 -0.17
CA GLY G 104 -28.38 17.17 -0.24
C GLY G 104 -28.33 18.15 -1.40
N ARG G 105 -29.44 18.79 -1.71
CA ARG G 105 -29.44 19.77 -2.81
C ARG G 105 -28.77 21.09 -2.39
N GLY G 106 -28.42 21.19 -1.11
CA GLY G 106 -27.78 22.39 -0.56
C GLY G 106 -28.74 23.52 -0.29
N THR G 107 -28.25 24.53 0.45
CA THR G 107 -29.01 25.73 0.79
C THR G 107 -28.21 26.96 0.42
N GLN G 108 -28.83 27.86 -0.34
CA GLN G 108 -28.19 29.08 -0.85
C GLN G 108 -28.28 30.25 0.14
N LEU G 109 -27.20 30.50 0.88
CA LEU G 109 -27.12 31.64 1.80
C LEU G 109 -26.58 32.87 1.08
N THR G 110 -27.27 33.98 1.26
CA THR G 110 -26.80 35.26 0.76
C THR G 110 -26.64 36.21 1.92
N VAL G 111 -25.39 36.63 2.17
CA VAL G 111 -25.09 37.67 3.13
C VAL G 111 -24.97 39.01 2.41
N TRP G 112 -25.80 39.97 2.83
CA TRP G 112 -25.76 41.33 2.29
C TRP G 112 -25.00 42.25 3.25
N PRO G 113 -24.51 43.39 2.73
CA PRO G 113 -23.75 44.32 3.57
C PRO G 113 -24.63 45.09 4.54
N ASP G 114 -24.03 45.62 5.60
CA ASP G 114 -24.71 46.54 6.50
C ASP G 114 -24.23 47.97 6.23
N ILE G 115 -24.98 48.68 5.39
CA ILE G 115 -24.63 50.05 5.01
C ILE G 115 -25.37 51.01 5.92
N GLN G 116 -24.66 51.52 6.92
CA GLN G 116 -25.24 52.44 7.89
C GLN G 116 -25.28 53.88 7.37
N ASN G 117 -24.37 54.20 6.45
CA ASN G 117 -24.35 55.50 5.81
C ASN G 117 -24.59 55.42 4.31
N PRO G 118 -25.87 55.53 3.89
CA PRO G 118 -26.22 55.46 2.48
C PRO G 118 -26.04 56.81 1.78
N ASP G 119 -25.86 56.78 0.46
CA ASP G 119 -25.73 57.99 -0.35
C ASP G 119 -26.04 57.72 -1.82
N PRO G 120 -27.30 57.38 -2.13
CA PRO G 120 -27.62 56.85 -3.45
C PRO G 120 -27.43 57.91 -4.51
N ALA G 121 -26.80 57.54 -5.62
CA ALA G 121 -26.51 58.48 -6.70
C ALA G 121 -26.30 57.77 -8.03
N VAL G 122 -26.52 58.49 -9.13
CA VAL G 122 -26.29 57.94 -10.46
C VAL G 122 -25.29 58.82 -11.23
N TYR G 123 -24.08 58.29 -11.43
CA TYR G 123 -22.97 59.03 -12.03
C TYR G 123 -22.71 58.59 -13.46
N GLN G 124 -22.55 59.55 -14.37
CA GLN G 124 -22.14 59.20 -15.73
C GLN G 124 -20.62 59.12 -15.81
N LEU G 125 -20.12 57.92 -16.10
CA LEU G 125 -18.69 57.70 -16.27
C LEU G 125 -18.28 58.07 -17.68
N ARG G 126 -17.20 58.85 -17.79
CA ARG G 126 -16.71 59.34 -19.07
C ARG G 126 -16.33 58.21 -20.02
N ASP G 127 -16.38 58.51 -21.31
CA ASP G 127 -16.06 57.53 -22.35
C ASP G 127 -14.68 56.91 -22.12
N SER G 128 -14.61 55.58 -22.19
CA SER G 128 -13.33 54.91 -22.33
C SER G 128 -12.71 55.52 -23.56
N LYS G 129 -11.63 56.28 -23.38
CA LYS G 129 -11.05 57.09 -24.45
C LYS G 129 -11.32 56.58 -25.87
N SER G 130 -10.95 55.32 -26.12
CA SER G 130 -11.08 54.70 -27.45
C SER G 130 -12.52 54.38 -27.85
N SER G 131 -13.34 54.03 -26.87
CA SER G 131 -14.73 53.61 -27.08
C SER G 131 -15.66 54.79 -27.43
N ASP G 132 -16.97 54.53 -27.44
CA ASP G 132 -18.00 55.56 -27.57
C ASP G 132 -19.25 55.24 -26.74
N LYS G 133 -19.17 54.19 -25.92
CA LYS G 133 -20.26 53.78 -25.04
C LYS G 133 -20.53 54.83 -23.95
N SER G 134 -21.76 54.80 -23.42
CA SER G 134 -22.14 55.63 -22.29
C SER G 134 -22.52 54.73 -21.11
N VAL G 135 -21.82 54.90 -20.00
CA VAL G 135 -22.02 54.06 -18.82
C VAL G 135 -22.53 54.85 -17.62
N CYS G 136 -23.65 54.41 -17.05
CA CYS G 136 -24.14 54.97 -15.80
C CYS G 136 -23.82 54.08 -14.62
N LEU G 137 -23.40 54.69 -13.52
CA LEU G 137 -23.08 53.97 -12.30
C LEU G 137 -24.02 54.36 -11.18
N PHE G 138 -24.87 53.42 -10.78
CA PHE G 138 -25.69 53.54 -9.59
C PHE G 138 -24.83 52.97 -8.47
N THR G 139 -24.69 53.72 -7.38
CA THR G 139 -23.83 53.28 -6.27
C THR G 139 -24.21 53.84 -4.89
N ASP G 140 -23.56 53.30 -3.85
CA ASP G 140 -23.66 53.77 -2.46
C ASP G 140 -25.07 53.74 -1.85
N PHE G 141 -25.95 52.93 -2.43
CA PHE G 141 -27.28 52.68 -1.87
C PHE G 141 -27.22 51.54 -0.86
N ASP G 142 -28.09 51.57 0.14
CA ASP G 142 -28.12 50.54 1.17
C ASP G 142 -28.73 49.21 0.70
N SER G 143 -28.84 48.24 1.60
CA SER G 143 -29.25 46.89 1.26
C SER G 143 -30.74 46.74 0.89
N GLN G 144 -31.57 47.64 1.39
CA GLN G 144 -33.03 47.57 1.15
C GLN G 144 -33.35 47.66 -0.34
N THR G 145 -32.59 48.48 -1.06
CA THR G 145 -32.77 48.65 -2.50
C THR G 145 -32.27 47.40 -3.24
N ASN G 146 -32.97 47.01 -4.30
CA ASN G 146 -32.44 46.04 -5.27
C ASN G 146 -32.74 46.41 -6.71
N VAL G 147 -31.79 46.06 -7.59
CA VAL G 147 -31.81 46.49 -8.98
C VAL G 147 -32.47 45.50 -9.93
N SER G 148 -33.45 45.99 -10.68
CA SER G 148 -34.14 45.21 -11.68
C SER G 148 -33.52 45.40 -13.07
N GLN G 149 -33.72 44.41 -13.93
CA GLN G 149 -33.16 44.41 -15.29
C GLN G 149 -33.98 45.27 -16.25
N SER G 150 -33.31 45.86 -17.23
CA SER G 150 -34.02 46.56 -18.30
C SER G 150 -34.36 45.56 -19.39
N LYS G 151 -35.08 46.00 -20.41
CA LYS G 151 -35.14 45.25 -21.67
C LYS G 151 -34.84 46.07 -22.92
N ASP G 152 -35.80 46.12 -23.85
CA ASP G 152 -35.58 46.52 -25.26
C ASP G 152 -34.32 45.86 -25.89
N SER G 153 -33.69 44.96 -25.13
CA SER G 153 -32.55 44.13 -25.58
C SER G 153 -31.27 44.91 -25.92
N ASP G 154 -31.37 46.24 -25.91
CA ASP G 154 -30.25 47.09 -26.29
C ASP G 154 -29.73 47.94 -25.14
N VAL G 155 -30.37 47.81 -23.98
CA VAL G 155 -29.91 48.46 -22.75
C VAL G 155 -29.58 47.39 -21.74
N TYR G 156 -28.34 47.42 -21.25
CA TYR G 156 -27.87 46.42 -20.31
C TYR G 156 -27.73 47.01 -18.93
N ILE G 157 -28.12 46.23 -17.92
CA ILE G 157 -27.95 46.61 -16.51
C ILE G 157 -27.49 45.37 -15.73
N THR G 158 -26.47 45.54 -14.90
CA THR G 158 -25.97 44.45 -14.05
C THR G 158 -26.68 44.46 -12.69
N ASP G 159 -26.54 43.36 -11.94
CA ASP G 159 -27.11 43.28 -10.60
C ASP G 159 -26.21 44.01 -9.61
N LYS G 160 -26.67 44.17 -8.37
CA LYS G 160 -25.87 44.87 -7.36
C LYS G 160 -24.70 44.02 -6.87
N CYS G 161 -23.57 44.68 -6.63
CA CYS G 161 -22.33 44.00 -6.27
C CYS G 161 -21.62 44.76 -5.14
N VAL G 162 -21.18 44.01 -4.13
CA VAL G 162 -20.60 44.58 -2.91
C VAL G 162 -19.08 44.63 -2.96
N LEU G 163 -18.54 45.82 -2.71
CA LEU G 163 -17.12 46.10 -2.87
C LEU G 163 -16.49 46.52 -1.54
N ASP G 164 -15.39 45.89 -1.16
CA ASP G 164 -14.81 46.12 0.16
C ASP G 164 -13.49 46.86 0.09
N MET G 165 -13.52 48.12 0.50
CA MET G 165 -12.31 48.94 0.60
C MET G 165 -11.66 48.70 1.95
N ARG G 166 -10.95 47.58 2.03
CA ARG G 166 -10.47 47.04 3.31
C ARG G 166 -9.72 48.04 4.17
N SER G 167 -8.80 48.79 3.56
CA SER G 167 -7.89 49.69 4.29
C SER G 167 -8.54 50.98 4.82
N MET G 168 -9.87 51.04 4.72
CA MET G 168 -10.64 52.18 5.22
C MET G 168 -11.92 51.75 5.91
N ASP G 169 -12.16 50.44 5.95
CA ASP G 169 -13.39 49.86 6.49
C ASP G 169 -14.62 50.58 5.92
N PHE G 170 -14.84 50.41 4.63
CA PHE G 170 -15.93 51.04 3.91
C PHE G 170 -16.43 50.13 2.78
N LYS G 171 -17.71 49.78 2.84
CA LYS G 171 -18.34 48.92 1.83
C LYS G 171 -19.40 49.68 1.04
N SER G 172 -19.55 49.35 -0.23
CA SER G 172 -20.48 50.10 -1.07
C SER G 172 -21.09 49.26 -2.19
N ASN G 173 -22.42 49.20 -2.21
CA ASN G 173 -23.16 48.57 -3.29
C ASN G 173 -23.03 49.39 -4.59
N SER G 174 -23.33 48.76 -5.71
CA SER G 174 -23.32 49.43 -7.01
C SER G 174 -23.82 48.50 -8.10
N ALA G 175 -24.56 49.05 -9.05
CA ALA G 175 -24.88 48.36 -10.30
C ALA G 175 -24.47 49.26 -11.47
N VAL G 176 -24.19 48.63 -12.61
CA VAL G 176 -23.66 49.33 -13.76
C VAL G 176 -24.57 49.16 -14.97
N ALA G 177 -25.01 50.28 -15.53
CA ALA G 177 -25.89 50.30 -16.71
C ALA G 177 -25.19 50.89 -17.92
N TRP G 178 -25.36 50.27 -19.08
CA TRP G 178 -24.76 50.77 -20.32
C TRP G 178 -25.59 50.50 -21.58
N SER G 179 -25.43 51.39 -22.56
CA SER G 179 -26.08 51.26 -23.86
C SER G 179 -25.35 52.15 -24.86
N ASN G 180 -25.58 51.91 -26.15
CA ASN G 180 -24.94 52.72 -27.19
C ASN G 180 -25.95 53.40 -28.10
N LYS G 181 -27.08 53.78 -27.54
CA LYS G 181 -28.09 54.54 -28.28
C LYS G 181 -28.13 56.01 -27.86
N SER G 182 -28.42 56.89 -28.82
CA SER G 182 -28.47 58.33 -28.61
C SER G 182 -29.46 58.70 -27.49
N ASP G 183 -30.61 58.03 -27.51
CA ASP G 183 -31.66 58.18 -26.51
C ASP G 183 -31.17 58.04 -25.06
N PHE G 184 -30.23 57.11 -24.85
CA PHE G 184 -29.81 56.71 -23.50
C PHE G 184 -29.08 57.81 -22.71
N ALA G 185 -29.62 58.09 -21.53
CA ALA G 185 -29.02 59.01 -20.57
C ALA G 185 -29.16 58.44 -19.15
N CYS G 186 -28.47 59.06 -18.19
CA CYS G 186 -28.43 58.55 -16.82
C CYS G 186 -29.73 58.69 -16.04
N ALA G 187 -30.40 59.83 -16.21
CA ALA G 187 -31.63 60.13 -15.47
C ALA G 187 -32.73 59.09 -15.65
N ASN G 188 -32.75 58.43 -16.81
CA ASN G 188 -33.73 57.37 -17.06
C ASN G 188 -33.13 55.98 -17.25
N ALA G 189 -31.87 55.80 -16.88
CA ALA G 189 -31.22 54.51 -16.94
C ALA G 189 -31.97 53.53 -16.04
N PHE G 190 -31.97 53.79 -14.74
CA PHE G 190 -32.65 52.93 -13.77
C PHE G 190 -34.09 53.37 -13.51
N ASN G 191 -34.86 53.52 -14.59
CA ASN G 191 -36.28 53.80 -14.46
C ASN G 191 -37.08 52.51 -14.21
N ASN G 192 -36.40 51.39 -14.42
CA ASN G 192 -36.97 50.06 -14.23
C ASN G 192 -36.85 49.61 -12.77
N SER G 193 -35.83 50.13 -12.08
CA SER G 193 -35.58 49.76 -10.69
C SER G 193 -36.28 50.72 -9.72
N ILE G 194 -36.60 50.23 -8.52
CA ILE G 194 -37.21 51.06 -7.50
C ILE G 194 -36.15 51.62 -6.54
N ILE G 195 -35.40 52.61 -7.04
CA ILE G 195 -34.33 53.27 -6.27
C ILE G 195 -34.89 54.16 -5.15
N PRO G 196 -34.03 54.57 -4.18
CA PRO G 196 -34.50 55.40 -3.06
C PRO G 196 -34.98 56.78 -3.50
N GLU G 197 -35.86 57.38 -2.70
CA GLU G 197 -36.44 58.69 -3.02
C GLU G 197 -35.40 59.77 -3.31
N ASP G 198 -34.36 59.83 -2.47
CA ASP G 198 -33.37 60.92 -2.52
C ASP G 198 -32.08 60.58 -3.28
N THR G 199 -32.23 59.88 -4.41
CA THR G 199 -31.09 59.52 -5.25
C THR G 199 -30.52 60.78 -5.91
N PHE G 200 -29.19 60.93 -5.84
CA PHE G 200 -28.52 62.11 -6.37
C PHE G 200 -28.18 61.95 -7.85
N PHE G 201 -28.79 62.79 -8.68
CA PHE G 201 -28.43 62.90 -10.09
C PHE G 201 -27.71 64.22 -10.32
N PRO G 202 -26.38 64.17 -10.47
CA PRO G 202 -25.61 65.36 -10.81
C PRO G 202 -26.02 65.87 -12.18
N SER G 203 -26.32 67.16 -12.26
CA SER G 203 -26.65 67.79 -13.55
C SER G 203 -25.40 67.82 -14.42
N PRO G 204 -25.49 67.23 -15.63
CA PRO G 204 -24.32 66.99 -16.48
C PRO G 204 -24.04 68.13 -17.45
N ALA H 1 1.05 19.67 -1.88
CA ALA H 1 0.33 20.24 -0.71
C ALA H 1 -1.11 20.64 -1.08
N ASP H 2 -1.72 19.92 -2.02
CA ASP H 2 -3.07 20.23 -2.52
C ASP H 2 -3.59 19.25 -3.60
N ILE H 3 -4.74 19.60 -4.20
CA ILE H 3 -5.31 18.87 -5.33
C ILE H 3 -5.54 19.85 -6.48
N TYR H 4 -5.30 19.43 -7.71
CA TYR H 4 -5.34 20.35 -8.87
C TYR H 4 -6.14 19.80 -10.05
N GLN H 5 -6.61 20.71 -10.90
CA GLN H 5 -7.33 20.34 -12.13
C GLN H 5 -6.99 21.30 -13.27
N THR H 6 -6.92 20.75 -14.48
CA THR H 6 -6.76 21.56 -15.70
C THR H 6 -7.51 20.93 -16.88
N PRO H 7 -8.00 21.76 -17.81
CA PRO H 7 -8.10 23.23 -17.72
C PRO H 7 -9.29 23.70 -16.88
N ARG H 8 -9.23 24.90 -16.33
CA ARG H 8 -10.34 25.38 -15.49
C ARG H 8 -11.58 25.69 -16.30
N TYR H 9 -11.39 25.98 -17.58
CA TYR H 9 -12.47 26.11 -18.54
C TYR H 9 -12.09 25.40 -19.84
N LEU H 10 -13.06 24.85 -20.55
CA LEU H 10 -12.81 24.16 -21.82
C LEU H 10 -14.01 24.23 -22.77
N VAL H 11 -13.76 24.75 -23.97
CA VAL H 11 -14.76 24.72 -25.05
C VAL H 11 -14.27 23.81 -26.18
N ILE H 12 -15.16 22.93 -26.66
CA ILE H 12 -14.81 21.97 -27.70
C ILE H 12 -16.02 21.63 -28.58
N GLY H 13 -15.78 21.44 -29.87
CA GLY H 13 -16.82 21.09 -30.83
C GLY H 13 -17.24 19.63 -30.74
N THR H 14 -18.42 19.32 -31.28
CA THR H 14 -19.00 17.98 -31.26
C THR H 14 -18.05 16.94 -31.86
N GLY H 15 -17.97 15.79 -31.23
CA GLY H 15 -17.22 14.66 -31.78
C GLY H 15 -15.80 14.53 -31.28
N LYS H 16 -15.09 15.66 -31.23
CA LYS H 16 -13.70 15.67 -30.77
C LYS H 16 -13.57 15.14 -29.34
N LYS H 17 -12.41 14.55 -29.02
CA LYS H 17 -12.19 13.90 -27.73
C LYS H 17 -11.89 14.92 -26.61
N ILE H 18 -12.13 14.52 -25.36
CA ILE H 18 -11.91 15.42 -24.22
C ILE H 18 -11.06 14.73 -23.13
N THR H 19 -10.04 15.44 -22.63
CA THR H 19 -9.19 14.93 -21.56
C THR H 19 -9.11 15.90 -20.40
N LEU H 20 -9.88 15.63 -19.34
CA LEU H 20 -9.85 16.46 -18.15
C LEU H 20 -8.84 15.91 -17.15
N GLU H 21 -7.90 16.75 -16.74
CA GLU H 21 -6.79 16.32 -15.88
C GLU H 21 -7.09 16.49 -14.39
N CYS H 22 -6.59 15.56 -13.56
CA CYS H 22 -6.68 15.70 -12.12
C CYS H 22 -5.47 15.20 -11.36
N SER H 23 -4.81 16.10 -10.62
CA SER H 23 -3.63 15.77 -9.82
C SER H 23 -3.86 15.93 -8.33
N GLN H 24 -3.14 15.14 -7.54
CA GLN H 24 -3.20 15.20 -6.10
C GLN H 24 -1.89 14.72 -5.52
N THR H 25 -1.19 15.63 -4.85
CA THR H 25 0.00 15.28 -4.07
C THR H 25 -0.45 14.36 -2.93
N MET H 26 -0.71 14.96 -1.77
CA MET H 26 -1.39 14.35 -0.61
C MET H 26 -1.13 12.86 -0.28
N GLY H 27 -1.08 12.02 -1.31
CA GLY H 27 -0.82 10.60 -1.14
C GLY H 27 -2.11 9.86 -0.85
N HIS H 28 -3.22 10.46 -1.22
CA HIS H 28 -4.53 9.89 -0.98
C HIS H 28 -4.76 8.76 -1.97
N ASP H 29 -5.44 7.71 -1.51
CA ASP H 29 -5.71 6.55 -2.34
C ASP H 29 -6.94 6.74 -3.23
N LYS H 30 -8.03 7.17 -2.60
CA LYS H 30 -9.32 7.41 -3.25
C LYS H 30 -9.61 8.89 -2.98
N MET H 31 -10.01 9.75 -3.93
CA MET H 31 -10.28 9.60 -5.38
C MET H 31 -11.72 9.35 -5.95
N TYR H 32 -12.30 10.46 -6.44
CA TYR H 32 -13.70 10.59 -6.88
C TYR H 32 -13.83 11.54 -8.07
N TRP H 33 -14.82 11.29 -8.94
CA TRP H 33 -15.18 12.23 -10.00
C TRP H 33 -16.66 12.57 -9.91
N TYR H 34 -16.97 13.87 -9.87
CA TYR H 34 -18.33 14.36 -9.73
C TYR H 34 -18.75 15.24 -10.90
N GLN H 35 -20.03 15.18 -11.25
CA GLN H 35 -20.61 16.06 -12.25
C GLN H 35 -21.65 16.91 -11.56
N GLN H 36 -21.70 18.19 -11.89
CA GLN H 36 -22.64 19.11 -11.25
C GLN H 36 -23.22 20.12 -12.21
N ASP H 37 -24.40 19.80 -12.74
CA ASP H 37 -25.16 20.76 -13.53
C ASP H 37 -25.51 21.98 -12.67
N PRO H 38 -25.34 23.19 -13.23
CA PRO H 38 -25.77 24.43 -12.56
C PRO H 38 -27.11 24.25 -11.87
N GLY H 39 -27.18 24.66 -10.61
CA GLY H 39 -28.42 24.59 -9.84
C GLY H 39 -28.52 23.36 -8.97
N MET H 40 -28.60 22.19 -9.62
CA MET H 40 -28.74 20.91 -8.91
C MET H 40 -27.44 20.44 -8.25
N GLU H 41 -27.58 19.39 -7.43
CA GLU H 41 -26.52 18.89 -6.56
C GLU H 41 -25.41 18.13 -7.30
N LEU H 42 -24.60 17.41 -6.52
CA LEU H 42 -23.47 16.66 -7.05
C LEU H 42 -23.86 15.23 -7.37
N HIS H 43 -23.40 14.75 -8.52
CA HIS H 43 -23.57 13.35 -8.90
C HIS H 43 -22.22 12.67 -9.11
N LEU H 44 -22.09 11.45 -8.59
CA LEU H 44 -20.85 10.68 -8.66
C LEU H 44 -20.78 9.90 -9.97
N ILE H 45 -19.76 10.16 -10.78
CA ILE H 45 -19.64 9.43 -12.05
C ILE H 45 -18.63 8.29 -11.99
N HIS H 46 -17.52 8.51 -11.27
CA HIS H 46 -16.51 7.46 -11.09
C HIS H 46 -15.81 7.56 -9.75
N TYR H 47 -15.31 6.43 -9.27
CA TYR H 47 -14.43 6.44 -8.12
C TYR H 47 -13.34 5.40 -8.26
N SER H 48 -12.21 5.67 -7.62
CA SER H 48 -11.07 4.77 -7.62
C SER H 48 -10.56 4.59 -6.17
N TYR H 49 -10.19 3.36 -5.82
CA TYR H 49 -9.54 3.13 -4.55
C TYR H 49 -8.03 3.33 -4.65
N GLY H 50 -7.58 3.75 -5.84
CA GLY H 50 -6.19 4.07 -6.09
C GLY H 50 -5.55 3.07 -7.01
N VAL H 51 -4.40 2.57 -6.57
CA VAL H 51 -3.84 1.31 -7.08
C VAL H 51 -4.01 1.26 -8.61
N ASN H 52 -4.96 0.44 -9.05
CA ASN H 52 -5.29 0.24 -10.45
C ASN H 52 -6.81 0.08 -10.55
N SER H 53 -7.52 0.73 -9.63
CA SER H 53 -8.96 0.58 -9.45
C SER H 53 -9.73 1.72 -10.09
N THR H 54 -10.64 1.40 -11.01
CA THR H 54 -11.58 2.36 -11.55
C THR H 54 -12.94 1.71 -11.55
N GLU H 55 -13.91 2.40 -10.96
CA GLU H 55 -15.27 1.89 -10.88
C GLU H 55 -16.24 2.98 -11.28
N LYS H 56 -17.44 2.59 -11.74
CA LYS H 56 -18.47 3.55 -12.12
C LYS H 56 -19.31 3.98 -10.93
N GLY H 57 -19.75 5.22 -10.94
CA GLY H 57 -20.68 5.73 -9.94
C GLY H 57 -22.13 5.49 -10.33
N ASP H 58 -23.05 6.03 -9.52
CA ASP H 58 -24.51 5.86 -9.72
C ASP H 58 -25.08 6.50 -10.99
N LEU H 59 -24.29 7.39 -11.62
CA LEU H 59 -24.73 8.10 -12.80
C LEU H 59 -24.12 7.50 -14.05
N SER H 60 -24.94 6.80 -14.82
CA SER H 60 -24.48 6.10 -16.03
C SER H 60 -24.18 7.06 -17.19
N SER H 61 -22.95 7.58 -17.20
CA SER H 61 -22.47 8.46 -18.27
C SER H 61 -21.55 7.71 -19.24
N GLU H 62 -21.25 8.35 -20.37
CA GLU H 62 -20.34 7.78 -21.37
C GLU H 62 -18.87 7.79 -20.97
N SER H 63 -18.46 8.80 -20.21
CA SER H 63 -17.05 9.03 -19.89
C SER H 63 -16.39 7.82 -19.25
N THR H 64 -15.11 7.63 -19.53
CA THR H 64 -14.31 6.59 -18.88
C THR H 64 -13.14 7.22 -18.12
N VAL H 65 -12.74 6.61 -17.02
CA VAL H 65 -11.56 7.05 -16.29
C VAL H 65 -10.46 6.00 -16.27
N SER H 66 -9.25 6.42 -15.94
CA SER H 66 -8.16 5.49 -15.68
C SER H 66 -7.31 5.99 -14.53
N ARG H 67 -6.70 5.04 -13.82
CA ARG H 67 -5.84 5.34 -12.68
C ARG H 67 -4.61 4.46 -12.76
N ILE H 68 -3.51 5.04 -13.20
CA ILE H 68 -2.27 4.30 -13.38
C ILE H 68 -1.28 4.73 -12.33
N ARG H 69 -1.42 5.97 -11.85
CA ARG H 69 -0.58 6.53 -10.81
C ARG H 69 -1.50 7.08 -9.73
N THR H 70 -1.10 6.94 -8.46
CA THR H 70 -1.88 7.49 -7.35
C THR H 70 -2.09 8.99 -7.57
N GLU H 71 -1.10 9.60 -8.20
CA GLU H 71 -1.06 11.04 -8.43
C GLU H 71 -2.11 11.54 -9.43
N HIS H 72 -2.49 10.70 -10.38
CA HIS H 72 -3.28 11.16 -11.52
C HIS H 72 -4.55 10.37 -11.79
N PHE H 73 -5.67 11.08 -11.91
CA PHE H 73 -6.96 10.45 -12.10
C PHE H 73 -7.73 11.06 -13.30
N PRO H 74 -7.19 10.89 -14.51
CA PRO H 74 -7.74 11.53 -15.72
C PRO H 74 -9.14 11.05 -16.10
N LEU H 75 -9.89 11.93 -16.78
CA LEU H 75 -11.22 11.61 -17.29
C LEU H 75 -11.28 11.84 -18.80
N THR H 76 -11.95 10.95 -19.51
CA THR H 76 -12.01 11.03 -20.97
C THR H 76 -13.44 10.83 -21.46
N LEU H 77 -13.80 11.58 -22.51
CA LEU H 77 -15.06 11.38 -23.23
C LEU H 77 -14.77 10.99 -24.66
N GLU H 78 -15.49 9.99 -25.14
CA GLU H 78 -15.33 9.47 -26.50
C GLU H 78 -15.65 10.53 -27.55
N SER H 79 -16.93 10.70 -27.87
CA SER H 79 -17.37 11.83 -28.67
C SER H 79 -18.06 12.82 -27.74
N ALA H 80 -17.70 14.10 -27.88
CA ALA H 80 -18.30 15.16 -27.09
C ALA H 80 -19.71 15.47 -27.59
N ARG H 81 -20.60 15.80 -26.65
CA ARG H 81 -21.99 16.14 -26.96
C ARG H 81 -22.47 17.33 -26.14
N PRO H 82 -23.34 18.18 -26.72
CA PRO H 82 -24.01 19.28 -26.04
C PRO H 82 -24.48 18.97 -24.61
N SER H 83 -24.84 17.71 -24.33
CA SER H 83 -25.34 17.31 -23.01
C SER H 83 -24.23 17.12 -21.99
N HIS H 84 -22.99 17.08 -22.46
CA HIS H 84 -21.82 16.98 -21.58
C HIS H 84 -21.42 18.36 -21.06
N THR H 85 -22.01 19.40 -21.63
CA THR H 85 -21.77 20.76 -21.20
C THR H 85 -22.20 20.88 -19.74
N SER H 86 -21.22 20.91 -18.84
CA SER H 86 -21.47 21.11 -17.42
C SER H 86 -20.16 21.34 -16.67
N GLN H 87 -20.14 21.01 -15.39
CA GLN H 87 -18.96 21.16 -14.56
C GLN H 87 -18.55 19.84 -13.92
N TYR H 88 -17.24 19.56 -13.94
CA TYR H 88 -16.71 18.29 -13.47
C TYR H 88 -15.67 18.47 -12.35
N LEU H 89 -16.02 18.04 -11.15
CA LEU H 89 -15.15 18.22 -9.99
C LEU H 89 -14.44 16.93 -9.60
N CYS H 90 -13.13 17.03 -9.40
CA CYS H 90 -12.29 15.93 -8.92
C CYS H 90 -12.17 16.02 -7.41
N ALA H 91 -12.25 14.88 -6.74
CA ALA H 91 -12.09 14.89 -5.29
C ALA H 91 -11.35 13.66 -4.79
N SER H 92 -10.76 13.78 -3.60
CA SER H 92 -10.01 12.70 -2.96
C SER H 92 -10.16 12.74 -1.45
N SER H 93 -10.14 11.57 -0.82
CA SER H 93 -10.21 11.47 0.64
C SER H 93 -9.00 10.73 1.21
N GLY H 94 -8.67 11.07 2.45
CA GLY H 94 -7.49 10.56 3.10
C GLY H 94 -7.30 11.31 4.40
N LEU H 95 -6.36 10.83 5.21
CA LEU H 95 -6.18 11.33 6.56
C LEU H 95 -5.77 12.80 6.59
N ARG H 96 -6.56 13.60 7.29
CA ARG H 96 -6.15 14.93 7.72
C ARG H 96 -5.36 14.65 8.98
N ASP H 97 -6.10 14.30 10.02
CA ASP H 97 -5.57 13.62 11.20
C ASP H 97 -6.73 13.20 12.10
N ARG H 98 -6.43 12.84 13.35
CA ARG H 98 -7.44 12.46 14.35
C ARG H 98 -8.04 11.08 14.08
N GLY H 99 -8.82 10.96 13.00
CA GLY H 99 -9.46 9.69 12.67
C GLY H 99 -10.20 9.61 11.35
N LEU H 100 -11.30 10.36 11.24
CA LEU H 100 -12.25 10.17 10.13
C LEU H 100 -11.84 10.90 8.85
N TYR H 101 -11.92 10.17 7.74
CA TYR H 101 -11.35 10.58 6.46
C TYR H 101 -12.13 11.68 5.75
N GLU H 102 -11.63 12.91 5.91
CA GLU H 102 -12.24 14.08 5.30
C GLU H 102 -12.12 14.00 3.76
N GLN H 103 -13.01 14.70 3.05
CA GLN H 103 -13.00 14.69 1.58
C GLN H 103 -12.56 16.04 1.05
N TYR H 104 -11.65 16.02 0.08
CA TYR H 104 -11.03 17.23 -0.46
C TYR H 104 -11.26 17.33 -1.96
N PHE H 105 -11.77 18.48 -2.39
CA PHE H 105 -12.20 18.69 -3.77
C PHE H 105 -11.26 19.58 -4.55
N GLY H 106 -11.07 19.24 -5.82
CA GLY H 106 -10.39 20.14 -6.76
C GLY H 106 -11.23 21.36 -7.08
N PRO H 107 -10.67 22.31 -7.85
CA PRO H 107 -11.45 23.49 -8.22
C PRO H 107 -12.48 23.20 -9.32
N GLY H 108 -12.24 22.18 -10.13
CA GLY H 108 -13.20 21.82 -11.17
C GLY H 108 -12.87 22.33 -12.56
N THR H 109 -13.49 21.71 -13.55
CA THR H 109 -13.35 22.10 -14.95
C THR H 109 -14.75 22.36 -15.47
N ARG H 110 -14.99 23.59 -15.90
CA ARG H 110 -16.27 23.95 -16.49
C ARG H 110 -16.25 23.72 -17.99
N LEU H 111 -16.94 22.68 -18.45
CA LEU H 111 -16.96 22.30 -19.86
C LEU H 111 -18.07 22.99 -20.65
N THR H 112 -17.83 23.21 -21.94
CA THR H 112 -18.86 23.62 -22.90
C THR H 112 -18.63 22.90 -24.22
N VAL H 113 -19.66 22.22 -24.71
CA VAL H 113 -19.61 21.57 -26.02
C VAL H 113 -20.55 22.28 -26.99
N THR H 114 -19.99 22.95 -27.98
CA THR H 114 -20.78 23.76 -28.92
C THR H 114 -20.96 23.09 -30.28
N GLU H 115 -22.12 23.36 -30.89
CA GLU H 115 -22.49 22.82 -32.21
C GLU H 115 -21.45 23.20 -33.25
N ASP H 116 -21.21 24.51 -33.35
CA ASP H 116 -20.19 25.05 -34.24
C ASP H 116 -19.21 25.91 -33.44
N LEU H 117 -17.94 25.86 -33.81
CA LEU H 117 -16.93 26.68 -33.15
C LEU H 117 -17.00 28.14 -33.62
N LYS H 118 -17.70 28.37 -34.73
CA LYS H 118 -18.03 29.72 -35.20
C LYS H 118 -18.79 30.53 -34.13
N ASN H 119 -19.29 29.84 -33.12
CA ASN H 119 -19.92 30.47 -31.96
C ASN H 119 -18.92 31.14 -31.02
N VAL H 120 -17.69 30.65 -30.99
CA VAL H 120 -16.68 31.11 -30.05
C VAL H 120 -16.13 32.48 -30.41
N PHE H 121 -16.16 33.39 -29.44
CA PHE H 121 -15.76 34.79 -29.62
C PHE H 121 -15.03 35.30 -28.40
N PRO H 122 -13.88 35.95 -28.60
CA PRO H 122 -13.16 36.53 -27.46
C PRO H 122 -13.95 37.73 -26.95
N PRO H 123 -13.59 38.24 -25.75
CA PRO H 123 -14.24 39.45 -25.29
C PRO H 123 -13.64 40.71 -25.92
N GLU H 124 -14.35 41.83 -25.82
CA GLU H 124 -13.76 43.15 -25.99
C GLU H 124 -13.74 43.85 -24.63
N VAL H 125 -12.60 44.45 -24.28
CA VAL H 125 -12.47 45.06 -22.96
C VAL H 125 -12.36 46.57 -23.08
N ALA H 126 -13.12 47.28 -22.24
CA ALA H 126 -13.05 48.74 -22.13
C ALA H 126 -12.96 49.15 -20.67
N VAL H 127 -12.35 50.32 -20.44
CA VAL H 127 -12.21 50.87 -19.09
C VAL H 127 -12.79 52.26 -19.04
N PHE H 128 -13.76 52.46 -18.17
CA PHE H 128 -14.42 53.74 -18.04
C PHE H 128 -13.93 54.48 -16.80
N GLU H 129 -13.35 55.65 -17.06
CA GLU H 129 -12.77 56.50 -16.02
C GLU H 129 -13.84 57.06 -15.10
N PRO H 130 -13.47 57.35 -13.83
CA PRO H 130 -14.43 57.76 -12.80
C PRO H 130 -15.13 59.08 -13.11
N SER H 131 -16.28 59.29 -12.48
CA SER H 131 -17.05 60.51 -12.67
C SER H 131 -16.47 61.66 -11.85
N GLU H 132 -16.47 62.86 -12.45
CA GLU H 132 -16.04 64.06 -11.75
C GLU H 132 -16.97 64.36 -10.56
N ALA H 133 -18.26 64.10 -10.73
CA ALA H 133 -19.24 64.30 -9.69
C ALA H 133 -18.99 63.41 -8.46
N GLU H 134 -18.63 62.16 -8.72
CA GLU H 134 -18.30 61.19 -7.66
C GLU H 134 -17.14 61.67 -6.80
N ILE H 135 -16.13 62.24 -7.46
CA ILE H 135 -14.92 62.71 -6.80
C ILE H 135 -15.16 63.90 -5.87
N SER H 136 -16.22 64.67 -6.14
CA SER H 136 -16.56 65.80 -5.29
C SER H 136 -17.50 65.40 -4.15
N HIS H 137 -18.52 64.63 -4.49
CA HIS H 137 -19.57 64.24 -3.55
C HIS H 137 -19.07 63.31 -2.44
N THR H 138 -18.13 62.42 -2.78
CA THR H 138 -17.69 61.36 -1.87
C THR H 138 -16.17 61.28 -1.65
N GLN H 139 -15.42 62.14 -2.34
CA GLN H 139 -13.94 62.07 -2.45
C GLN H 139 -13.37 60.64 -2.62
N LYS H 140 -14.06 59.88 -3.46
CA LYS H 140 -13.62 58.58 -3.93
C LYS H 140 -13.85 58.55 -5.44
N ALA H 141 -13.23 57.59 -6.13
CA ALA H 141 -13.36 57.49 -7.57
C ALA H 141 -13.43 56.02 -7.97
N THR H 142 -14.43 55.69 -8.77
CA THR H 142 -14.67 54.32 -9.21
C THR H 142 -14.41 54.19 -10.70
N LEU H 143 -13.50 53.28 -11.06
CA LEU H 143 -13.30 52.91 -12.45
C LEU H 143 -14.16 51.71 -12.78
N VAL H 144 -14.75 51.70 -13.96
CA VAL H 144 -15.63 50.61 -14.35
C VAL H 144 -15.08 49.90 -15.58
N CYS H 145 -15.08 48.57 -15.54
CA CYS H 145 -14.60 47.76 -16.64
C CYS H 145 -15.74 46.96 -17.28
N LEU H 146 -15.76 46.95 -18.60
CA LEU H 146 -16.76 46.21 -19.38
C LEU H 146 -16.09 45.24 -20.33
N ALA H 147 -16.44 43.97 -20.22
CA ALA H 147 -15.94 42.95 -21.12
C ALA H 147 -17.11 42.38 -21.92
N THR H 148 -17.31 42.90 -23.14
CA THR H 148 -18.50 42.59 -23.93
C THR H 148 -18.28 41.57 -25.03
N GLY H 149 -19.32 40.77 -25.29
CA GLY H 149 -19.39 39.89 -26.45
C GLY H 149 -18.44 38.71 -26.52
N PHE H 150 -18.33 37.96 -25.43
CA PHE H 150 -17.56 36.70 -25.46
C PHE H 150 -18.47 35.47 -25.40
N TYR H 151 -18.09 34.44 -26.16
CA TYR H 151 -18.71 33.12 -26.05
C TYR H 151 -17.66 32.03 -26.16
N PRO H 152 -17.66 31.06 -25.21
CA PRO H 152 -18.63 30.93 -24.13
C PRO H 152 -18.26 31.71 -22.87
N ASP H 153 -19.02 31.50 -21.80
CA ASP H 153 -18.79 32.19 -20.53
C ASP H 153 -17.51 31.72 -19.83
N HIS H 154 -16.40 31.73 -20.56
CA HIS H 154 -15.11 31.30 -20.02
C HIS H 154 -14.15 32.50 -19.89
N VAL H 155 -14.19 33.13 -18.73
CA VAL H 155 -13.55 34.43 -18.52
C VAL H 155 -13.10 34.61 -17.07
N GLU H 156 -11.95 35.25 -16.90
CA GLU H 156 -11.44 35.63 -15.59
C GLU H 156 -10.99 37.08 -15.59
N LEU H 157 -11.70 37.92 -14.84
CA LEU H 157 -11.38 39.34 -14.82
C LEU H 157 -10.53 39.70 -13.61
N SER H 158 -9.55 40.57 -13.85
CA SER H 158 -8.52 40.90 -12.90
C SER H 158 -8.12 42.36 -13.07
N TRP H 159 -7.91 43.04 -11.95
CA TRP H 159 -7.51 44.44 -11.92
C TRP H 159 -6.05 44.57 -11.58
N TRP H 160 -5.34 45.42 -12.32
CA TRP H 160 -3.93 45.66 -12.09
C TRP H 160 -3.64 47.15 -11.88
N VAL H 161 -3.22 47.49 -10.66
CA VAL H 161 -2.83 48.86 -10.32
C VAL H 161 -1.32 48.94 -10.13
N ASN H 162 -0.68 49.81 -10.94
CA ASN H 162 0.77 49.96 -10.95
C ASN H 162 1.54 48.64 -11.13
N GLY H 163 1.10 47.86 -12.12
CA GLY H 163 1.74 46.59 -12.47
C GLY H 163 1.55 45.49 -11.45
N LYS H 164 0.58 45.66 -10.56
CA LYS H 164 0.33 44.74 -9.46
C LYS H 164 -1.17 44.43 -9.31
N GLU H 165 -1.51 43.15 -9.18
CA GLU H 165 -2.91 42.75 -9.04
C GLU H 165 -3.46 43.15 -7.69
N VAL H 166 -4.71 43.62 -7.70
CA VAL H 166 -5.37 44.14 -6.52
C VAL H 166 -6.70 43.44 -6.28
N HIS H 167 -7.11 43.38 -5.01
CA HIS H 167 -8.39 42.79 -4.64
C HIS H 167 -9.26 43.71 -3.77
N SER H 168 -8.63 44.62 -3.03
CA SER H 168 -9.34 45.62 -2.23
C SER H 168 -9.99 46.68 -3.11
N GLY H 169 -11.32 46.77 -3.02
CA GLY H 169 -12.09 47.77 -3.76
C GLY H 169 -12.52 47.26 -5.12
N VAL H 170 -12.58 45.94 -5.27
CA VAL H 170 -12.94 45.32 -6.55
C VAL H 170 -14.29 44.65 -6.44
N CYS H 171 -15.02 44.63 -7.56
CA CYS H 171 -16.32 43.97 -7.66
C CYS H 171 -16.53 43.45 -9.06
N THR H 172 -16.38 42.14 -9.23
CA THR H 172 -16.68 41.49 -10.49
C THR H 172 -18.02 40.77 -10.34
N ASP H 173 -18.88 40.90 -11.35
CA ASP H 173 -20.21 40.27 -11.33
C ASP H 173 -20.09 38.76 -11.19
N PRO H 174 -20.91 38.18 -10.31
CA PRO H 174 -20.90 36.74 -10.10
C PRO H 174 -21.46 36.01 -11.30
N GLN H 175 -22.36 36.67 -12.02
CA GLN H 175 -23.01 36.12 -13.21
C GLN H 175 -22.94 37.14 -14.34
N PRO H 176 -22.74 36.67 -15.59
CA PRO H 176 -22.77 37.55 -16.76
C PRO H 176 -24.18 37.86 -17.25
N LEU H 177 -24.30 38.85 -18.12
CA LEU H 177 -25.54 39.16 -18.82
C LEU H 177 -25.50 38.52 -20.19
N LYS H 178 -26.64 38.04 -20.66
CA LYS H 178 -26.77 37.59 -22.04
C LYS H 178 -26.91 38.81 -22.95
N GLU H 179 -25.97 38.97 -23.88
CA GLU H 179 -25.99 40.07 -24.86
C GLU H 179 -27.35 40.14 -25.56
N GLN H 180 -27.87 38.97 -25.91
CA GLN H 180 -29.21 38.87 -26.45
C GLN H 180 -29.86 37.54 -26.06
N PRO H 181 -30.62 37.54 -24.95
CA PRO H 181 -31.39 36.36 -24.58
C PRO H 181 -32.53 36.15 -25.56
N ALA H 182 -33.00 34.90 -25.65
CA ALA H 182 -33.96 34.44 -26.68
C ALA H 182 -33.24 33.82 -27.86
N LEU H 183 -32.14 34.45 -28.27
CA LEU H 183 -31.19 33.84 -29.18
C LEU H 183 -30.48 32.71 -28.42
N ASN H 184 -30.39 31.54 -29.03
CA ASN H 184 -29.94 30.32 -28.35
C ASN H 184 -28.48 30.32 -27.90
N ASP H 185 -27.56 30.62 -28.82
CA ASP H 185 -26.14 30.72 -28.50
C ASP H 185 -25.72 32.18 -28.43
N SER H 186 -26.24 32.89 -27.43
CA SER H 186 -25.97 34.32 -27.29
C SER H 186 -24.58 34.59 -26.74
N ARG H 187 -24.05 35.76 -27.05
CA ARG H 187 -22.77 36.23 -26.50
C ARG H 187 -22.99 36.75 -25.08
N TYR H 188 -21.92 36.83 -24.29
CA TYR H 188 -22.00 37.24 -22.90
C TYR H 188 -21.29 38.54 -22.62
N ALA H 189 -21.82 39.32 -21.69
CA ALA H 189 -21.14 40.51 -21.19
C ALA H 189 -21.01 40.44 -19.68
N LEU H 190 -19.95 41.05 -19.16
CA LEU H 190 -19.63 41.03 -17.73
C LEU H 190 -18.99 42.35 -17.32
N SER H 191 -19.26 42.80 -16.10
CA SER H 191 -18.74 44.09 -15.66
C SER H 191 -18.07 44.04 -14.29
N SER H 192 -17.13 44.97 -14.08
CA SER H 192 -16.38 45.06 -12.83
C SER H 192 -16.12 46.52 -12.44
N ARG H 193 -16.14 46.79 -11.13
CA ARG H 193 -15.78 48.10 -10.61
C ARG H 193 -14.49 48.02 -9.83
N LEU H 194 -13.74 49.11 -9.85
CA LEU H 194 -12.61 49.30 -8.96
C LEU H 194 -12.73 50.68 -8.32
N ARG H 195 -12.75 50.72 -6.99
CA ARG H 195 -12.94 51.98 -6.27
C ARG H 195 -11.69 52.32 -5.49
N VAL H 196 -11.21 53.56 -5.65
CA VAL H 196 -10.03 54.03 -4.94
C VAL H 196 -10.26 55.42 -4.39
N SER H 197 -9.42 55.82 -3.45
CA SER H 197 -9.46 57.16 -2.88
C SER H 197 -9.18 58.17 -3.97
N ALA H 198 -10.02 59.20 -4.08
CA ALA H 198 -9.85 60.24 -5.09
C ALA H 198 -8.44 60.85 -5.11
N THR H 199 -7.76 60.79 -3.97
CA THR H 199 -6.36 61.18 -3.89
C THR H 199 -5.46 60.15 -4.58
N PHE H 200 -5.77 58.87 -4.38
CA PHE H 200 -5.00 57.76 -4.97
C PHE H 200 -5.23 57.60 -6.47
N TRP H 201 -6.08 58.47 -7.03
CA TRP H 201 -6.47 58.42 -8.43
C TRP H 201 -5.95 59.62 -9.22
N GLN H 202 -6.08 60.81 -8.64
CA GLN H 202 -5.70 62.04 -9.31
C GLN H 202 -4.19 62.18 -9.50
N ASN H 203 -3.43 61.19 -9.05
CA ASN H 203 -1.99 61.18 -9.24
C ASN H 203 -1.62 60.47 -10.55
N PRO H 204 -1.17 61.24 -11.57
CA PRO H 204 -0.84 60.69 -12.90
C PRO H 204 0.35 59.75 -12.91
N ARG H 205 0.83 59.36 -11.72
CA ARG H 205 1.79 58.28 -11.55
C ARG H 205 1.05 56.95 -11.57
N ASN H 206 -0.10 56.91 -10.90
CA ASN H 206 -0.90 55.69 -10.78
C ASN H 206 -1.43 55.23 -12.13
N HIS H 207 -1.15 53.97 -12.45
CA HIS H 207 -1.60 53.34 -13.68
C HIS H 207 -2.61 52.25 -13.36
N PHE H 208 -3.72 52.25 -14.08
CA PHE H 208 -4.84 51.33 -13.85
C PHE H 208 -5.15 50.51 -15.10
N ARG H 209 -5.46 49.23 -14.92
CA ARG H 209 -5.61 48.31 -16.04
C ARG H 209 -6.56 47.13 -15.79
N CYS H 210 -7.59 47.01 -16.61
CA CYS H 210 -8.52 45.88 -16.55
C CYS H 210 -8.10 44.79 -17.52
N GLN H 211 -7.99 43.56 -17.00
CA GLN H 211 -7.47 42.41 -17.75
C GLN H 211 -8.45 41.23 -17.73
N VAL H 212 -8.71 40.66 -18.90
CA VAL H 212 -9.64 39.53 -19.01
C VAL H 212 -8.97 38.33 -19.67
N GLN H 213 -8.75 37.29 -18.89
CA GLN H 213 -8.31 36.01 -19.45
C GLN H 213 -9.51 35.35 -20.12
N PHE H 214 -9.32 34.91 -21.36
CA PHE H 214 -10.37 34.24 -22.10
C PHE H 214 -9.90 32.84 -22.49
N TYR H 215 -10.73 31.85 -22.21
CA TYR H 215 -10.39 30.47 -22.53
C TYR H 215 -11.21 30.05 -23.73
N GLY H 216 -10.51 29.92 -24.85
CA GLY H 216 -11.13 29.57 -26.14
C GLY H 216 -10.49 28.35 -26.76
N LEU H 217 -9.95 28.53 -27.96
CA LEU H 217 -9.43 27.41 -28.74
C LEU H 217 -7.92 27.27 -28.65
N SER H 218 -7.43 26.09 -28.99
CA SER H 218 -5.99 25.80 -28.96
C SER H 218 -5.42 25.87 -30.36
N GLU H 219 -4.11 26.05 -30.46
CA GLU H 219 -3.41 26.07 -31.76
C GLU H 219 -3.45 24.70 -32.46
N ASN H 220 -4.34 23.84 -31.96
CA ASN H 220 -4.61 22.52 -32.53
C ASN H 220 -5.90 22.51 -33.37
N ASP H 221 -6.84 23.37 -33.00
CA ASP H 221 -8.21 23.31 -33.54
C ASP H 221 -8.42 24.01 -34.88
N GLU H 222 -9.28 23.40 -35.71
CA GLU H 222 -9.57 23.85 -37.07
C GLU H 222 -10.30 25.19 -37.09
N TRP H 223 -9.93 26.05 -38.04
CA TRP H 223 -10.57 27.34 -38.21
C TRP H 223 -10.60 27.80 -39.67
N THR H 224 -11.76 27.65 -40.31
CA THR H 224 -11.92 28.06 -41.72
C THR H 224 -12.76 29.33 -41.89
N GLN H 225 -13.26 29.87 -40.78
CA GLN H 225 -14.04 31.12 -40.81
C GLN H 225 -13.12 32.30 -41.13
N ASP H 226 -13.70 33.35 -41.68
CA ASP H 226 -12.97 34.44 -42.34
C ASP H 226 -12.16 35.36 -41.40
N ARG H 227 -12.58 35.45 -40.15
CA ARG H 227 -11.92 36.32 -39.17
C ARG H 227 -10.71 35.67 -38.51
N ALA H 228 -10.32 36.22 -37.36
CA ALA H 228 -9.14 35.74 -36.61
C ALA H 228 -9.55 34.71 -35.57
N LYS H 229 -8.78 33.64 -35.45
CA LYS H 229 -9.15 32.51 -34.58
C LYS H 229 -9.24 32.94 -33.11
N PRO H 230 -10.39 32.63 -32.47
CA PRO H 230 -10.64 33.03 -31.07
C PRO H 230 -9.89 32.15 -30.08
N VAL H 231 -8.56 32.24 -30.11
CA VAL H 231 -7.70 31.42 -29.26
C VAL H 231 -7.73 31.87 -27.80
N THR H 232 -7.24 31.01 -26.91
CA THR H 232 -7.05 31.40 -25.51
C THR H 232 -6.15 32.64 -25.52
N GLN H 233 -6.54 33.64 -24.75
CA GLN H 233 -5.83 34.92 -24.76
C GLN H 233 -6.23 35.81 -23.59
N ILE H 234 -5.40 36.82 -23.35
CA ILE H 234 -5.71 37.92 -22.46
C ILE H 234 -6.19 39.08 -23.33
N VAL H 235 -7.27 39.72 -22.94
CA VAL H 235 -7.69 40.96 -23.57
C VAL H 235 -7.71 42.01 -22.47
N SER H 236 -7.06 43.15 -22.73
CA SER H 236 -6.89 44.17 -21.72
C SER H 236 -7.15 45.57 -22.24
N ALA H 237 -7.76 46.38 -21.39
CA ALA H 237 -7.79 47.82 -21.57
C ALA H 237 -7.21 48.47 -20.32
N GLU H 238 -6.78 49.73 -20.45
CA GLU H 238 -6.10 50.43 -19.36
C GLU H 238 -6.37 51.94 -19.35
N ALA H 239 -5.95 52.60 -18.27
CA ALA H 239 -6.09 54.05 -18.11
C ALA H 239 -5.10 54.62 -17.08
N TRP H 240 -4.58 55.82 -17.36
CA TRP H 240 -3.69 56.52 -16.44
C TRP H 240 -4.44 57.54 -15.61
N GLY H 241 -3.89 57.88 -14.44
CA GLY H 241 -4.50 58.86 -13.53
C GLY H 241 -4.65 60.26 -14.11
N ARG H 242 -5.88 60.75 -14.11
CA ARG H 242 -6.22 62.04 -14.70
C ARG H 242 -5.75 63.21 -13.82
N ALA H 243 -5.41 64.32 -14.46
CA ALA H 243 -4.91 65.52 -13.77
C ALA H 243 -5.94 66.05 -12.76
N ASP H 244 -6.97 66.74 -13.26
CA ASP H 244 -8.17 67.12 -12.50
C ASP H 244 -7.95 68.03 -11.27
C1 NAG I . 27.23 -20.61 -10.06
C2 NAG I . 27.01 -19.35 -9.21
C3 NAG I . 26.85 -19.62 -7.71
C4 NAG I . 26.35 -21.03 -7.31
C5 NAG I . 26.63 -22.11 -8.37
C6 NAG I . 25.82 -23.38 -8.11
C7 NAG I . 28.13 -17.16 -9.01
C8 NAG I . 29.41 -16.73 -8.29
N2 NAG I . 28.10 -18.40 -9.47
O3 NAG I . 25.97 -18.65 -7.19
O4 NAG I . 26.96 -21.40 -6.09
O5 NAG I . 26.33 -21.62 -9.66
O6 NAG I . 25.98 -24.28 -9.18
O7 NAG I . 27.16 -16.36 -9.14
C1 BMA I . 26.05 -21.26 -4.97
C2 BMA I . 26.33 -22.37 -3.95
C3 BMA I . 25.57 -22.17 -2.63
C4 BMA I . 25.61 -20.71 -2.16
C5 BMA I . 25.18 -19.80 -3.30
C6 BMA I . 25.09 -18.32 -2.91
O2 BMA I . 27.72 -22.45 -3.69
O3 BMA I . 26.07 -23.02 -1.62
O4 BMA I . 24.77 -20.55 -1.04
O5 BMA I . 26.10 -19.97 -4.38
O6 BMA I . 26.37 -17.77 -2.71
C1 NAG J . -25.41 -16.19 -10.31
C2 NAG J . -26.06 -16.16 -11.69
C3 NAG J . -27.48 -16.74 -11.68
C4 NAG J . -27.52 -18.11 -10.97
C5 NAG J . -26.84 -17.97 -9.59
C6 NAG J . -26.83 -19.26 -8.76
C7 NAG J . -25.33 -14.38 -13.21
C8 NAG J . -25.49 -12.94 -13.63
N2 NAG J . -26.12 -14.80 -12.23
O3 NAG J . -27.93 -16.84 -13.01
O4 NAG J . -28.86 -18.57 -10.87
O5 NAG J . -25.51 -17.50 -9.77
O6 NAG J . -26.04 -20.26 -9.37
O7 NAG J . -24.49 -15.09 -13.76
C1 NAG J . -29.06 -19.73 -11.69
C2 NAG J . -30.14 -20.64 -11.09
C3 NAG J . -30.97 -21.43 -12.13
C4 NAG J . -30.27 -21.66 -13.48
C5 NAG J . -29.32 -20.54 -13.92
C6 NAG J . -29.61 -20.11 -15.35
C7 NAG J . -29.67 -21.49 -8.82
C8 NAG J . -28.76 -22.37 -8.02
N2 NAG J . -29.52 -21.57 -10.15
O3 NAG J . -32.21 -20.77 -12.35
O4 NAG J . -29.58 -22.89 -13.46
O5 NAG J . -29.39 -19.42 -13.04
O6 NAG J . -29.12 -18.81 -15.61
O7 NAG J . -30.49 -20.75 -8.27
C1 NAG K . 23.49 -18.85 -14.83
C2 NAG K . 23.63 -20.00 -13.82
C3 NAG K . 23.87 -19.39 -12.44
C4 NAG K . 25.09 -18.48 -12.45
C5 NAG K . 25.05 -17.46 -13.61
C6 NAG K . 26.38 -16.75 -13.85
C7 NAG K . 22.47 -22.16 -13.56
C8 NAG K . 22.04 -22.61 -12.18
N2 NAG K . 22.46 -20.84 -13.82
O3 NAG K . 24.03 -20.37 -11.44
O4 NAG K . 25.13 -17.82 -11.20
O5 NAG K . 24.70 -18.10 -14.83
O6 NAG K . 27.35 -17.04 -12.84
O7 NAG K . 22.79 -22.98 -14.40
C1 NAG L . 15.99 -26.46 -7.37
C2 NAG L . 16.19 -27.64 -6.41
C3 NAG L . 17.09 -28.73 -7.00
C4 NAG L . 16.61 -29.13 -8.40
C5 NAG L . 16.43 -27.90 -9.30
C6 NAG L . 15.76 -28.35 -10.61
C7 NAG L . 16.01 -27.11 -4.03
C8 NAG L . 16.25 -25.92 -3.15
N2 NAG L . 16.74 -27.20 -5.13
O3 NAG L . 17.05 -29.86 -6.16
O4 NAG L . 17.52 -30.04 -8.99
O5 NAG L . 15.61 -26.92 -8.66
O6 NAG L . 15.47 -27.25 -11.47
O7 NAG L . 15.16 -27.95 -3.72
C1 AGH M . 21.14 -2.36 -11.24
C2 AGH M . 19.80 -2.89 -11.79
C3 AGH M . 18.69 -2.84 -10.74
C4 AGH M . 17.53 -3.81 -10.98
C5 AGH M . 16.34 -3.13 -11.64
C6 AGH M . 15.45 -4.13 -12.37
O3 AGH M . 19.22 -3.17 -9.45
C18 AGH M . 8.36 -11.96 -8.80
C17 AGH M . 7.99 -10.51 -9.03
C16 AGH M . 8.81 -9.91 -10.15
C15 AGH M . 8.37 -8.47 -10.39
C14 AGH M . 8.76 -8.02 -11.79
C13 AGH M . 9.66 -6.80 -11.71
C12 AGH M . 10.89 -7.00 -12.57
C11 AGH M . 10.94 -5.99 -13.70
C10 AGH M . 12.33 -5.98 -14.32
C9 AGH M . 13.04 -4.65 -14.07
C8 AGH M . 14.46 -4.74 -14.62
C7 AGH M . 15.46 -3.87 -13.87
O4 AGH M . 18.00 -4.95 -11.74
O1A AGH M . 20.96 -1.08 -10.62
C1A AGH M . 21.81 -0.82 -9.50
O6A AGH M . 23.15 -0.50 -9.92
C5M AGH M . 23.27 0.62 -10.83
C6A AGH M . 24.73 0.85 -11.20
O5A AGH M . 25.17 -0.10 -12.17
C4A AGH M . 22.66 1.88 -10.21
O4A AGH M . 23.52 2.37 -9.19
C3A AGH M . 21.26 1.59 -9.66
O3A AGH M . 20.73 2.71 -8.95
C2A AGH M . 21.24 0.36 -8.76
O2A AGH M . 19.89 0.11 -8.42
N2 AGH M . 19.42 -2.02 -12.91
CAA AGH M . 19.90 -2.15 -14.15
OAA AGH M . 20.72 -2.99 -14.47
CAB AGH M . 19.39 -1.16 -15.17
CAC AGH M . 19.77 -1.59 -16.59
CAD AGH M . 18.52 -1.94 -17.39
CAE AGH M . 18.85 -2.81 -18.59
CAF AGH M . 17.59 -3.11 -19.41
CAG AGH M . 17.66 -4.50 -20.03
CAH AGH M . 17.11 -4.47 -21.45
CAI AGH M . 16.35 -5.75 -21.78
CAJ AGH M . 17.11 -6.60 -22.79
CAK AGH M . 17.23 -8.06 -22.33
CAL AGH M . 18.30 -8.83 -23.11
CAM AGH M . 18.00 -8.91 -24.60
CAN AGH M . 18.95 -9.83 -25.37
CAO AGH M . 20.23 -9.12 -25.81
CAP AGH M . 20.04 -8.34 -27.11
CAQ AGH M . 21.40 -8.04 -27.73
CAR AGH M . 21.30 -6.89 -28.72
CAS AGH M . 21.63 -5.57 -28.03
CAT AGH M . 20.46 -4.62 -28.15
CAU AGH M . 20.71 -3.34 -27.36
CAV AGH M . 19.94 -2.15 -27.91
CAW AGH M . 18.51 -2.07 -27.36
CAX AGH M . 18.48 -1.81 -25.86
CAY AGH M . 17.75 -2.92 -25.11
CAZ AGH M . 16.39 -2.46 -24.62
C1 NAG N . -30.61 -14.10 0.99
C2 NAG N . -31.13 -13.91 -0.44
C3 NAG N . -30.95 -12.46 -0.89
C4 NAG N . -31.72 -11.57 0.08
C5 NAG N . -31.14 -11.78 1.49
C6 NAG N . -31.93 -11.01 2.55
C7 NAG N . -31.05 -15.78 -1.99
C8 NAG N . -31.88 -15.45 -3.21
N2 NAG N . -30.44 -14.78 -1.37
O3 NAG N . -31.41 -12.26 -2.21
O4 NAG N . -31.65 -10.23 -0.36
O5 NAG N . -31.19 -13.14 1.87
O6 NAG N . -31.99 -9.64 2.23
O7 NAG N . -30.93 -16.95 -1.62
C1 AGH O . -21.59 -1.64 9.44
C2 AGH O . -20.67 -2.87 9.50
C3 AGH O . -19.37 -2.66 8.69
C4 AGH O . -18.41 -3.86 8.45
C5 AGH O . -18.09 -4.74 9.66
C6 AGH O . -17.94 -6.20 9.25
O3 AGH O . -19.72 -2.14 7.38
C18 AGH O . -13.33 -11.43 -0.23
C17 AGH O . -13.13 -10.08 0.38
C16 AGH O . -12.35 -10.18 1.68
C15 AGH O . -13.28 -10.19 2.89
C14 AGH O . -12.49 -9.82 4.14
C13 AGH O . -13.28 -8.82 4.99
C12 AGH O . -14.28 -9.54 5.88
C11 AGH O . -13.86 -9.42 7.34
C10 AGH O . -15.06 -9.56 8.26
C9 AGH O . -15.62 -8.19 8.62
C8 AGH O . -16.68 -8.33 9.71
C7 AGH O . -17.07 -6.97 10.25
O4 AGH O . -18.89 -4.70 7.40
O1A AGH O . -21.14 -0.53 10.24
C1A AGH O . -21.67 0.73 9.79
O6A AGH O . -22.89 1.12 10.46
C5M AGH O . -22.80 1.46 11.86
C6A AGH O . -24.13 2.05 12.31
O5A AGH O . -24.91 1.09 13.00
C4A AGH O . -21.68 2.46 12.16
O4A AGH O . -22.11 3.75 11.74
C3A AGH O . -20.38 2.09 11.45
O3A AGH O . -19.44 3.16 11.62
C2A AGH O . -20.64 1.84 9.98
O2A AGH O . -19.43 1.46 9.34
N2 AGH O . -20.32 -3.02 10.91
CAA AGH O . -21.11 -3.57 11.84
OAA AGH O . -22.23 -4.00 11.64
CAB AGH O . -20.51 -3.63 13.24
CAC AGH O . -21.12 -4.75 14.07
CAD AGH O . -20.28 -6.02 13.98
CAE AGH O . -21.01 -7.18 14.65
CAF AGH O . -20.16 -8.44 14.64
CAG AGH O . -21.01 -9.67 14.36
CAH AGH O . -20.42 -10.89 15.05
CAI AGH O . -20.28 -12.05 14.07
CAJ AGH O . -21.33 -13.12 14.35
CAK AGH O . -21.37 -14.14 13.22
CAL AGH O . -22.77 -14.70 12.98
CAM AGH O . -23.14 -15.75 14.02
CAN AGH O . -24.65 -15.93 14.11
CAO AGH O . -25.18 -15.38 15.43
CAP AGH O . -25.67 -16.50 16.35
CAQ AGH O . -26.42 -15.94 17.56
CAR AGH O . -25.65 -16.15 18.85
CAS AGH O . -26.12 -15.18 19.92
CAT AGH O . -24.99 -14.83 20.90
CAU AGH O . -24.37 -13.47 20.58
CAV AGH O . -23.26 -13.11 21.55
CAW AGH O . -21.90 -13.62 21.06
CAX AGH O . -21.00 -12.46 20.63
CAY AGH O . -21.01 -12.28 19.11
CAZ AGH O . -19.60 -12.26 18.55
#